data_8JQ6
#
_entry.id   8JQ6
#
_cell.length_a   89.934
_cell.length_b   140.057
_cell.length_c   147.470
_cell.angle_alpha   90.00
_cell.angle_beta   90.00
_cell.angle_gamma   90.00
#
_symmetry.space_group_name_H-M   'P 21 21 21'
#
loop_
_entity.id
_entity.type
_entity.pdbx_description
1 polymer 'L-rhamnose isomerase'
2 non-polymer 'MANGANESE (II) ION'
3 non-polymer beta-D-allopyranose
4 non-polymer alpha-D-allopyranose
5 water water
#
_entity_poly.entity_id   1
_entity_poly.type   'polypeptide(L)'
_entity_poly.pdbx_seq_one_letter_code
;MVKPEEVDKAYEVAKQRYAEIGVDTDAAMKELEKVPLSVHCWQGDDIHGFLFPNQELTGGIGVSGNYPGIARTPDELAGD
MHEALSLIPGKHRVQLHAIYAVTDKKRDLDTLEPEDFDYWIDWAKQEGVGLDFNGTFFSHPMVKDNMTVSSPDPKVRDFW
IRHGKISREISNYIGEKLGSQVVNNFWLPDGFKDNPIDKKTPRLRLLKALDEIIKDPLPEKNTIESFEGKLFGTGIESYT
TGSHEFYQNYAISRNKLWTIDAGHFHPTEDVSDKFSAFFPFGKGLFMHVSRPVRWDSDHVVIMDDALIRITRSLVRDGYL
DRTHIGLDFFDATINRVAAWVVGARATQKSLLQAMLAPIDQLKKDELNADFTTRLIETEELKSFPFGAVWDKFCQDHNTP
VGFDWMNNIHQYEKDVQFKRDAKLVHGSHHHHHH
;
_entity_poly.pdbx_strand_id   A,B,C,D
#
loop_
_chem_comp.id
_chem_comp.type
_chem_comp.name
_chem_comp.formula
AFD D-saccharide, alpha linking alpha-D-allopyranose 'C6 H12 O6'
ALL D-saccharide, beta linking beta-D-allopyranose 'C6 H12 O6'
MN non-polymer 'MANGANESE (II) ION' 'Mn 2'
#
# COMPACT_ATOMS: atom_id res chain seq x y z
N MET A 1 -34.59 -24.48 -11.85
CA MET A 1 -35.19 -23.24 -11.31
C MET A 1 -35.39 -23.39 -9.80
N VAL A 2 -35.20 -22.31 -9.05
CA VAL A 2 -35.48 -22.29 -7.59
C VAL A 2 -36.99 -22.38 -7.40
N LYS A 3 -37.43 -23.27 -6.54
CA LYS A 3 -38.87 -23.44 -6.22
C LYS A 3 -39.28 -22.32 -5.29
N PRO A 4 -40.31 -21.52 -5.64
CA PRO A 4 -40.79 -20.46 -4.76
C PRO A 4 -41.11 -20.99 -3.34
N GLU A 5 -41.49 -22.26 -3.22
CA GLU A 5 -41.82 -22.88 -1.90
C GLU A 5 -40.56 -22.98 -1.03
N GLU A 6 -39.41 -23.27 -1.65
CA GLU A 6 -38.09 -23.36 -0.98
C GLU A 6 -37.76 -21.97 -0.43
N VAL A 7 -37.97 -20.94 -1.24
CA VAL A 7 -37.71 -19.53 -0.84
C VAL A 7 -38.59 -19.21 0.38
N ASP A 8 -39.88 -19.49 0.31
CA ASP A 8 -40.86 -19.19 1.39
C ASP A 8 -40.44 -19.93 2.67
N LYS A 9 -40.10 -21.22 2.55
CA LYS A 9 -39.69 -22.08 3.69
C LYS A 9 -38.42 -21.53 4.34
N ALA A 10 -37.38 -21.27 3.54
CA ALA A 10 -36.10 -20.71 4.02
C ALA A 10 -36.38 -19.37 4.71
N TYR A 11 -37.25 -18.53 4.13
CA TYR A 11 -37.55 -17.18 4.68
C TYR A 11 -38.24 -17.33 6.04
N GLU A 12 -39.22 -18.23 6.18
CA GLU A 12 -39.97 -18.38 7.46
C GLU A 12 -38.96 -18.72 8.56
N VAL A 13 -38.01 -19.63 8.29
CA VAL A 13 -37.00 -20.04 9.31
C VAL A 13 -36.05 -18.87 9.60
N ALA A 14 -35.57 -18.19 8.57
CA ALA A 14 -34.68 -17.02 8.69
C ALA A 14 -35.38 -15.93 9.51
N LYS A 15 -36.64 -15.63 9.20
CA LYS A 15 -37.42 -14.61 9.94
C LYS A 15 -37.36 -14.91 11.44
N GLN A 16 -37.53 -16.18 11.82
CA GLN A 16 -37.52 -16.61 13.25
C GLN A 16 -36.10 -16.52 13.83
N ARG A 17 -35.06 -16.95 13.09
CA ARG A 17 -33.66 -16.84 13.58
C ARG A 17 -33.31 -15.38 13.90
N TYR A 18 -33.70 -14.46 13.01
CA TYR A 18 -33.44 -13.01 13.20
C TYR A 18 -34.35 -12.48 14.33
N ALA A 19 -35.61 -12.89 14.42
CA ALA A 19 -36.53 -12.39 15.49
C ALA A 19 -35.93 -12.78 16.85
N GLU A 20 -35.30 -13.96 16.93
CA GLU A 20 -34.68 -14.49 18.17
C GLU A 20 -33.60 -13.53 18.68
N ILE A 21 -32.95 -12.76 17.79
CA ILE A 21 -31.85 -11.84 18.19
C ILE A 21 -32.30 -10.38 18.04
N GLY A 22 -33.61 -10.14 17.91
CA GLY A 22 -34.18 -8.78 17.96
C GLY A 22 -34.14 -8.08 16.62
N VAL A 23 -34.12 -8.85 15.52
CA VAL A 23 -34.11 -8.31 14.13
C VAL A 23 -35.41 -8.67 13.42
N ASP A 24 -36.02 -7.67 12.78
CA ASP A 24 -37.30 -7.76 12.02
C ASP A 24 -36.96 -7.82 10.52
N THR A 25 -37.05 -9.00 9.92
CA THR A 25 -36.68 -9.24 8.49
C THR A 25 -37.65 -8.50 7.56
N ASP A 26 -38.93 -8.46 7.92
CA ASP A 26 -39.96 -7.75 7.10
C ASP A 26 -39.57 -6.27 7.06
N ALA A 27 -39.20 -5.69 8.20
CA ALA A 27 -38.81 -4.26 8.31
C ALA A 27 -37.54 -3.99 7.50
N ALA A 28 -36.55 -4.89 7.58
CA ALA A 28 -35.27 -4.77 6.84
C ALA A 28 -35.55 -4.67 5.34
N MET A 29 -36.47 -5.49 4.82
CA MET A 29 -36.79 -5.52 3.38
C MET A 29 -37.47 -4.20 2.98
N LYS A 30 -38.37 -3.67 3.81
CA LYS A 30 -39.01 -2.35 3.56
C LYS A 30 -37.94 -1.26 3.50
N GLU A 31 -36.92 -1.33 4.36
CA GLU A 31 -35.81 -0.33 4.39
C GLU A 31 -35.00 -0.45 3.07
N LEU A 32 -34.77 -1.66 2.59
CA LEU A 32 -33.97 -1.86 1.36
C LEU A 32 -34.69 -1.24 0.17
N GLU A 33 -36.03 -1.28 0.11
CA GLU A 33 -36.70 -0.86 -1.14
C GLU A 33 -36.69 0.69 -1.22
N LYS A 34 -36.25 1.37 -0.16
CA LYS A 34 -36.13 2.86 -0.11
C LYS A 34 -34.75 3.33 -0.59
N VAL A 35 -33.89 2.42 -1.03
CA VAL A 35 -32.51 2.78 -1.47
C VAL A 35 -32.38 2.56 -2.97
N PRO A 36 -32.54 3.62 -3.77
CA PRO A 36 -32.34 3.53 -5.21
C PRO A 36 -30.84 3.59 -5.55
N LEU A 37 -30.41 2.76 -6.50
CA LEU A 37 -29.04 2.78 -7.05
C LEU A 37 -29.06 3.51 -8.39
N SER A 38 -28.10 4.40 -8.64
CA SER A 38 -27.99 5.11 -9.93
C SER A 38 -27.11 4.28 -10.85
N VAL A 39 -27.75 3.55 -11.75
CA VAL A 39 -27.12 2.64 -12.73
C VAL A 39 -26.54 3.49 -13.85
N HIS A 40 -25.23 3.36 -14.11
CA HIS A 40 -24.47 4.18 -15.08
C HIS A 40 -24.70 3.65 -16.51
N CYS A 41 -25.11 4.53 -17.41
CA CYS A 41 -25.47 4.15 -18.80
C CYS A 41 -24.24 3.64 -19.56
N TRP A 42 -23.04 4.11 -19.21
CA TRP A 42 -21.84 4.00 -20.10
C TRP A 42 -21.27 2.58 -20.11
N GLN A 43 -21.66 1.71 -19.18
CA GLN A 43 -21.26 0.28 -19.16
C GLN A 43 -21.86 -0.43 -20.38
N GLY A 44 -22.96 0.09 -20.94
CA GLY A 44 -23.72 -0.58 -22.02
C GLY A 44 -23.03 -0.48 -23.37
N ASP A 45 -22.22 0.56 -23.58
CA ASP A 45 -21.63 0.90 -24.90
C ASP A 45 -20.17 1.33 -24.75
N ASP A 46 -19.47 0.87 -23.71
CA ASP A 46 -18.01 1.10 -23.54
C ASP A 46 -17.74 2.61 -23.60
N ILE A 47 -18.63 3.41 -23.02
CA ILE A 47 -18.49 4.89 -22.88
C ILE A 47 -18.34 5.58 -24.25
N HIS A 48 -18.91 5.02 -25.33
CA HIS A 48 -18.83 5.60 -26.69
C HIS A 48 -19.72 6.85 -26.77
N GLY A 49 -20.91 6.80 -26.18
CA GLY A 49 -21.94 7.84 -26.35
C GLY A 49 -22.40 7.92 -27.81
N PHE A 50 -23.09 9.00 -28.17
CA PHE A 50 -23.71 9.19 -29.51
C PHE A 50 -23.21 10.47 -30.16
N LEU A 51 -22.56 11.34 -29.39
CA LEU A 51 -22.13 12.69 -29.83
C LEU A 51 -21.03 12.59 -30.90
N PHE A 52 -20.00 11.77 -30.63
CA PHE A 52 -18.81 11.61 -31.50
C PHE A 52 -18.56 10.13 -31.76
N PRO A 53 -19.11 9.54 -32.84
CA PRO A 53 -18.94 8.11 -33.10
C PRO A 53 -17.48 7.76 -33.43
N GLY A 65 -10.69 -8.96 -27.19
CA GLY A 65 -11.49 -9.98 -26.49
C GLY A 65 -12.71 -9.39 -25.83
N ASN A 66 -13.37 -8.42 -26.48
CA ASN A 66 -14.57 -7.76 -25.91
C ASN A 66 -15.81 -8.60 -26.22
N TYR A 67 -16.72 -8.66 -25.26
CA TYR A 67 -17.92 -9.53 -25.31
C TYR A 67 -18.79 -9.05 -26.46
N PRO A 68 -19.47 -9.97 -27.17
CA PRO A 68 -20.43 -9.58 -28.21
C PRO A 68 -21.62 -8.77 -27.67
N GLY A 69 -22.26 -7.99 -28.56
CA GLY A 69 -23.60 -7.44 -28.34
C GLY A 69 -23.58 -6.04 -27.76
N ILE A 70 -22.48 -5.30 -27.92
CA ILE A 70 -22.39 -3.90 -27.42
C ILE A 70 -23.57 -3.10 -28.00
N ALA A 71 -24.18 -2.22 -27.22
CA ALA A 71 -25.18 -1.24 -27.71
C ALA A 71 -24.47 -0.24 -28.62
N ARG A 72 -25.12 0.14 -29.73
CA ARG A 72 -24.56 1.05 -30.76
C ARG A 72 -25.48 2.26 -30.94
N THR A 73 -26.71 2.22 -30.41
CA THR A 73 -27.74 3.26 -30.64
C THR A 73 -28.44 3.59 -29.33
N PRO A 74 -29.11 4.76 -29.24
CA PRO A 74 -29.95 5.07 -28.09
C PRO A 74 -30.93 3.92 -27.79
N ASP A 75 -31.63 3.41 -28.81
CA ASP A 75 -32.68 2.38 -28.63
C ASP A 75 -32.06 1.10 -28.05
N GLU A 76 -30.88 0.71 -28.54
CA GLU A 76 -30.19 -0.51 -28.07
C GLU A 76 -29.77 -0.31 -26.61
N LEU A 77 -29.22 0.86 -26.28
CA LEU A 77 -28.72 1.14 -24.91
C LEU A 77 -29.91 1.20 -23.95
N ALA A 78 -30.99 1.89 -24.34
CA ALA A 78 -32.23 1.96 -23.54
C ALA A 78 -32.75 0.55 -23.30
N GLY A 79 -32.81 -0.28 -24.34
CA GLY A 79 -33.27 -1.68 -24.21
C GLY A 79 -32.40 -2.47 -23.24
N ASP A 80 -31.09 -2.32 -23.30
CA ASP A 80 -30.14 -3.05 -22.43
C ASP A 80 -30.36 -2.63 -20.96
N MET A 81 -30.49 -1.33 -20.70
CA MET A 81 -30.73 -0.82 -19.32
C MET A 81 -32.09 -1.35 -18.84
N HIS A 82 -33.12 -1.33 -19.69
CA HIS A 82 -34.44 -1.94 -19.35
C HIS A 82 -34.25 -3.39 -18.93
N GLU A 83 -33.46 -4.16 -19.68
CA GLU A 83 -33.24 -5.61 -19.38
C GLU A 83 -32.56 -5.75 -18.00
N ALA A 84 -31.50 -5.00 -17.74
CA ALA A 84 -30.75 -5.06 -16.46
C ALA A 84 -31.69 -4.69 -15.31
N LEU A 85 -32.43 -3.58 -15.45
CA LEU A 85 -33.34 -3.12 -14.38
C LEU A 85 -34.43 -4.18 -14.10
N SER A 86 -34.86 -4.93 -15.12
CA SER A 86 -35.91 -5.98 -14.99
C SER A 86 -35.40 -7.13 -14.10
N LEU A 87 -34.08 -7.24 -13.92
CA LEU A 87 -33.44 -8.34 -13.14
C LEU A 87 -32.91 -7.79 -11.81
N ILE A 88 -33.09 -6.49 -11.56
CA ILE A 88 -32.70 -5.85 -10.27
C ILE A 88 -33.97 -5.51 -9.50
N PRO A 89 -34.17 -6.07 -8.28
CA PRO A 89 -35.42 -5.86 -7.55
C PRO A 89 -35.51 -4.42 -7.02
N GLY A 90 -36.71 -3.86 -7.06
CA GLY A 90 -37.01 -2.50 -6.56
C GLY A 90 -36.91 -1.49 -7.68
N LYS A 91 -36.97 -0.20 -7.32
CA LYS A 91 -36.98 0.93 -8.27
C LYS A 91 -35.68 1.71 -8.11
N HIS A 92 -35.05 2.07 -9.23
CA HIS A 92 -33.68 2.63 -9.22
C HIS A 92 -33.62 3.90 -10.07
N ARG A 93 -32.41 4.29 -10.43
CA ARG A 93 -32.15 5.53 -11.19
C ARG A 93 -31.14 5.18 -12.26
N VAL A 94 -30.96 6.07 -13.22
CA VAL A 94 -29.94 5.94 -14.28
C VAL A 94 -29.11 7.23 -14.30
N GLN A 95 -27.78 7.06 -14.40
CA GLN A 95 -26.81 8.15 -14.62
C GLN A 95 -26.56 8.29 -16.13
N LEU A 96 -26.69 9.50 -16.65
CA LEU A 96 -26.33 9.84 -18.05
C LEU A 96 -24.96 10.54 -18.05
N HIS A 97 -24.28 10.46 -19.19
CA HIS A 97 -23.12 11.30 -19.54
C HIS A 97 -23.54 12.27 -20.64
N ALA A 98 -22.91 13.45 -20.69
CA ALA A 98 -23.28 14.50 -21.65
C ALA A 98 -23.21 13.94 -23.08
N ILE A 99 -22.28 12.99 -23.35
CA ILE A 99 -22.06 12.45 -24.73
C ILE A 99 -23.20 11.52 -25.14
N TYR A 100 -24.16 11.25 -24.25
CA TYR A 100 -25.36 10.41 -24.55
C TYR A 100 -26.51 11.28 -25.05
N ALA A 101 -26.25 12.55 -25.37
CA ALA A 101 -27.21 13.44 -26.08
C ALA A 101 -27.78 12.70 -27.30
N VAL A 102 -29.09 12.81 -27.52
CA VAL A 102 -29.81 12.22 -28.68
C VAL A 102 -30.40 13.36 -29.51
N THR A 103 -29.81 13.67 -30.66
CA THR A 103 -30.22 14.79 -31.54
C THR A 103 -29.64 14.57 -32.94
N ASP A 104 -30.30 15.06 -33.98
CA ASP A 104 -29.72 15.03 -35.36
C ASP A 104 -29.06 16.37 -35.65
N LYS A 105 -29.02 17.28 -34.68
CA LYS A 105 -28.31 18.58 -34.80
C LYS A 105 -26.82 18.33 -34.58
N LYS A 106 -25.97 19.03 -35.33
CA LYS A 106 -24.51 18.97 -35.10
C LYS A 106 -24.22 19.73 -33.82
N ARG A 107 -23.68 19.04 -32.81
CA ARG A 107 -23.39 19.61 -31.47
C ARG A 107 -21.93 19.36 -31.13
N ASP A 108 -21.37 20.21 -30.29
CA ASP A 108 -20.12 19.93 -29.56
C ASP A 108 -20.47 20.03 -28.08
N LEU A 109 -19.51 19.81 -27.19
CA LEU A 109 -19.76 19.80 -25.73
C LEU A 109 -20.13 21.22 -25.25
N ASP A 110 -19.77 22.26 -26.01
CA ASP A 110 -20.04 23.66 -25.59
C ASP A 110 -21.30 24.19 -26.30
N THR A 111 -22.01 23.36 -27.06
CA THR A 111 -23.24 23.79 -27.79
C THR A 111 -24.41 22.85 -27.52
N LEU A 112 -24.25 21.88 -26.61
CA LEU A 112 -25.35 20.97 -26.20
C LEU A 112 -26.51 21.80 -25.67
N GLU A 113 -27.74 21.30 -25.86
CA GLU A 113 -28.98 21.98 -25.41
C GLU A 113 -29.78 20.98 -24.58
N PRO A 114 -30.52 21.46 -23.56
CA PRO A 114 -31.34 20.58 -22.73
C PRO A 114 -32.23 19.62 -23.53
N GLU A 115 -32.83 20.06 -24.64
CA GLU A 115 -33.83 19.25 -25.41
C GLU A 115 -33.13 18.07 -26.08
N ASP A 116 -31.79 18.08 -26.16
CA ASP A 116 -30.99 16.95 -26.68
C ASP A 116 -31.13 15.74 -25.74
N PHE A 117 -31.77 15.94 -24.59
CA PHE A 117 -31.96 14.87 -23.56
C PHE A 117 -33.45 14.55 -23.40
N ASP A 118 -34.30 15.09 -24.27
CA ASP A 118 -35.75 14.74 -24.31
C ASP A 118 -35.91 13.24 -24.45
N TYR A 119 -35.07 12.59 -25.27
CA TYR A 119 -35.14 11.14 -25.52
C TYR A 119 -35.07 10.40 -24.18
N TRP A 120 -34.12 10.78 -23.33
CA TRP A 120 -33.84 10.10 -22.03
C TRP A 120 -34.90 10.46 -21.00
N ILE A 121 -35.42 11.68 -21.04
CA ILE A 121 -36.54 12.11 -20.14
C ILE A 121 -37.74 11.23 -20.43
N ASP A 122 -38.07 11.07 -21.71
CA ASP A 122 -39.22 10.25 -22.16
C ASP A 122 -39.00 8.81 -21.69
N TRP A 123 -37.79 8.28 -21.91
CA TRP A 123 -37.45 6.89 -21.55
C TRP A 123 -37.60 6.70 -20.04
N ALA A 124 -37.08 7.64 -19.25
CA ALA A 124 -37.06 7.56 -17.76
C ALA A 124 -38.50 7.56 -17.23
N LYS A 125 -39.38 8.36 -17.82
CA LYS A 125 -40.80 8.44 -17.39
C LYS A 125 -41.47 7.10 -17.66
N GLN A 126 -41.20 6.51 -18.83
CA GLN A 126 -41.82 5.22 -19.25
C GLN A 126 -41.25 4.08 -18.39
N GLU A 127 -39.94 4.12 -18.13
CA GLU A 127 -39.23 3.09 -17.34
C GLU A 127 -39.58 3.25 -15.85
N GLY A 128 -39.91 4.46 -15.41
CA GLY A 128 -40.23 4.78 -13.99
C GLY A 128 -38.99 4.96 -13.15
N VAL A 129 -37.97 5.66 -13.66
CA VAL A 129 -36.69 5.89 -12.92
C VAL A 129 -36.35 7.38 -12.95
N GLY A 130 -35.63 7.85 -11.92
CA GLY A 130 -35.00 9.17 -11.91
C GLY A 130 -33.71 9.16 -12.70
N LEU A 131 -33.18 10.34 -13.01
CA LEU A 131 -31.95 10.49 -13.80
C LEU A 131 -30.95 11.35 -13.04
N ASP A 132 -29.70 10.91 -13.02
CA ASP A 132 -28.55 11.71 -12.56
C ASP A 132 -27.70 12.00 -13.80
N PHE A 133 -26.78 12.96 -13.70
CA PHE A 133 -26.04 13.49 -14.86
C PHE A 133 -24.55 13.62 -14.54
N ASN A 134 -23.75 13.46 -15.59
CA ASN A 134 -22.27 13.69 -15.58
C ASN A 134 -21.91 14.51 -16.81
N GLY A 135 -21.30 15.67 -16.61
CA GLY A 135 -20.58 16.38 -17.66
C GLY A 135 -19.45 15.51 -18.17
N THR A 136 -19.13 15.60 -19.46
CA THR A 136 -18.09 14.80 -20.12
C THR A 136 -16.85 15.66 -20.37
N PHE A 137 -15.82 15.48 -19.54
CA PHE A 137 -14.60 16.32 -19.54
C PHE A 137 -13.40 15.48 -20.00
N PHE A 138 -13.63 14.60 -20.97
CA PHE A 138 -12.58 13.66 -21.47
C PHE A 138 -12.91 13.22 -22.90
N SER A 139 -11.94 12.55 -23.54
CA SER A 139 -12.02 11.98 -24.91
C SER A 139 -12.44 13.08 -25.89
N HIS A 140 -11.68 14.16 -25.95
CA HIS A 140 -12.00 15.34 -26.78
C HIS A 140 -10.70 16.06 -27.15
N PRO A 141 -10.61 16.62 -28.37
CA PRO A 141 -9.42 17.36 -28.78
C PRO A 141 -9.12 18.57 -27.87
N MET A 142 -10.12 19.09 -27.16
CA MET A 142 -9.92 20.29 -26.29
C MET A 142 -9.33 19.87 -24.93
N VAL A 143 -9.16 18.56 -24.69
CA VAL A 143 -8.35 18.10 -23.53
C VAL A 143 -6.88 18.33 -23.87
N LYS A 144 -6.29 19.37 -23.30
CA LYS A 144 -4.89 19.79 -23.62
C LYS A 144 -3.97 19.38 -22.47
N ASP A 145 -2.99 18.50 -22.76
CA ASP A 145 -2.05 17.99 -21.74
C ASP A 145 -2.83 17.53 -20.50
N ASN A 146 -3.91 16.79 -20.72
CA ASN A 146 -4.70 16.13 -19.65
C ASN A 146 -5.43 17.15 -18.78
N MET A 147 -5.63 18.39 -19.27
CA MET A 147 -6.31 19.45 -18.47
C MET A 147 -7.47 20.06 -19.27
N THR A 148 -8.49 20.50 -18.53
CA THR A 148 -9.78 20.99 -19.07
C THR A 148 -10.10 22.32 -18.40
N VAL A 149 -10.95 22.28 -17.37
CA VAL A 149 -11.45 23.46 -16.60
C VAL A 149 -10.27 24.25 -15.99
N SER A 150 -9.20 23.57 -15.61
CA SER A 150 -8.08 24.19 -14.86
C SER A 150 -6.80 24.22 -15.72
N SER A 151 -6.95 24.08 -17.02
CA SER A 151 -5.84 24.28 -18.00
C SER A 151 -5.24 25.68 -17.83
N PRO A 152 -3.91 25.84 -17.98
CA PRO A 152 -3.30 27.17 -18.01
C PRO A 152 -3.64 27.95 -19.28
N ASP A 153 -4.16 27.25 -20.30
CA ASP A 153 -4.60 27.83 -21.60
C ASP A 153 -6.01 28.41 -21.43
N PRO A 154 -6.19 29.73 -21.62
CA PRO A 154 -7.48 30.37 -21.34
C PRO A 154 -8.61 29.89 -22.27
N LYS A 155 -8.29 29.62 -23.54
CA LYS A 155 -9.28 29.15 -24.54
C LYS A 155 -9.80 27.77 -24.13
N VAL A 156 -8.90 26.93 -23.63
CA VAL A 156 -9.26 25.56 -23.17
C VAL A 156 -10.18 25.68 -21.95
N ARG A 157 -9.76 26.45 -20.94
CA ARG A 157 -10.61 26.74 -19.75
C ARG A 157 -12.00 27.18 -20.20
N ASP A 158 -12.07 28.18 -21.08
CA ASP A 158 -13.35 28.84 -21.44
C ASP A 158 -14.27 27.78 -22.07
N PHE A 159 -13.72 26.90 -22.90
CA PHE A 159 -14.49 25.85 -23.60
C PHE A 159 -15.15 24.93 -22.57
N TRP A 160 -14.39 24.51 -21.56
CA TRP A 160 -14.82 23.50 -20.56
C TRP A 160 -15.72 24.15 -19.51
N ILE A 161 -15.51 25.43 -19.22
CA ILE A 161 -16.40 26.23 -18.33
C ILE A 161 -17.78 26.33 -19.00
N ARG A 162 -17.84 26.54 -20.32
CA ARG A 162 -19.12 26.57 -21.08
C ARG A 162 -19.79 25.20 -20.99
N HIS A 163 -19.05 24.12 -21.14
CA HIS A 163 -19.63 22.76 -20.99
C HIS A 163 -20.14 22.56 -19.57
N GLY A 164 -19.36 23.00 -18.58
CA GLY A 164 -19.74 22.92 -17.15
C GLY A 164 -21.09 23.60 -16.91
N LYS A 165 -21.23 24.85 -17.34
CA LYS A 165 -22.49 25.62 -17.17
C LYS A 165 -23.63 24.89 -17.87
N ILE A 166 -23.39 24.38 -19.08
CA ILE A 166 -24.40 23.65 -19.89
C ILE A 166 -24.84 22.38 -19.15
N SER A 167 -23.93 21.68 -18.46
CA SER A 167 -24.28 20.45 -17.70
C SER A 167 -25.31 20.81 -16.62
N ARG A 168 -25.19 22.01 -16.04
CA ARG A 168 -26.10 22.48 -14.97
C ARG A 168 -27.47 22.80 -15.58
N GLU A 169 -27.48 23.43 -16.76
CA GLU A 169 -28.73 23.82 -17.46
C GLU A 169 -29.47 22.56 -17.88
N ILE A 170 -28.76 21.58 -18.43
CA ILE A 170 -29.36 20.27 -18.85
C ILE A 170 -29.96 19.61 -17.62
N SER A 171 -29.21 19.59 -16.52
CA SER A 171 -29.58 18.92 -15.25
C SER A 171 -30.83 19.60 -14.68
N ASN A 172 -30.87 20.93 -14.67
CA ASN A 172 -32.03 21.71 -14.20
C ASN A 172 -33.28 21.32 -15.00
N TYR A 173 -33.14 21.28 -16.33
CA TYR A 173 -34.23 20.95 -17.28
C TYR A 173 -34.74 19.53 -17.02
N ILE A 174 -33.84 18.56 -16.89
CA ILE A 174 -34.23 17.13 -16.66
C ILE A 174 -34.99 17.03 -15.33
N GLY A 175 -34.45 17.67 -14.28
CA GLY A 175 -35.05 17.68 -12.94
C GLY A 175 -36.44 18.28 -12.95
N GLU A 176 -36.62 19.36 -13.72
CA GLU A 176 -37.94 20.04 -13.85
C GLU A 176 -38.92 19.05 -14.49
N LYS A 177 -38.52 18.44 -15.61
CA LYS A 177 -39.41 17.54 -16.40
C LYS A 177 -39.76 16.27 -15.59
N LEU A 178 -38.77 15.71 -14.89
CA LEU A 178 -38.92 14.41 -14.19
C LEU A 178 -39.61 14.61 -12.83
N GLY A 179 -39.45 15.77 -12.19
CA GLY A 179 -39.94 16.02 -10.83
C GLY A 179 -39.10 15.29 -9.80
N SER A 180 -37.84 15.03 -10.12
CA SER A 180 -36.84 14.40 -9.23
C SER A 180 -35.49 15.10 -9.42
N GLN A 181 -34.87 15.51 -8.32
CA GLN A 181 -33.58 16.25 -8.33
C GLN A 181 -32.52 15.43 -9.07
N VAL A 182 -31.85 16.07 -10.03
CA VAL A 182 -30.74 15.48 -10.82
C VAL A 182 -29.45 15.80 -10.09
N VAL A 183 -28.73 14.78 -9.61
CA VAL A 183 -27.35 15.01 -9.09
C VAL A 183 -26.44 15.12 -10.32
N ASN A 184 -25.79 16.27 -10.47
CA ASN A 184 -24.90 16.60 -11.60
C ASN A 184 -23.46 16.42 -11.10
N ASN A 185 -22.82 15.32 -11.46
CA ASN A 185 -21.48 14.92 -10.96
C ASN A 185 -20.40 15.47 -11.89
N PHE A 186 -19.43 16.17 -11.33
CA PHE A 186 -18.25 16.74 -12.03
C PHE A 186 -17.03 15.87 -11.75
N TRP A 187 -16.51 15.21 -12.78
CA TRP A 187 -15.18 14.56 -12.73
C TRP A 187 -14.29 15.16 -13.82
N LEU A 188 -13.10 15.63 -13.44
CA LEU A 188 -12.10 16.21 -14.37
C LEU A 188 -10.85 15.35 -14.36
N PRO A 189 -10.22 15.08 -15.52
CA PRO A 189 -8.96 14.33 -15.56
C PRO A 189 -7.73 15.15 -15.14
N ASP A 190 -7.92 16.47 -14.97
CA ASP A 190 -6.84 17.48 -14.86
C ASP A 190 -5.72 17.02 -13.92
N GLY A 191 -4.48 17.04 -14.40
CA GLY A 191 -3.33 16.59 -13.61
C GLY A 191 -2.08 16.52 -14.45
N PHE A 192 -1.03 15.92 -13.89
CA PHE A 192 0.28 15.76 -14.55
C PHE A 192 0.68 14.28 -14.50
N LYS A 193 1.25 13.82 -15.60
CA LYS A 193 1.87 12.47 -15.66
C LYS A 193 3.07 12.41 -14.71
N ASP A 194 3.94 13.42 -14.74
CA ASP A 194 5.20 13.40 -13.95
C ASP A 194 5.14 14.49 -12.87
N ASN A 195 6.16 14.57 -12.03
CA ASN A 195 6.18 15.41 -10.81
C ASN A 195 6.10 16.89 -11.18
N PRO A 196 5.10 17.62 -10.65
CA PRO A 196 4.94 19.04 -10.95
C PRO A 196 5.81 19.93 -10.06
N ILE A 197 6.12 21.13 -10.56
CA ILE A 197 6.81 22.21 -9.79
C ILE A 197 5.76 22.97 -8.96
N ASP A 198 4.65 23.31 -9.60
CA ASP A 198 3.62 24.21 -9.00
C ASP A 198 2.34 23.40 -8.77
N LYS A 199 2.06 23.06 -7.52
CA LYS A 199 0.85 22.31 -7.10
C LYS A 199 -0.25 23.30 -6.73
N LYS A 200 0.14 24.53 -6.40
CA LYS A 200 -0.78 25.56 -5.88
C LYS A 200 -1.67 26.14 -6.99
N THR A 201 -1.06 26.60 -8.08
CA THR A 201 -1.73 27.44 -9.09
C THR A 201 -2.79 26.64 -9.83
N PRO A 202 -2.55 25.35 -10.18
CA PRO A 202 -3.58 24.55 -10.83
C PRO A 202 -4.84 24.46 -9.97
N ARG A 203 -4.68 24.29 -8.65
CA ARG A 203 -5.82 24.18 -7.70
C ARG A 203 -6.51 25.54 -7.56
N LEU A 204 -5.77 26.65 -7.62
CA LEU A 204 -6.40 28.00 -7.62
C LEU A 204 -7.16 28.22 -8.94
N ARG A 205 -6.64 27.74 -10.07
CA ARG A 205 -7.32 27.84 -11.39
C ARG A 205 -8.61 27.01 -11.34
N LEU A 206 -8.54 25.81 -10.76
CA LEU A 206 -9.73 24.94 -10.59
C LEU A 206 -10.76 25.67 -9.73
N LEU A 207 -10.35 26.19 -8.57
CA LEU A 207 -11.27 26.86 -7.61
C LEU A 207 -12.05 27.96 -8.34
N LYS A 208 -11.34 28.83 -9.05
CA LYS A 208 -11.93 29.98 -9.78
C LYS A 208 -12.92 29.47 -10.82
N ALA A 209 -12.53 28.46 -11.60
CA ALA A 209 -13.34 27.93 -12.73
C ALA A 209 -14.62 27.28 -12.18
N LEU A 210 -14.52 26.53 -11.09
CA LEU A 210 -15.71 25.84 -10.51
C LEU A 210 -16.69 26.90 -10.01
N ASP A 211 -16.19 27.94 -9.34
CA ASP A 211 -17.02 29.06 -8.81
C ASP A 211 -17.77 29.72 -9.98
N GLU A 212 -17.13 29.88 -11.13
CA GLU A 212 -17.73 30.47 -12.35
C GLU A 212 -18.83 29.51 -12.86
N ILE A 213 -18.57 28.20 -12.85
CA ILE A 213 -19.53 27.21 -13.39
C ILE A 213 -20.83 27.24 -12.57
N ILE A 214 -20.73 27.33 -11.23
CA ILE A 214 -21.93 27.18 -10.34
C ILE A 214 -22.56 28.55 -10.02
N LYS A 215 -22.03 29.66 -10.55
CA LYS A 215 -22.45 31.03 -10.16
C LYS A 215 -23.96 31.24 -10.39
N ASP A 216 -24.45 30.92 -11.60
CA ASP A 216 -25.85 31.23 -12.00
C ASP A 216 -26.78 30.30 -11.22
N PRO A 217 -27.67 30.85 -10.37
CA PRO A 217 -28.48 30.04 -9.47
C PRO A 217 -29.51 29.19 -10.22
N LEU A 218 -29.66 27.93 -9.81
CA LEU A 218 -30.68 27.01 -10.38
C LEU A 218 -31.43 26.36 -9.22
N PRO A 219 -32.75 26.11 -9.40
CA PRO A 219 -33.55 25.51 -8.33
C PRO A 219 -32.99 24.18 -7.81
N GLU A 220 -32.76 24.13 -6.49
CA GLU A 220 -32.23 22.93 -5.79
C GLU A 220 -33.18 21.76 -5.99
N LYS A 221 -34.48 22.00 -6.12
CA LYS A 221 -35.45 20.88 -6.28
C LYS A 221 -35.20 20.19 -7.63
N ASN A 222 -34.54 20.87 -8.58
CA ASN A 222 -34.29 20.35 -9.95
C ASN A 222 -32.89 19.72 -10.03
N THR A 223 -31.88 20.33 -9.42
CA THR A 223 -30.50 19.81 -9.55
C THR A 223 -29.60 20.34 -8.42
N ILE A 224 -28.61 19.54 -8.06
CA ILE A 224 -27.46 19.99 -7.23
C ILE A 224 -26.20 19.30 -7.77
N GLU A 225 -25.05 19.96 -7.63
CA GLU A 225 -23.77 19.49 -8.19
C GLU A 225 -23.04 18.67 -7.14
N SER A 226 -22.32 17.65 -7.59
CA SER A 226 -21.39 16.86 -6.74
C SER A 226 -20.02 16.88 -7.42
N PHE A 227 -18.96 16.76 -6.64
CA PHE A 227 -17.56 16.91 -7.12
C PHE A 227 -16.75 15.67 -6.77
N GLU A 228 -16.18 15.05 -7.80
CA GLU A 228 -15.53 13.72 -7.70
C GLU A 228 -14.02 13.87 -7.84
N GLY A 229 -13.29 13.60 -6.75
CA GLY A 229 -11.82 13.57 -6.73
C GLY A 229 -11.27 12.22 -7.18
N LYS A 230 -9.98 12.18 -7.40
CA LYS A 230 -9.25 10.95 -7.81
C LYS A 230 -7.84 11.08 -7.28
N LEU A 231 -7.18 9.97 -6.96
CA LEU A 231 -5.77 10.04 -6.50
C LEU A 231 -4.86 10.04 -7.72
N PHE A 232 -5.12 9.16 -8.69
CA PHE A 232 -4.28 9.03 -9.91
C PHE A 232 -5.03 8.27 -11.00
N GLY A 233 -4.67 8.57 -12.25
CA GLY A 233 -5.21 7.89 -13.43
C GLY A 233 -4.09 7.56 -14.40
N THR A 234 -4.35 6.63 -15.31
CA THR A 234 -3.40 6.20 -16.37
C THR A 234 -2.97 7.43 -17.18
N GLY A 235 -1.66 7.65 -17.31
CA GLY A 235 -1.10 8.78 -18.07
C GLY A 235 -1.14 10.06 -17.29
N ILE A 236 -1.70 10.02 -16.07
CA ILE A 236 -1.82 11.23 -15.19
C ILE A 236 -1.49 10.81 -13.75
N GLU A 237 -0.40 10.08 -13.57
CA GLU A 237 -0.15 9.31 -12.33
C GLU A 237 0.33 10.19 -11.17
N SER A 238 1.03 11.29 -11.43
CA SER A 238 1.89 11.94 -10.40
C SER A 238 1.13 13.00 -9.61
N TYR A 239 0.15 13.64 -10.24
CA TYR A 239 -0.62 14.75 -9.61
C TYR A 239 -2.00 14.83 -10.23
N THR A 240 -3.01 14.95 -9.37
CA THR A 240 -4.42 15.19 -9.74
C THR A 240 -4.82 16.54 -9.18
N THR A 241 -5.18 17.48 -10.06
CA THR A 241 -5.58 18.84 -9.64
C THR A 241 -6.75 18.71 -8.66
N GLY A 242 -7.81 18.01 -9.07
CA GLY A 242 -9.01 17.79 -8.25
C GLY A 242 -8.81 16.65 -7.27
N SER A 243 -8.14 16.90 -6.15
CA SER A 243 -7.84 15.88 -5.10
C SER A 243 -9.07 15.68 -4.22
N HIS A 244 -9.10 14.59 -3.46
CA HIS A 244 -10.19 14.31 -2.50
C HIS A 244 -10.27 15.43 -1.46
N GLU A 245 -9.13 15.93 -1.00
CA GLU A 245 -9.08 17.01 0.02
C GLU A 245 -9.64 18.29 -0.60
N PHE A 246 -9.20 18.62 -1.81
CA PHE A 246 -9.68 19.83 -2.53
C PHE A 246 -11.22 19.79 -2.60
N TYR A 247 -11.78 18.66 -3.03
CA TYR A 247 -13.23 18.58 -3.33
C TYR A 247 -14.05 18.48 -2.05
N GLN A 248 -13.56 17.81 -1.00
CA GLN A 248 -14.30 17.79 0.29
C GLN A 248 -14.35 19.24 0.81
N ASN A 249 -13.22 19.94 0.75
CA ASN A 249 -13.13 21.38 1.17
C ASN A 249 -14.09 22.21 0.30
N TYR A 250 -14.10 21.97 -1.00
CA TYR A 250 -14.93 22.75 -1.97
C TYR A 250 -16.41 22.50 -1.68
N ALA A 251 -16.81 21.23 -1.56
CA ALA A 251 -18.20 20.81 -1.30
C ALA A 251 -18.70 21.50 -0.03
N ILE A 252 -17.94 21.44 1.06
CA ILE A 252 -18.37 21.98 2.38
C ILE A 252 -18.48 23.50 2.27
N SER A 253 -17.54 24.16 1.59
CA SER A 253 -17.48 25.65 1.58
C SER A 253 -18.52 26.23 0.61
N ARG A 254 -18.84 25.54 -0.48
CA ARG A 254 -19.79 26.00 -1.53
C ARG A 254 -21.16 25.35 -1.32
N ASN A 255 -21.30 24.53 -0.27
CA ASN A 255 -22.57 23.85 0.11
C ASN A 255 -23.05 22.98 -1.06
N LYS A 256 -22.16 22.15 -1.61
CA LYS A 256 -22.50 21.18 -2.68
C LYS A 256 -22.24 19.77 -2.17
N LEU A 257 -22.47 18.77 -3.02
CA LEU A 257 -22.26 17.34 -2.67
C LEU A 257 -20.80 16.97 -2.94
N TRP A 258 -20.31 15.98 -2.22
CA TRP A 258 -18.97 15.39 -2.40
C TRP A 258 -19.13 13.98 -2.95
N THR A 259 -18.44 13.65 -4.04
CA THR A 259 -18.50 12.30 -4.65
C THR A 259 -17.31 11.47 -4.17
N ILE A 260 -17.61 10.33 -3.54
CA ILE A 260 -16.61 9.32 -3.09
C ILE A 260 -16.72 8.13 -4.05
N ASP A 261 -15.69 7.94 -4.88
CA ASP A 261 -15.61 6.75 -5.76
C ASP A 261 -14.65 5.75 -5.10
N ALA A 262 -15.16 4.56 -4.77
CA ALA A 262 -14.48 3.54 -3.94
C ALA A 262 -13.21 3.04 -4.64
N GLY A 263 -13.02 3.37 -5.93
CA GLY A 263 -11.84 2.91 -6.70
C GLY A 263 -10.71 3.93 -6.73
N HIS A 264 -10.89 5.11 -6.14
CA HIS A 264 -10.04 6.30 -6.45
C HIS A 264 -9.14 6.68 -5.27
N PHE A 265 -8.95 5.79 -4.29
CA PHE A 265 -8.18 6.11 -3.05
C PHE A 265 -6.88 5.30 -3.00
N HIS A 266 -6.15 5.42 -1.90
CA HIS A 266 -4.84 4.78 -1.65
C HIS A 266 -5.02 3.29 -1.44
N PRO A 267 -3.98 2.48 -1.72
CA PRO A 267 -3.99 1.09 -1.26
C PRO A 267 -4.32 1.05 0.24
N THR A 268 -5.24 0.16 0.61
CA THR A 268 -5.70 -0.16 2.00
C THR A 268 -6.64 0.93 2.53
N GLU A 269 -6.88 2.00 1.76
CA GLU A 269 -7.73 3.12 2.23
C GLU A 269 -9.19 2.64 2.27
N ASP A 270 -9.86 2.86 3.40
CA ASP A 270 -11.27 2.48 3.65
C ASP A 270 -12.16 3.71 3.51
N VAL A 271 -12.85 3.85 2.37
CA VAL A 271 -13.66 5.07 2.08
C VAL A 271 -14.85 5.13 3.04
N SER A 272 -15.25 4.01 3.66
CA SER A 272 -16.39 3.99 4.62
C SER A 272 -16.03 4.81 5.87
N ASP A 273 -14.74 5.12 6.05
CA ASP A 273 -14.25 5.94 7.19
C ASP A 273 -14.65 7.41 6.99
N LYS A 274 -14.88 7.85 5.75
CA LYS A 274 -14.98 9.30 5.44
C LYS A 274 -16.35 9.86 5.84
N PHE A 275 -17.41 9.03 5.85
CA PHE A 275 -18.81 9.52 5.93
C PHE A 275 -18.96 10.33 7.22
N SER A 276 -18.55 9.75 8.35
CA SER A 276 -18.76 10.27 9.71
C SER A 276 -17.83 11.45 10.00
N ALA A 277 -16.81 11.67 9.16
CA ALA A 277 -15.89 12.83 9.27
C ALA A 277 -16.43 13.98 8.40
N PHE A 278 -17.31 13.68 7.46
CA PHE A 278 -17.88 14.66 6.50
C PHE A 278 -19.17 15.26 7.07
N PHE A 279 -20.08 14.40 7.54
CA PHE A 279 -21.48 14.81 7.84
C PHE A 279 -21.57 15.79 9.02
N PRO A 280 -20.57 15.95 9.91
CA PRO A 280 -20.66 17.04 10.90
C PRO A 280 -20.51 18.43 10.25
N PHE A 281 -20.07 18.48 9.00
CA PHE A 281 -19.68 19.74 8.32
C PHE A 281 -20.44 19.93 7.00
N GLY A 282 -20.77 18.84 6.30
CA GLY A 282 -21.20 18.89 4.90
C GLY A 282 -22.68 18.55 4.69
N LYS A 283 -23.12 18.65 3.44
CA LYS A 283 -24.54 18.60 3.03
C LYS A 283 -24.93 17.17 2.65
N GLY A 284 -24.21 16.56 1.70
CA GLY A 284 -24.60 15.25 1.15
C GLY A 284 -23.47 14.64 0.34
N LEU A 285 -23.61 13.35 0.05
CA LEU A 285 -22.60 12.52 -0.66
C LEU A 285 -23.22 11.87 -1.90
N PHE A 286 -22.39 11.65 -2.91
CA PHE A 286 -22.65 10.74 -4.04
C PHE A 286 -21.63 9.63 -3.90
N MET A 287 -22.07 8.45 -3.44
CA MET A 287 -21.15 7.31 -3.18
C MET A 287 -21.13 6.46 -4.44
N HIS A 288 -20.02 6.51 -5.20
CA HIS A 288 -19.78 5.69 -6.43
C HIS A 288 -19.13 4.37 -6.03
N VAL A 289 -19.90 3.29 -5.99
CA VAL A 289 -19.35 1.95 -5.70
C VAL A 289 -18.72 1.43 -7.00
N SER A 290 -17.48 0.97 -6.87
CA SER A 290 -16.57 0.58 -7.96
C SER A 290 -15.50 -0.32 -7.33
N ARG A 291 -15.04 -1.35 -8.03
CA ARG A 291 -14.00 -2.25 -7.48
C ARG A 291 -12.66 -1.94 -8.14
N PRO A 292 -11.70 -1.39 -7.39
CA PRO A 292 -10.33 -1.25 -7.89
C PRO A 292 -9.56 -2.56 -7.66
N VAL A 293 -8.88 -3.06 -8.68
CA VAL A 293 -7.94 -4.20 -8.50
C VAL A 293 -6.53 -3.67 -8.78
N ARG A 294 -5.91 -3.11 -7.73
CA ARG A 294 -4.50 -2.63 -7.65
C ARG A 294 -4.32 -1.29 -8.37
N TRP A 295 -5.36 -0.81 -9.04
CA TRP A 295 -5.45 0.56 -9.60
C TRP A 295 -6.92 0.89 -9.81
N ASP A 296 -7.21 2.09 -10.33
CA ASP A 296 -8.59 2.49 -10.68
C ASP A 296 -9.03 1.73 -11.94
N SER A 297 -9.33 0.44 -11.77
CA SER A 297 -9.53 -0.54 -12.87
C SER A 297 -11.02 -0.63 -13.27
N ASP A 298 -11.91 -0.11 -12.43
CA ASP A 298 -13.36 -0.04 -12.73
C ASP A 298 -13.93 -1.45 -12.95
N HIS A 299 -13.47 -2.44 -12.17
CA HIS A 299 -14.08 -3.79 -12.12
C HIS A 299 -15.51 -3.70 -11.60
N VAL A 300 -16.34 -4.65 -12.01
CA VAL A 300 -17.73 -4.82 -11.50
C VAL A 300 -17.70 -4.94 -9.97
N VAL A 301 -18.61 -4.23 -9.32
CA VAL A 301 -18.80 -4.29 -7.84
C VAL A 301 -19.20 -5.71 -7.46
N ILE A 302 -18.51 -6.28 -6.47
CA ILE A 302 -18.81 -7.61 -5.90
C ILE A 302 -18.93 -7.48 -4.39
N MET A 303 -19.47 -8.50 -3.74
CA MET A 303 -19.62 -8.47 -2.27
C MET A 303 -18.24 -8.78 -1.66
N ASP A 304 -17.49 -7.74 -1.32
CA ASP A 304 -16.13 -7.82 -0.72
C ASP A 304 -16.09 -6.89 0.50
N ASP A 305 -14.95 -6.84 1.18
CA ASP A 305 -14.78 -6.08 2.45
C ASP A 305 -15.20 -4.63 2.19
N ALA A 306 -14.76 -4.04 1.08
CA ALA A 306 -14.99 -2.61 0.77
C ALA A 306 -16.51 -2.36 0.67
N LEU A 307 -17.22 -3.16 -0.11
CA LEU A 307 -18.68 -2.95 -0.32
C LEU A 307 -19.41 -3.17 1.02
N ILE A 308 -19.02 -4.20 1.75
CA ILE A 308 -19.66 -4.56 3.05
C ILE A 308 -19.48 -3.39 4.02
N ARG A 309 -18.28 -2.80 4.05
CA ARG A 309 -17.95 -1.66 4.97
C ARG A 309 -18.70 -0.41 4.55
N ILE A 310 -18.75 -0.12 3.24
CA ILE A 310 -19.47 1.07 2.70
C ILE A 310 -20.94 0.97 3.11
N THR A 311 -21.58 -0.14 2.80
CA THR A 311 -23.03 -0.33 2.99
C THR A 311 -23.32 -0.34 4.50
N ARG A 312 -22.51 -1.01 5.32
CA ARG A 312 -22.84 -1.13 6.77
C ARG A 312 -22.57 0.21 7.47
N SER A 313 -21.58 0.98 7.00
CA SER A 313 -21.25 2.31 7.58
C SER A 313 -22.38 3.29 7.27
N LEU A 314 -23.00 3.20 6.10
CA LEU A 314 -24.16 4.09 5.76
C LEU A 314 -25.38 3.65 6.58
N VAL A 315 -25.63 2.34 6.65
CA VAL A 315 -26.83 1.80 7.35
C VAL A 315 -26.73 2.08 8.86
N ARG A 316 -25.62 1.71 9.50
CA ARG A 316 -25.46 1.76 10.97
C ARG A 316 -25.55 3.22 11.47
N ASP A 317 -25.02 4.17 10.72
CA ASP A 317 -24.92 5.57 11.20
C ASP A 317 -26.02 6.44 10.58
N GLY A 318 -26.95 5.82 9.84
CA GLY A 318 -28.20 6.47 9.38
C GLY A 318 -27.95 7.55 8.33
N TYR A 319 -27.03 7.31 7.40
CA TYR A 319 -26.59 8.33 6.41
C TYR A 319 -27.28 8.13 5.05
N LEU A 320 -28.16 7.13 4.89
CA LEU A 320 -28.72 6.80 3.54
C LEU A 320 -29.55 7.97 3.00
N ASP A 321 -30.21 8.73 3.88
CA ASP A 321 -31.15 9.80 3.46
C ASP A 321 -30.34 11.00 2.92
N ARG A 322 -29.03 11.01 3.12
CA ARG A 322 -28.14 12.12 2.67
C ARG A 322 -27.05 11.58 1.74
N THR A 323 -27.14 10.30 1.38
CA THR A 323 -26.15 9.63 0.50
C THR A 323 -26.84 9.02 -0.72
N HIS A 324 -26.52 9.53 -1.91
CA HIS A 324 -26.94 8.94 -3.21
C HIS A 324 -25.95 7.84 -3.54
N ILE A 325 -26.43 6.61 -3.77
CA ILE A 325 -25.52 5.50 -4.16
C ILE A 325 -25.61 5.32 -5.68
N GLY A 326 -24.46 5.49 -6.35
CA GLY A 326 -24.31 5.25 -7.79
C GLY A 326 -23.36 4.09 -8.04
N LEU A 327 -23.57 3.39 -9.17
CA LEU A 327 -22.61 2.38 -9.68
C LEU A 327 -21.64 3.12 -10.61
N ASP A 328 -20.36 2.73 -10.59
CA ASP A 328 -19.38 3.19 -11.59
C ASP A 328 -18.36 2.08 -11.85
N PHE A 329 -18.48 1.45 -13.00
CA PHE A 329 -17.53 0.40 -13.42
C PHE A 329 -17.68 0.22 -14.92
N PHE A 330 -16.70 -0.42 -15.53
CA PHE A 330 -16.64 -0.64 -16.98
C PHE A 330 -15.87 -1.92 -17.22
N ASP A 331 -16.61 -3.00 -17.51
CA ASP A 331 -16.03 -4.33 -17.84
C ASP A 331 -16.68 -4.82 -19.13
N ALA A 332 -15.94 -4.80 -20.24
CA ALA A 332 -16.41 -5.22 -21.58
C ALA A 332 -15.99 -6.67 -21.88
N THR A 333 -15.35 -7.35 -20.93
CA THR A 333 -14.88 -8.75 -21.12
C THR A 333 -16.01 -9.74 -20.85
N ILE A 334 -17.13 -9.25 -20.30
CA ILE A 334 -18.29 -10.10 -19.89
C ILE A 334 -19.56 -9.49 -20.48
N ASN A 335 -20.67 -10.22 -20.43
CA ASN A 335 -21.99 -9.70 -20.85
C ASN A 335 -22.25 -8.37 -20.14
N ARG A 336 -22.41 -7.28 -20.88
CA ARG A 336 -22.44 -5.90 -20.32
C ARG A 336 -23.71 -5.70 -19.47
N VAL A 337 -24.81 -6.33 -19.87
CA VAL A 337 -26.10 -6.28 -19.11
C VAL A 337 -25.93 -7.06 -17.80
N ALA A 338 -25.31 -8.23 -17.85
CA ALA A 338 -25.01 -9.04 -16.65
C ALA A 338 -24.13 -8.23 -15.68
N ALA A 339 -23.15 -7.47 -16.18
CA ALA A 339 -22.25 -6.65 -15.34
C ALA A 339 -23.10 -5.77 -14.41
N TRP A 340 -24.07 -5.02 -14.96
CA TRP A 340 -24.97 -4.15 -14.17
C TRP A 340 -25.65 -4.95 -13.05
N VAL A 341 -26.22 -6.11 -13.37
CA VAL A 341 -27.05 -6.91 -12.43
C VAL A 341 -26.14 -7.44 -11.31
N VAL A 342 -24.95 -7.95 -11.64
CA VAL A 342 -23.99 -8.45 -10.61
C VAL A 342 -23.73 -7.31 -9.61
N GLY A 343 -23.37 -6.12 -10.09
CA GLY A 343 -22.95 -5.00 -9.23
C GLY A 343 -24.11 -4.50 -8.40
N ALA A 344 -25.28 -4.36 -9.01
CA ALA A 344 -26.50 -3.85 -8.33
C ALA A 344 -26.90 -4.85 -7.23
N ARG A 345 -26.96 -6.14 -7.55
CA ARG A 345 -27.39 -7.18 -6.57
C ARG A 345 -26.36 -7.27 -5.45
N ALA A 346 -25.06 -7.18 -5.75
CA ALA A 346 -23.98 -7.20 -4.73
C ALA A 346 -24.22 -6.06 -3.74
N THR A 347 -24.51 -4.87 -4.25
CA THR A 347 -24.75 -3.67 -3.43
C THR A 347 -26.02 -3.86 -2.57
N GLN A 348 -27.09 -4.38 -3.15
CA GLN A 348 -28.38 -4.55 -2.42
C GLN A 348 -28.22 -5.60 -1.32
N LYS A 349 -27.60 -6.74 -1.62
CA LYS A 349 -27.48 -7.83 -0.61
C LYS A 349 -26.56 -7.37 0.53
N SER A 350 -25.59 -6.49 0.26
CA SER A 350 -24.66 -5.95 1.27
C SER A 350 -25.40 -4.91 2.15
N LEU A 351 -26.20 -4.04 1.54
CA LEU A 351 -27.09 -3.13 2.31
C LEU A 351 -28.00 -3.98 3.21
N LEU A 352 -28.60 -5.02 2.63
CA LEU A 352 -29.60 -5.84 3.36
C LEU A 352 -28.90 -6.54 4.54
N GLN A 353 -27.70 -7.10 4.34
CA GLN A 353 -27.01 -7.79 5.45
C GLN A 353 -26.82 -6.78 6.58
N ALA A 354 -26.46 -5.53 6.27
CA ALA A 354 -26.19 -4.48 7.28
C ALA A 354 -27.50 -4.18 8.03
N MET A 355 -28.61 -4.16 7.31
CA MET A 355 -29.94 -3.85 7.90
C MET A 355 -30.44 -5.01 8.78
N LEU A 356 -29.88 -6.20 8.62
CA LEU A 356 -30.31 -7.44 9.34
C LEU A 356 -29.47 -7.62 10.62
N ALA A 357 -28.94 -6.56 11.19
CA ALA A 357 -28.16 -6.63 12.44
C ALA A 357 -28.97 -5.95 13.54
N PRO A 358 -28.85 -6.40 14.82
CA PRO A 358 -29.47 -5.72 15.95
C PRO A 358 -28.65 -4.47 16.30
N ILE A 359 -28.75 -3.45 15.45
CA ILE A 359 -27.82 -2.30 15.48
C ILE A 359 -27.96 -1.53 16.80
N ASP A 360 -29.18 -1.22 17.24
CA ASP A 360 -29.38 -0.46 18.51
C ASP A 360 -28.64 -1.18 19.64
N GLN A 361 -28.82 -2.49 19.77
CA GLN A 361 -28.26 -3.28 20.88
C GLN A 361 -26.74 -3.36 20.73
N LEU A 362 -26.25 -3.59 19.50
CA LEU A 362 -24.79 -3.61 19.23
C LEU A 362 -24.18 -2.26 19.62
N LYS A 363 -24.88 -1.15 19.36
CA LYS A 363 -24.37 0.20 19.72
C LYS A 363 -24.28 0.33 21.23
N LYS A 364 -25.29 -0.15 21.98
CA LYS A 364 -25.27 -0.10 23.47
C LYS A 364 -24.11 -0.94 24.00
N ASP A 365 -23.96 -2.16 23.48
CA ASP A 365 -22.85 -3.07 23.88
C ASP A 365 -21.53 -2.33 23.70
N GLU A 366 -21.37 -1.65 22.57
CA GLU A 366 -20.11 -0.94 22.21
C GLU A 366 -19.93 0.25 23.16
N LEU A 367 -20.99 0.98 23.48
CA LEU A 367 -20.91 2.15 24.41
C LEU A 367 -20.42 1.67 25.78
N ASN A 368 -20.76 0.43 26.16
CA ASN A 368 -20.37 -0.20 27.45
C ASN A 368 -19.02 -0.94 27.30
N ALA A 369 -18.34 -0.75 26.16
CA ALA A 369 -17.01 -1.31 25.86
C ALA A 369 -17.03 -2.85 25.90
N ASP A 370 -18.18 -3.45 25.59
CA ASP A 370 -18.29 -4.95 25.53
C ASP A 370 -17.81 -5.40 24.14
N PHE A 371 -16.51 -5.36 23.94
CA PHE A 371 -15.85 -5.67 22.65
C PHE A 371 -15.92 -7.17 22.38
N THR A 372 -16.03 -7.99 23.43
CA THR A 372 -16.17 -9.47 23.27
C THR A 372 -17.49 -9.74 22.55
N THR A 373 -18.60 -9.24 23.08
CA THR A 373 -19.94 -9.46 22.51
C THR A 373 -19.96 -8.94 21.08
N ARG A 374 -19.41 -7.73 20.85
CA ARG A 374 -19.46 -7.11 19.51
C ARG A 374 -18.75 -8.02 18.50
N LEU A 375 -17.59 -8.55 18.86
CA LEU A 375 -16.80 -9.40 17.92
C LEU A 375 -17.59 -10.67 17.64
N ILE A 376 -18.07 -11.34 18.69
CA ILE A 376 -18.77 -12.63 18.53
C ILE A 376 -19.99 -12.41 17.62
N GLU A 377 -20.83 -11.45 17.95
CA GLU A 377 -22.12 -11.25 17.24
C GLU A 377 -21.88 -10.83 15.79
N THR A 378 -20.99 -9.85 15.52
CA THR A 378 -20.76 -9.39 14.14
C THR A 378 -20.28 -10.58 13.30
N GLU A 379 -19.43 -11.45 13.87
CA GLU A 379 -18.89 -12.62 13.15
C GLU A 379 -20.01 -13.65 12.92
N GLU A 380 -20.86 -13.91 13.93
CA GLU A 380 -21.99 -14.85 13.76
C GLU A 380 -22.93 -14.34 12.66
N LEU A 381 -23.20 -13.03 12.61
CA LEU A 381 -24.16 -12.46 11.64
C LEU A 381 -23.70 -12.72 10.20
N LYS A 382 -22.39 -12.88 9.97
CA LYS A 382 -21.88 -13.12 8.59
C LYS A 382 -22.36 -14.49 8.08
N SER A 383 -22.82 -15.38 8.96
CA SER A 383 -23.31 -16.71 8.55
C SER A 383 -24.76 -16.92 8.99
N PHE A 384 -25.45 -15.86 9.42
CA PHE A 384 -26.93 -15.90 9.57
C PHE A 384 -27.53 -16.03 8.18
N PRO A 385 -28.81 -16.47 8.07
CA PRO A 385 -29.47 -16.67 6.78
C PRO A 385 -29.88 -15.38 6.04
N PHE A 386 -28.92 -14.49 5.80
CA PHE A 386 -29.18 -13.19 5.12
C PHE A 386 -29.63 -13.49 3.68
N GLY A 387 -29.09 -14.55 3.08
CA GLY A 387 -29.44 -14.99 1.73
C GLY A 387 -30.91 -15.35 1.60
N ALA A 388 -31.51 -15.92 2.64
CA ALA A 388 -32.95 -16.29 2.65
C ALA A 388 -33.78 -15.00 2.56
N VAL A 389 -33.35 -13.94 3.23
CA VAL A 389 -34.09 -12.65 3.22
C VAL A 389 -33.90 -11.98 1.84
N TRP A 390 -32.69 -12.02 1.32
CA TRP A 390 -32.37 -11.48 -0.03
C TRP A 390 -33.19 -12.21 -1.09
N ASP A 391 -33.27 -13.55 -1.02
CA ASP A 391 -34.05 -14.36 -1.99
C ASP A 391 -35.53 -13.96 -1.90
N LYS A 392 -36.05 -13.82 -0.67
CA LYS A 392 -37.45 -13.38 -0.43
C LYS A 392 -37.65 -12.02 -1.11
N PHE A 393 -36.70 -11.10 -0.94
CA PHE A 393 -36.76 -9.73 -1.52
C PHE A 393 -36.82 -9.86 -3.06
N CYS A 394 -35.95 -10.68 -3.65
CA CYS A 394 -35.91 -10.86 -5.13
C CYS A 394 -37.27 -11.38 -5.60
N GLN A 395 -37.76 -12.43 -4.95
CA GLN A 395 -39.02 -13.11 -5.34
C GLN A 395 -40.21 -12.15 -5.17
N ASP A 396 -40.27 -11.41 -4.07
CA ASP A 396 -41.36 -10.45 -3.77
C ASP A 396 -41.41 -9.37 -4.85
N HIS A 397 -40.26 -9.00 -5.42
CA HIS A 397 -40.13 -7.91 -6.43
C HIS A 397 -40.04 -8.48 -7.85
N ASN A 398 -40.50 -9.72 -8.06
CA ASN A 398 -40.66 -10.34 -9.40
C ASN A 398 -39.32 -10.31 -10.14
N THR A 399 -38.24 -10.73 -9.48
CA THR A 399 -36.92 -10.96 -10.12
C THR A 399 -36.47 -12.38 -9.80
N PRO A 400 -35.68 -13.00 -10.70
CA PRO A 400 -35.22 -14.36 -10.49
C PRO A 400 -34.31 -14.50 -9.26
N VAL A 401 -34.32 -15.69 -8.66
CA VAL A 401 -33.56 -16.03 -7.43
C VAL A 401 -32.26 -16.74 -7.81
N GLY A 402 -31.15 -16.37 -7.14
CA GLY A 402 -29.85 -17.05 -7.24
C GLY A 402 -29.37 -17.16 -8.68
N PHE A 403 -29.02 -18.36 -9.12
CA PHE A 403 -28.43 -18.59 -10.47
C PHE A 403 -29.49 -18.34 -11.57
N ASP A 404 -30.77 -18.28 -11.21
CA ASP A 404 -31.87 -18.36 -12.21
C ASP A 404 -31.82 -17.19 -13.19
N TRP A 405 -31.32 -16.00 -12.81
CA TRP A 405 -31.35 -14.86 -13.75
C TRP A 405 -30.35 -15.06 -14.88
N MET A 406 -29.49 -16.08 -14.79
CA MET A 406 -28.60 -16.42 -15.91
C MET A 406 -29.45 -16.86 -17.11
N ASN A 407 -30.61 -17.48 -16.85
CA ASN A 407 -31.56 -17.90 -17.92
C ASN A 407 -31.99 -16.67 -18.71
N ASN A 408 -32.30 -15.59 -18.01
CA ASN A 408 -32.77 -14.32 -18.63
C ASN A 408 -31.64 -13.77 -19.52
N ILE A 409 -30.41 -13.83 -19.04
CA ILE A 409 -29.24 -13.27 -19.77
C ILE A 409 -29.03 -14.12 -21.03
N HIS A 410 -29.11 -15.44 -20.91
CA HIS A 410 -28.91 -16.38 -22.05
C HIS A 410 -30.01 -16.12 -23.11
N GLN A 411 -31.25 -15.92 -22.68
CA GLN A 411 -32.38 -15.62 -23.61
C GLN A 411 -32.12 -14.25 -24.28
N TYR A 412 -31.64 -13.27 -23.53
CA TYR A 412 -31.40 -11.90 -24.06
C TYR A 412 -30.24 -11.94 -25.07
N GLU A 413 -29.21 -12.74 -24.81
CA GLU A 413 -28.07 -12.98 -25.73
C GLU A 413 -28.61 -13.56 -27.05
N LYS A 414 -29.40 -14.62 -26.97
CA LYS A 414 -29.94 -15.35 -28.14
C LYS A 414 -30.86 -14.42 -28.96
N ASP A 415 -31.73 -13.66 -28.28
CA ASP A 415 -32.84 -12.91 -28.93
C ASP A 415 -32.35 -11.53 -29.37
N VAL A 416 -31.36 -10.96 -28.69
CA VAL A 416 -31.01 -9.52 -28.88
C VAL A 416 -29.51 -9.35 -29.10
N GLN A 417 -28.69 -9.60 -28.08
CA GLN A 417 -27.25 -9.19 -28.08
C GLN A 417 -26.48 -9.89 -29.22
N PHE A 418 -26.67 -11.20 -29.40
CA PHE A 418 -25.85 -12.03 -30.32
C PHE A 418 -26.28 -11.78 -31.77
N LYS A 419 -27.44 -11.15 -31.97
CA LYS A 419 -28.00 -10.86 -33.32
C LYS A 419 -27.47 -9.51 -33.83
N ARG A 420 -26.91 -8.66 -32.95
CA ARG A 420 -26.43 -7.31 -33.33
C ARG A 420 -25.28 -7.42 -34.36
N MET B 1 -32.29 -19.69 22.76
CA MET B 1 -31.50 -20.87 22.31
C MET B 1 -32.09 -21.39 20.99
N VAL B 2 -31.27 -21.64 19.97
CA VAL B 2 -31.74 -22.09 18.64
C VAL B 2 -32.31 -23.51 18.77
N LYS B 3 -33.48 -23.75 18.19
CA LYS B 3 -34.16 -25.07 18.20
C LYS B 3 -33.48 -25.96 17.16
N PRO B 4 -33.07 -27.20 17.53
CA PRO B 4 -32.51 -28.13 16.56
C PRO B 4 -33.39 -28.29 15.31
N GLU B 5 -34.71 -28.15 15.48
CA GLU B 5 -35.68 -28.30 14.37
C GLU B 5 -35.49 -27.15 13.38
N GLU B 6 -35.09 -25.97 13.85
CA GLU B 6 -34.85 -24.79 12.99
C GLU B 6 -33.58 -25.04 12.16
N VAL B 7 -32.55 -25.60 12.77
CA VAL B 7 -31.29 -26.02 12.08
C VAL B 7 -31.63 -27.11 11.05
N ASP B 8 -32.38 -28.14 11.44
CA ASP B 8 -32.72 -29.26 10.53
C ASP B 8 -33.55 -28.75 9.34
N LYS B 9 -34.56 -27.91 9.57
CA LYS B 9 -35.44 -27.39 8.48
C LYS B 9 -34.62 -26.54 7.50
N ALA B 10 -33.78 -25.63 8.01
CA ALA B 10 -32.92 -24.76 7.18
C ALA B 10 -31.96 -25.65 6.38
N TYR B 11 -31.42 -26.69 7.02
CA TYR B 11 -30.43 -27.59 6.39
C TYR B 11 -31.09 -28.34 5.23
N GLU B 12 -32.28 -28.90 5.43
CA GLU B 12 -32.96 -29.68 4.36
C GLU B 12 -33.19 -28.78 3.15
N VAL B 13 -33.60 -27.52 3.35
CA VAL B 13 -33.80 -26.59 2.20
C VAL B 13 -32.45 -26.29 1.55
N ALA B 14 -31.42 -25.99 2.37
CA ALA B 14 -30.06 -25.65 1.90
C ALA B 14 -29.53 -26.84 1.07
N LYS B 15 -29.78 -28.05 1.55
CA LYS B 15 -29.27 -29.29 0.90
C LYS B 15 -29.83 -29.37 -0.52
N GLN B 16 -31.11 -29.03 -0.70
CA GLN B 16 -31.80 -29.04 -2.02
C GLN B 16 -31.26 -27.91 -2.90
N ARG B 17 -31.08 -26.71 -2.36
CA ARG B 17 -30.58 -25.54 -3.13
C ARG B 17 -29.21 -25.90 -3.70
N TYR B 18 -28.36 -26.54 -2.91
CA TYR B 18 -26.99 -26.89 -3.34
C TYR B 18 -27.04 -28.06 -4.33
N ALA B 19 -27.88 -29.07 -4.10
CA ALA B 19 -28.02 -30.23 -5.02
C ALA B 19 -28.45 -29.72 -6.41
N GLU B 20 -29.33 -28.71 -6.47
CA GLU B 20 -29.84 -28.14 -7.74
C GLU B 20 -28.67 -27.58 -8.57
N ILE B 21 -27.55 -27.22 -7.95
CA ILE B 21 -26.37 -26.66 -8.70
C ILE B 21 -25.19 -27.65 -8.66
N GLY B 22 -25.45 -28.92 -8.32
CA GLY B 22 -24.44 -29.98 -8.40
C GLY B 22 -23.52 -30.01 -7.20
N VAL B 23 -23.96 -29.50 -6.04
CA VAL B 23 -23.14 -29.47 -4.79
C VAL B 23 -23.78 -30.38 -3.75
N ASP B 24 -22.98 -31.27 -3.17
CA ASP B 24 -23.39 -32.25 -2.14
C ASP B 24 -23.01 -31.69 -0.76
N THR B 25 -24.00 -31.22 0.01
CA THR B 25 -23.76 -30.59 1.34
C THR B 25 -23.25 -31.64 2.34
N ASP B 26 -23.74 -32.88 2.28
CA ASP B 26 -23.28 -33.93 3.21
C ASP B 26 -21.77 -34.16 2.95
N ALA B 27 -21.36 -34.21 1.68
CA ALA B 27 -19.94 -34.47 1.32
C ALA B 27 -19.08 -33.28 1.75
N ALA B 28 -19.57 -32.05 1.57
CA ALA B 28 -18.87 -30.81 1.97
C ALA B 28 -18.55 -30.89 3.47
N MET B 29 -19.51 -31.32 4.30
CA MET B 29 -19.30 -31.40 5.76
C MET B 29 -18.25 -32.48 6.07
N LYS B 30 -18.28 -33.61 5.37
CA LYS B 30 -17.25 -34.68 5.54
C LYS B 30 -15.88 -34.12 5.20
N GLU B 31 -15.78 -33.26 4.17
CA GLU B 31 -14.48 -32.66 3.78
C GLU B 31 -14.00 -31.75 4.92
N LEU B 32 -14.90 -30.97 5.52
CA LEU B 32 -14.51 -30.01 6.58
C LEU B 32 -13.96 -30.76 7.79
N GLU B 33 -14.51 -31.94 8.10
CA GLU B 33 -14.07 -32.75 9.27
C GLU B 33 -12.58 -33.09 9.17
N LYS B 34 -12.04 -33.15 7.95
CA LYS B 34 -10.66 -33.61 7.67
C LYS B 34 -9.66 -32.47 7.80
N VAL B 35 -10.10 -31.27 8.23
CA VAL B 35 -9.20 -30.08 8.34
C VAL B 35 -9.04 -29.69 9.79
N PRO B 36 -8.01 -30.22 10.49
CA PRO B 36 -7.72 -29.79 11.86
C PRO B 36 -7.06 -28.40 11.88
N LEU B 37 -7.49 -27.53 12.77
CA LEU B 37 -6.81 -26.23 13.00
C LEU B 37 -5.88 -26.37 14.21
N SER B 38 -4.63 -25.89 14.10
CA SER B 38 -3.67 -25.93 15.23
C SER B 38 -3.88 -24.67 16.06
N VAL B 39 -4.61 -24.83 17.16
CA VAL B 39 -4.97 -23.75 18.11
C VAL B 39 -3.73 -23.39 18.94
N HIS B 40 -3.34 -22.11 18.92
CA HIS B 40 -2.09 -21.62 19.56
C HIS B 40 -2.34 -21.41 21.05
N CYS B 41 -1.52 -22.02 21.89
CA CYS B 41 -1.70 -21.99 23.37
C CYS B 41 -1.52 -20.57 23.90
N TRP B 42 -0.75 -19.71 23.22
CA TRP B 42 -0.22 -18.48 23.86
C TRP B 42 -1.27 -17.36 23.95
N GLN B 43 -2.38 -17.45 23.23
CA GLN B 43 -3.55 -16.53 23.36
C GLN B 43 -4.13 -16.62 24.78
N GLY B 44 -4.00 -17.76 25.45
CA GLY B 44 -4.63 -18.01 26.75
C GLY B 44 -3.96 -17.28 27.90
N ASP B 45 -2.67 -16.92 27.77
CA ASP B 45 -1.86 -16.36 28.90
C ASP B 45 -0.96 -15.22 28.38
N ASP B 46 -1.36 -14.57 27.30
CA ASP B 46 -0.65 -13.39 26.76
C ASP B 46 0.84 -13.72 26.55
N ILE B 47 1.12 -14.93 26.10
CA ILE B 47 2.48 -15.41 25.70
C ILE B 47 3.43 -15.36 26.91
N HIS B 48 2.92 -15.49 28.13
CA HIS B 48 3.76 -15.48 29.36
C HIS B 48 4.58 -16.77 29.46
N GLY B 49 3.95 -17.92 29.17
CA GLY B 49 4.56 -19.23 29.39
C GLY B 49 4.79 -19.46 30.87
N PHE B 50 5.59 -20.47 31.23
CA PHE B 50 5.81 -20.91 32.63
C PHE B 50 7.30 -20.88 32.98
N LEU B 51 8.16 -20.70 31.98
CA LEU B 51 9.62 -20.86 32.16
C LEU B 51 10.20 -19.64 32.88
N PHE B 52 9.79 -18.44 32.50
CA PHE B 52 10.33 -17.17 33.04
C PHE B 52 9.20 -16.30 33.58
N PRO B 53 8.76 -16.55 34.83
CA PRO B 53 7.67 -15.78 35.44
C PRO B 53 7.77 -14.27 35.20
N ASN B 66 -6.76 -4.83 30.11
CA ASN B 66 -6.85 -6.21 29.57
C ASN B 66 -7.97 -6.99 30.25
N TYR B 67 -8.60 -7.89 29.51
CA TYR B 67 -9.81 -8.63 29.95
C TYR B 67 -9.48 -9.48 31.19
N PRO B 68 -10.43 -9.63 32.15
CA PRO B 68 -10.19 -10.49 33.31
C PRO B 68 -9.97 -11.99 32.96
N GLY B 69 -9.33 -12.73 33.87
CA GLY B 69 -9.36 -14.20 33.89
C GLY B 69 -8.22 -14.84 33.11
N ILE B 70 -7.11 -14.14 32.93
CA ILE B 70 -5.91 -14.70 32.24
C ILE B 70 -5.53 -16.02 32.93
N ALA B 71 -5.12 -17.03 32.15
CA ALA B 71 -4.53 -18.28 32.67
C ALA B 71 -3.15 -17.95 33.26
N ARG B 72 -2.80 -18.53 34.41
CA ARG B 72 -1.54 -18.24 35.14
C ARG B 72 -0.77 -19.53 35.38
N THR B 73 -1.37 -20.68 35.10
CA THR B 73 -0.78 -22.01 35.41
C THR B 73 -1.07 -22.97 34.26
N PRO B 74 -0.33 -24.09 34.18
CA PRO B 74 -0.59 -25.09 33.15
C PRO B 74 -2.04 -25.62 33.22
N ASP B 75 -2.54 -25.96 34.41
CA ASP B 75 -3.93 -26.48 34.57
C ASP B 75 -4.95 -25.43 34.10
N GLU B 76 -4.73 -24.15 34.40
CA GLU B 76 -5.67 -23.08 33.97
C GLU B 76 -5.64 -22.97 32.44
N LEU B 77 -4.44 -22.95 31.85
CA LEU B 77 -4.29 -22.83 30.38
C LEU B 77 -4.90 -24.06 29.70
N ALA B 78 -4.62 -25.26 30.22
CA ALA B 78 -5.17 -26.53 29.72
C ALA B 78 -6.70 -26.49 29.79
N GLY B 79 -7.26 -26.03 30.91
CA GLY B 79 -8.72 -25.94 31.09
C GLY B 79 -9.33 -24.98 30.08
N ASP B 80 -8.65 -23.88 29.79
CA ASP B 80 -9.13 -22.81 28.88
C ASP B 80 -9.13 -23.38 27.45
N MET B 81 -8.08 -24.10 27.06
CA MET B 81 -8.02 -24.71 25.70
C MET B 81 -9.10 -25.78 25.59
N HIS B 82 -9.29 -26.60 26.62
CA HIS B 82 -10.41 -27.58 26.63
C HIS B 82 -11.74 -26.87 26.40
N GLU B 83 -12.00 -25.78 27.12
CA GLU B 83 -13.26 -25.01 27.00
C GLU B 83 -13.42 -24.51 25.56
N ALA B 84 -12.38 -23.90 24.97
CA ALA B 84 -12.43 -23.40 23.58
C ALA B 84 -12.71 -24.56 22.63
N LEU B 85 -11.97 -25.66 22.75
CA LEU B 85 -12.12 -26.83 21.84
C LEU B 85 -13.53 -27.41 21.93
N SER B 86 -14.17 -27.35 23.12
CA SER B 86 -15.54 -27.85 23.36
C SER B 86 -16.57 -27.04 22.55
N LEU B 87 -16.21 -25.84 22.10
CA LEU B 87 -17.12 -24.91 21.35
C LEU B 87 -16.71 -24.81 19.88
N ILE B 88 -15.67 -25.54 19.48
CA ILE B 88 -15.20 -25.62 18.06
C ILE B 88 -15.52 -27.01 17.55
N PRO B 89 -16.39 -27.14 16.53
CA PRO B 89 -16.83 -28.46 16.07
C PRO B 89 -15.70 -29.22 15.35
N GLY B 90 -15.63 -30.53 15.55
CA GLY B 90 -14.67 -31.42 14.90
C GLY B 90 -13.45 -31.66 15.78
N LYS B 91 -12.41 -32.25 15.21
CA LYS B 91 -11.14 -32.60 15.91
C LYS B 91 -10.04 -31.66 15.41
N HIS B 92 -9.23 -31.15 16.32
CA HIS B 92 -8.23 -30.12 15.99
C HIS B 92 -6.88 -30.49 16.63
N ARG B 93 -6.00 -29.51 16.73
CA ARG B 93 -4.62 -29.67 17.25
C ARG B 93 -4.32 -28.45 18.11
N VAL B 94 -3.26 -28.53 18.90
CA VAL B 94 -2.77 -27.40 19.73
C VAL B 94 -1.30 -27.16 19.40
N GLN B 95 -0.92 -25.89 19.23
CA GLN B 95 0.49 -25.44 19.06
C GLN B 95 1.04 -25.05 20.44
N LEU B 96 2.21 -25.57 20.79
CA LEU B 96 2.94 -25.16 22.01
C LEU B 96 4.06 -24.21 21.59
N HIS B 97 4.50 -23.37 22.53
CA HIS B 97 5.80 -22.67 22.52
C HIS B 97 6.73 -23.33 23.54
N ALA B 98 8.05 -23.25 23.32
CA ALA B 98 9.06 -23.87 24.21
C ALA B 98 8.89 -23.34 25.64
N ILE B 99 8.47 -22.08 25.83
CA ILE B 99 8.36 -21.46 27.18
C ILE B 99 7.16 -22.03 27.94
N TYR B 100 6.38 -22.93 27.33
CA TYR B 100 5.22 -23.62 27.98
C TYR B 100 5.66 -24.97 28.55
N ALA B 101 6.96 -25.23 28.63
CA ALA B 101 7.55 -26.36 29.38
C ALA B 101 6.92 -26.42 30.78
N VAL B 102 6.60 -27.61 31.26
CA VAL B 102 6.05 -27.83 32.63
C VAL B 102 7.03 -28.72 33.40
N THR B 103 7.82 -28.13 34.30
CA THR B 103 8.84 -28.86 35.08
C THR B 103 9.13 -28.09 36.37
N ASP B 104 9.50 -28.82 37.42
CA ASP B 104 9.97 -28.28 38.73
C ASP B 104 11.46 -27.98 38.65
N LYS B 105 12.12 -28.43 37.59
CA LYS B 105 13.58 -28.25 37.38
C LYS B 105 13.84 -26.83 36.89
N LYS B 106 14.99 -26.26 37.26
CA LYS B 106 15.46 -24.95 36.77
C LYS B 106 15.92 -25.12 35.32
N ARG B 107 15.24 -24.48 34.37
CA ARG B 107 15.54 -24.61 32.92
C ARG B 107 15.84 -23.24 32.32
N ASP B 108 16.65 -23.25 31.27
CA ASP B 108 16.76 -22.13 30.31
C ASP B 108 16.49 -22.71 28.92
N LEU B 109 16.40 -21.88 27.90
CA LEU B 109 16.00 -22.34 26.56
C LEU B 109 17.03 -23.34 26.03
N ASP B 110 18.27 -23.30 26.51
CA ASP B 110 19.35 -24.18 26.03
C ASP B 110 19.52 -25.41 26.93
N THR B 111 18.62 -25.64 27.90
CA THR B 111 18.71 -26.83 28.79
C THR B 111 17.37 -27.55 28.91
N LEU B 112 16.34 -27.14 28.15
CA LEU B 112 15.03 -27.84 28.12
C LEU B 112 15.24 -29.29 27.71
N GLU B 113 14.41 -30.19 28.23
CA GLU B 113 14.46 -31.64 27.89
C GLU B 113 13.09 -32.06 27.43
N PRO B 114 13.02 -33.06 26.54
CA PRO B 114 11.74 -33.52 25.99
C PRO B 114 10.69 -33.82 27.07
N GLU B 115 11.09 -34.45 28.18
CA GLU B 115 10.13 -34.90 29.23
C GLU B 115 9.53 -33.67 29.94
N ASP B 116 10.08 -32.48 29.71
CA ASP B 116 9.50 -31.21 30.22
C ASP B 116 8.15 -30.95 29.54
N PHE B 117 7.78 -31.76 28.54
CA PHE B 117 6.52 -31.60 27.77
C PHE B 117 5.61 -32.82 27.96
N ASP B 118 5.99 -33.71 28.89
CA ASP B 118 5.15 -34.87 29.29
C ASP B 118 3.75 -34.35 29.68
N TYR B 119 3.68 -33.23 30.41
CA TYR B 119 2.40 -32.64 30.87
C TYR B 119 1.48 -32.44 29.65
N TRP B 120 2.02 -31.88 28.56
CA TRP B 120 1.21 -31.55 27.36
C TRP B 120 0.93 -32.82 26.53
N ILE B 121 1.84 -33.79 26.52
CA ILE B 121 1.61 -35.09 25.83
C ILE B 121 0.41 -35.76 26.50
N ASP B 122 0.42 -35.83 27.84
CA ASP B 122 -0.65 -36.46 28.63
C ASP B 122 -1.97 -35.72 28.36
N TRP B 123 -1.95 -34.38 28.40
CA TRP B 123 -3.16 -33.57 28.16
C TRP B 123 -3.69 -33.82 26.74
N ALA B 124 -2.80 -33.79 25.73
CA ALA B 124 -3.14 -34.01 24.31
C ALA B 124 -3.84 -35.37 24.14
N LYS B 125 -3.30 -36.41 24.77
CA LYS B 125 -3.85 -37.79 24.66
C LYS B 125 -5.27 -37.81 25.23
N GLN B 126 -5.46 -37.22 26.41
CA GLN B 126 -6.77 -37.21 27.10
C GLN B 126 -7.75 -36.40 26.25
N GLU B 127 -7.30 -35.27 25.70
CA GLU B 127 -8.12 -34.33 24.89
C GLU B 127 -8.43 -34.93 23.51
N GLY B 128 -7.56 -35.81 23.01
CA GLY B 128 -7.69 -36.42 21.66
C GLY B 128 -7.24 -35.47 20.56
N VAL B 129 -6.15 -34.75 20.76
CA VAL B 129 -5.61 -33.79 19.73
C VAL B 129 -4.13 -34.07 19.51
N GLY B 130 -3.64 -33.69 18.33
CA GLY B 130 -2.20 -33.67 18.00
C GLY B 130 -1.57 -32.38 18.47
N LEU B 131 -0.24 -32.32 18.47
CA LEU B 131 0.53 -31.15 18.96
C LEU B 131 1.50 -30.70 17.88
N ASP B 132 1.55 -29.39 17.66
CA ASP B 132 2.62 -28.73 16.88
C ASP B 132 3.45 -27.92 17.87
N PHE B 133 4.62 -27.46 17.44
CA PHE B 133 5.63 -26.88 18.35
C PHE B 133 6.20 -25.62 17.71
N ASN B 134 6.64 -24.70 18.57
CA ASN B 134 7.36 -23.46 18.20
C ASN B 134 8.53 -23.30 19.17
N GLY B 135 9.76 -23.20 18.64
CA GLY B 135 10.90 -22.72 19.44
C GLY B 135 10.64 -21.29 19.86
N THR B 136 11.11 -20.88 21.03
CA THR B 136 10.91 -19.50 21.54
C THR B 136 12.22 -18.71 21.37
N PHE B 137 12.26 -17.78 20.40
CA PHE B 137 13.48 -17.04 20.01
C PHE B 137 13.27 -15.54 20.29
N PHE B 138 12.55 -15.22 21.37
CA PHE B 138 12.24 -13.82 21.76
C PHE B 138 12.03 -13.73 23.28
N SER B 139 11.94 -12.49 23.78
CA SER B 139 11.70 -12.18 25.21
C SER B 139 12.72 -12.92 26.07
N HIS B 140 14.00 -12.66 25.85
CA HIS B 140 15.11 -13.34 26.56
C HIS B 140 16.35 -12.44 26.53
N PRO B 141 17.13 -12.38 27.63
CA PRO B 141 18.34 -11.56 27.67
C PRO B 141 19.33 -11.89 26.54
N MET B 142 19.28 -13.10 25.98
CA MET B 142 20.26 -13.53 24.94
C MET B 142 19.79 -13.05 23.56
N VAL B 143 18.65 -12.34 23.47
CA VAL B 143 18.29 -11.58 22.24
C VAL B 143 19.14 -10.31 22.25
N LYS B 144 20.14 -10.26 21.37
CA LYS B 144 21.12 -9.16 21.33
C LYS B 144 20.87 -8.31 20.08
N ASP B 145 20.52 -7.04 20.27
CA ASP B 145 20.22 -6.10 19.17
C ASP B 145 19.25 -6.78 18.20
N ASN B 146 18.21 -7.42 18.76
CA ASN B 146 17.08 -7.98 17.99
C ASN B 146 17.53 -9.20 17.19
N MET B 147 18.69 -9.78 17.51
CA MET B 147 19.19 -10.94 16.74
C MET B 147 19.45 -12.14 17.65
N THR B 148 19.37 -13.34 17.08
CA THR B 148 19.43 -14.62 17.83
C THR B 148 20.34 -15.58 17.05
N VAL B 149 19.77 -16.49 16.26
CA VAL B 149 20.55 -17.53 15.53
C VAL B 149 21.49 -16.84 14.53
N SER B 150 21.15 -15.66 14.00
CA SER B 150 21.96 -14.98 12.96
C SER B 150 22.71 -13.75 13.52
N SER B 151 22.82 -13.66 14.85
CA SER B 151 23.65 -12.62 15.52
C SER B 151 25.08 -12.73 15.00
N PRO B 152 25.79 -11.58 14.85
CA PRO B 152 27.23 -11.60 14.55
C PRO B 152 28.08 -12.07 15.73
N ASP B 153 27.48 -12.19 16.92
CA ASP B 153 28.15 -12.66 18.17
C ASP B 153 28.05 -14.19 18.25
N PRO B 154 29.19 -14.91 18.16
CA PRO B 154 29.15 -16.38 18.18
C PRO B 154 28.54 -16.96 19.47
N LYS B 155 28.72 -16.30 20.62
CA LYS B 155 28.11 -16.75 21.90
C LYS B 155 26.58 -16.72 21.78
N VAL B 156 26.03 -15.64 21.22
CA VAL B 156 24.56 -15.50 21.01
C VAL B 156 24.10 -16.57 20.02
N ARG B 157 24.78 -16.67 18.87
CA ARG B 157 24.46 -17.64 17.80
C ARG B 157 24.40 -19.05 18.42
N ASP B 158 25.42 -19.42 19.17
CA ASP B 158 25.60 -20.81 19.69
C ASP B 158 24.49 -21.12 20.69
N PHE B 159 24.13 -20.17 21.56
CA PHE B 159 23.01 -20.33 22.52
C PHE B 159 21.74 -20.69 21.76
N TRP B 160 21.42 -19.92 20.70
CA TRP B 160 20.13 -20.04 19.97
C TRP B 160 20.14 -21.26 19.08
N ILE B 161 21.31 -21.64 18.55
CA ILE B 161 21.45 -22.92 17.79
C ILE B 161 21.14 -24.09 18.74
N ARG B 162 21.62 -24.03 19.99
CA ARG B 162 21.34 -25.09 21.00
C ARG B 162 19.81 -25.15 21.17
N HIS B 163 19.15 -24.01 21.34
CA HIS B 163 17.67 -23.99 21.53
C HIS B 163 17.00 -24.61 20.30
N GLY B 164 17.44 -24.22 19.10
CA GLY B 164 16.94 -24.77 17.83
C GLY B 164 17.03 -26.28 17.80
N LYS B 165 18.19 -26.83 18.15
CA LYS B 165 18.43 -28.30 18.14
C LYS B 165 17.50 -28.96 19.15
N ILE B 166 17.37 -28.37 20.33
CA ILE B 166 16.47 -28.88 21.41
C ILE B 166 15.01 -28.85 20.94
N SER B 167 14.59 -27.80 20.22
CA SER B 167 13.21 -27.70 19.70
C SER B 167 12.91 -28.94 18.84
N ARG B 168 13.88 -29.38 18.04
CA ARG B 168 13.76 -30.59 17.17
C ARG B 168 13.69 -31.85 18.03
N GLU B 169 14.55 -31.97 19.05
CA GLU B 169 14.59 -33.17 19.93
C GLU B 169 13.25 -33.26 20.66
N ILE B 170 12.72 -32.13 21.18
CA ILE B 170 11.41 -32.09 21.89
C ILE B 170 10.31 -32.52 20.91
N SER B 171 10.30 -31.94 19.71
CA SER B 171 9.26 -32.18 18.68
C SER B 171 9.26 -33.67 18.31
N ASN B 172 10.44 -34.26 18.18
CA ASN B 172 10.60 -35.68 17.78
C ASN B 172 9.98 -36.58 18.86
N TYR B 173 10.30 -36.29 20.12
CA TYR B 173 9.80 -36.99 21.31
C TYR B 173 8.27 -36.91 21.37
N ILE B 174 7.70 -35.71 21.23
CA ILE B 174 6.22 -35.53 21.26
C ILE B 174 5.60 -36.37 20.13
N GLY B 175 6.20 -36.29 18.93
CA GLY B 175 5.71 -37.01 17.73
C GLY B 175 5.72 -38.51 17.95
N GLU B 176 6.80 -39.04 18.53
CA GLU B 176 6.95 -40.49 18.84
C GLU B 176 5.86 -40.89 19.83
N LYS B 177 5.61 -40.08 20.86
CA LYS B 177 4.67 -40.44 21.95
C LYS B 177 3.22 -40.36 21.45
N LEU B 178 2.89 -39.37 20.61
CA LEU B 178 1.48 -39.16 20.16
C LEU B 178 1.16 -40.00 18.92
N GLY B 179 2.17 -40.44 18.17
CA GLY B 179 1.97 -41.12 16.88
C GLY B 179 1.39 -40.19 15.83
N SER B 180 1.68 -38.89 15.96
CA SER B 180 1.28 -37.84 14.99
C SER B 180 2.46 -36.89 14.78
N GLN B 181 2.82 -36.62 13.53
CA GLN B 181 3.94 -35.72 13.18
C GLN B 181 3.73 -34.34 13.81
N VAL B 182 4.75 -33.86 14.52
CA VAL B 182 4.81 -32.50 15.11
C VAL B 182 5.45 -31.56 14.09
N VAL B 183 4.70 -30.59 13.59
CA VAL B 183 5.29 -29.48 12.80
C VAL B 183 5.99 -28.57 13.79
N ASN B 184 7.30 -28.39 13.61
CA ASN B 184 8.17 -27.56 14.46
C ASN B 184 8.45 -26.25 13.71
N ASN B 185 7.73 -25.19 14.07
CA ASN B 185 7.78 -23.89 13.36
C ASN B 185 8.87 -23.00 13.98
N PHE B 186 9.74 -22.47 13.13
CA PHE B 186 10.84 -21.53 13.50
C PHE B 186 10.46 -20.11 13.07
N TRP B 187 10.34 -19.22 14.05
CA TRP B 187 10.24 -17.76 13.83
C TRP B 187 11.34 -17.05 14.62
N LEU B 188 12.14 -16.25 13.93
CA LEU B 188 13.23 -15.45 14.51
C LEU B 188 12.89 -13.97 14.34
N PRO B 189 13.16 -13.12 15.37
CA PRO B 189 12.94 -11.69 15.25
C PRO B 189 14.02 -10.99 14.41
N ASP B 190 15.13 -11.70 14.15
CA ASP B 190 16.43 -11.14 13.69
C ASP B 190 16.20 -10.08 12.60
N GLY B 191 16.78 -8.90 12.79
CA GLY B 191 16.74 -7.81 11.79
C GLY B 191 17.31 -6.52 12.34
N PHE B 192 17.02 -5.42 11.67
CA PHE B 192 17.49 -4.06 12.07
C PHE B 192 16.30 -3.10 12.14
N LYS B 193 16.35 -2.22 13.14
CA LYS B 193 15.40 -1.10 13.26
C LYS B 193 15.57 -0.15 12.08
N ASP B 194 16.81 0.22 11.77
CA ASP B 194 17.10 1.25 10.75
C ASP B 194 17.85 0.59 9.60
N ASN B 195 18.14 1.36 8.56
CA ASN B 195 18.61 0.87 7.24
C ASN B 195 19.97 0.21 7.39
N PRO B 196 20.13 -1.07 7.01
CA PRO B 196 21.42 -1.72 7.10
C PRO B 196 22.35 -1.42 5.92
N ILE B 197 23.65 -1.54 6.18
CA ILE B 197 24.73 -1.45 5.16
C ILE B 197 24.89 -2.82 4.49
N ASP B 198 24.93 -3.89 5.30
CA ASP B 198 25.20 -5.27 4.81
C ASP B 198 23.93 -6.11 4.95
N LYS B 199 23.27 -6.41 3.84
CA LYS B 199 22.04 -7.25 3.80
C LYS B 199 22.43 -8.72 3.54
N LYS B 200 23.60 -8.93 2.95
CA LYS B 200 24.08 -10.27 2.51
C LYS B 200 24.50 -11.12 3.72
N THR B 201 25.40 -10.60 4.56
CA THR B 201 26.12 -11.39 5.58
C THR B 201 25.14 -11.92 6.63
N PRO B 202 24.16 -11.13 7.13
CA PRO B 202 23.19 -11.65 8.10
C PRO B 202 22.47 -12.89 7.54
N ARG B 203 22.12 -12.85 6.25
CA ARG B 203 21.37 -13.97 5.61
C ARG B 203 22.31 -15.17 5.41
N LEU B 204 23.60 -14.95 5.15
CA LEU B 204 24.58 -16.09 5.11
C LEU B 204 24.76 -16.67 6.51
N ARG B 205 24.78 -15.83 7.55
CA ARG B 205 24.91 -16.33 8.95
C ARG B 205 23.66 -17.16 9.26
N LEU B 206 22.48 -16.70 8.84
CA LEU B 206 21.21 -17.42 9.10
C LEU B 206 21.25 -18.80 8.40
N LEU B 207 21.63 -18.82 7.13
CA LEU B 207 21.71 -20.07 6.32
C LEU B 207 22.57 -21.11 7.04
N LYS B 208 23.77 -20.72 7.48
CA LYS B 208 24.75 -21.62 8.14
C LYS B 208 24.16 -22.14 9.46
N ALA B 209 23.53 -21.25 10.22
CA ALA B 209 22.98 -21.57 11.56
C ALA B 209 21.82 -22.55 11.41
N LEU B 210 20.92 -22.30 10.46
CA LEU B 210 19.72 -23.16 10.26
C LEU B 210 20.22 -24.54 9.84
N ASP B 211 21.21 -24.60 8.96
CA ASP B 211 21.77 -25.90 8.48
C ASP B 211 22.33 -26.67 9.67
N GLU B 212 22.98 -25.97 10.61
CA GLU B 212 23.54 -26.63 11.83
C GLU B 212 22.37 -27.16 12.67
N ILE B 213 21.31 -26.38 12.81
CA ILE B 213 20.13 -26.76 13.65
C ILE B 213 19.53 -28.06 13.11
N ILE B 214 19.38 -28.19 11.79
CA ILE B 214 18.65 -29.33 11.16
C ILE B 214 19.61 -30.48 10.82
N LYS B 215 20.90 -30.36 11.17
CA LYS B 215 21.97 -31.33 10.74
C LYS B 215 21.62 -32.76 11.19
N ASP B 216 21.33 -32.96 12.47
CA ASP B 216 21.14 -34.33 13.03
C ASP B 216 19.82 -34.88 12.52
N PRO B 217 19.82 -36.02 11.78
CA PRO B 217 18.60 -36.54 11.18
C PRO B 217 17.61 -37.00 12.27
N LEU B 218 16.34 -36.67 12.09
CA LEU B 218 15.24 -37.15 12.96
C LEU B 218 14.12 -37.67 12.06
N PRO B 219 13.41 -38.74 12.47
CA PRO B 219 12.35 -39.32 11.64
C PRO B 219 11.25 -38.31 11.27
N GLU B 220 10.97 -38.20 9.97
CA GLU B 220 9.89 -37.34 9.42
C GLU B 220 8.54 -37.79 10.00
N LYS B 221 8.39 -39.08 10.31
CA LYS B 221 7.12 -39.62 10.89
C LYS B 221 6.85 -38.92 12.22
N ASN B 222 7.89 -38.47 12.91
CA ASN B 222 7.76 -37.83 14.25
C ASN B 222 7.68 -36.31 14.14
N THR B 223 8.49 -35.69 13.28
CA THR B 223 8.54 -34.21 13.22
C THR B 223 9.12 -33.76 11.88
N ILE B 224 8.72 -32.56 11.46
CA ILE B 224 9.37 -31.83 10.34
C ILE B 224 9.35 -30.35 10.73
N GLU B 225 10.35 -29.61 10.28
CA GLU B 225 10.52 -28.16 10.59
C GLU B 225 9.82 -27.33 9.51
N SER B 226 9.27 -26.19 9.92
CA SER B 226 8.72 -25.15 9.03
C SER B 226 9.37 -23.82 9.42
N PHE B 227 9.49 -22.91 8.45
CA PHE B 227 10.27 -21.67 8.61
C PHE B 227 9.39 -20.47 8.26
N GLU B 228 9.25 -19.56 9.21
CA GLU B 228 8.28 -18.46 9.16
C GLU B 228 9.01 -17.13 8.95
N GLY B 229 8.79 -16.51 7.80
CA GLY B 229 9.33 -15.17 7.49
C GLY B 229 8.39 -14.08 7.98
N LYS B 230 8.88 -12.86 7.94
CA LYS B 230 8.14 -11.64 8.34
C LYS B 230 8.66 -10.50 7.47
N LEU B 231 7.82 -9.53 7.12
CA LEU B 231 8.27 -8.32 6.40
C LEU B 231 8.89 -7.34 7.40
N PHE B 232 8.20 -7.03 8.51
CA PHE B 232 8.71 -6.07 9.51
C PHE B 232 8.01 -6.30 10.85
N GLY B 233 8.69 -5.93 11.94
CA GLY B 233 8.13 -5.93 13.30
C GLY B 233 8.43 -4.64 14.03
N THR B 234 7.72 -4.39 15.12
CA THR B 234 7.94 -3.22 16.01
C THR B 234 9.39 -3.22 16.49
N GLY B 235 10.07 -2.07 16.35
CA GLY B 235 11.48 -1.88 16.76
C GLY B 235 12.45 -2.60 15.85
N ILE B 236 11.96 -3.27 14.80
CA ILE B 236 12.79 -4.01 13.82
C ILE B 236 12.22 -3.74 12.43
N GLU B 237 11.92 -2.48 12.10
CA GLU B 237 11.05 -2.15 10.94
C GLU B 237 11.81 -2.23 9.59
N SER B 238 13.11 -1.95 9.55
CA SER B 238 13.82 -1.63 8.27
C SER B 238 14.31 -2.88 7.55
N TYR B 239 14.64 -3.94 8.26
CA TYR B 239 15.21 -5.17 7.66
C TYR B 239 14.87 -6.37 8.54
N THR B 240 14.41 -7.44 7.90
CA THR B 240 14.16 -8.74 8.53
C THR B 240 15.11 -9.76 7.90
N THR B 241 15.99 -10.34 8.69
CA THR B 241 17.02 -11.30 8.18
C THR B 241 16.29 -12.45 7.50
N GLY B 242 15.33 -13.07 8.20
CA GLY B 242 14.52 -14.18 7.68
C GLY B 242 13.35 -13.69 6.86
N SER B 243 13.58 -13.35 5.60
CA SER B 243 12.53 -12.81 4.69
C SER B 243 11.70 -13.96 4.14
N HIS B 244 10.54 -13.64 3.57
CA HIS B 244 9.66 -14.63 2.89
C HIS B 244 10.43 -15.31 1.75
N GLU B 245 11.20 -14.54 0.97
CA GLU B 245 11.97 -15.10 -0.16
C GLU B 245 13.03 -16.06 0.41
N PHE B 246 13.77 -15.62 1.43
CA PHE B 246 14.84 -16.42 2.03
C PHE B 246 14.26 -17.78 2.47
N TYR B 247 13.12 -17.78 3.16
CA TYR B 247 12.61 -19.05 3.75
C TYR B 247 11.92 -19.91 2.69
N GLN B 248 11.26 -19.35 1.69
CA GLN B 248 10.68 -20.18 0.61
C GLN B 248 11.84 -20.89 -0.10
N ASN B 249 12.92 -20.16 -0.38
CA ASN B 249 14.14 -20.74 -0.99
C ASN B 249 14.71 -21.82 -0.05
N TYR B 250 14.78 -21.51 1.23
CA TYR B 250 15.41 -22.41 2.22
C TYR B 250 14.58 -23.69 2.33
N ALA B 251 13.26 -23.56 2.46
CA ALA B 251 12.34 -24.72 2.58
C ALA B 251 12.52 -25.64 1.35
N ILE B 252 12.42 -25.06 0.15
CA ILE B 252 12.51 -25.85 -1.11
C ILE B 252 13.88 -26.55 -1.16
N SER B 253 14.97 -25.85 -0.84
CA SER B 253 16.33 -26.42 -1.04
C SER B 253 16.65 -27.46 0.05
N ARG B 254 16.11 -27.32 1.26
CA ARG B 254 16.46 -28.22 2.40
C ARG B 254 15.33 -29.21 2.64
N ASN B 255 14.30 -29.17 1.79
CA ASN B 255 13.17 -30.13 1.84
C ASN B 255 12.44 -30.03 3.18
N LYS B 256 12.10 -28.80 3.57
CA LYS B 256 11.36 -28.51 4.81
C LYS B 256 10.07 -27.77 4.42
N LEU B 257 9.27 -27.42 5.41
CA LEU B 257 7.98 -26.70 5.22
C LEU B 257 8.24 -25.19 5.22
N TRP B 258 7.36 -24.46 4.54
CA TRP B 258 7.37 -22.99 4.51
C TRP B 258 6.14 -22.50 5.28
N THR B 259 6.34 -21.60 6.24
CA THR B 259 5.24 -20.98 7.02
C THR B 259 4.84 -19.65 6.39
N ILE B 260 3.57 -19.56 6.02
CA ILE B 260 2.91 -18.32 5.52
C ILE B 260 2.01 -17.78 6.64
N ASP B 261 2.39 -16.66 7.25
CA ASP B 261 1.56 -15.97 8.26
C ASP B 261 0.84 -14.81 7.57
N ALA B 262 -0.50 -14.85 7.50
CA ALA B 262 -1.34 -13.90 6.74
C ALA B 262 -1.12 -12.45 7.19
N GLY B 263 -0.52 -12.21 8.35
CA GLY B 263 -0.32 -10.84 8.90
C GLY B 263 1.04 -10.24 8.56
N HIS B 264 1.90 -10.99 7.86
CA HIS B 264 3.35 -10.67 7.80
C HIS B 264 3.78 -10.20 6.40
N PHE B 265 2.86 -9.77 5.54
CA PHE B 265 3.17 -9.38 4.14
C PHE B 265 2.90 -7.89 3.90
N HIS B 266 3.05 -7.46 2.64
CA HIS B 266 2.91 -6.04 2.25
C HIS B 266 1.44 -5.65 2.28
N PRO B 267 1.18 -4.33 2.40
CA PRO B 267 -0.17 -3.81 2.18
C PRO B 267 -0.67 -4.31 0.82
N THR B 268 -1.91 -4.83 0.79
CA THR B 268 -2.65 -5.34 -0.41
C THR B 268 -2.13 -6.71 -0.84
N GLU B 269 -1.13 -7.27 -0.16
CA GLU B 269 -0.54 -8.55 -0.61
C GLU B 269 -1.52 -9.69 -0.30
N ASP B 270 -1.79 -10.55 -1.28
CA ASP B 270 -2.74 -11.68 -1.18
C ASP B 270 -1.96 -12.98 -0.98
N VAL B 271 -1.83 -13.45 0.25
CA VAL B 271 -0.98 -14.64 0.53
C VAL B 271 -1.58 -15.88 -0.16
N SER B 272 -2.86 -15.88 -0.52
CA SER B 272 -3.52 -17.01 -1.22
C SER B 272 -2.91 -17.19 -2.63
N ASP B 273 -2.22 -16.18 -3.13
CA ASP B 273 -1.51 -16.26 -4.44
C ASP B 273 -0.31 -17.21 -4.35
N LYS B 274 0.24 -17.40 -3.14
CA LYS B 274 1.58 -18.04 -2.98
C LYS B 274 1.49 -19.55 -3.18
N PHE B 275 0.37 -20.19 -2.82
CA PHE B 275 0.32 -21.67 -2.70
C PHE B 275 0.71 -22.31 -4.04
N SER B 276 0.08 -21.85 -5.13
CA SER B 276 0.18 -22.46 -6.48
C SER B 276 1.54 -22.15 -7.11
N ALA B 277 2.29 -21.17 -6.58
CA ALA B 277 3.67 -20.84 -7.03
C ALA B 277 4.68 -21.67 -6.23
N PHE B 278 4.26 -22.19 -5.07
CA PHE B 278 5.14 -22.98 -4.16
C PHE B 278 5.09 -24.46 -4.51
N PHE B 279 3.89 -25.01 -4.70
CA PHE B 279 3.70 -26.48 -4.71
C PHE B 279 4.30 -27.16 -5.95
N PRO B 280 4.60 -26.48 -7.09
CA PRO B 280 5.35 -27.17 -8.14
C PRO B 280 6.78 -27.48 -7.73
N PHE B 281 7.26 -26.91 -6.61
CA PHE B 281 8.69 -26.97 -6.22
C PHE B 281 8.85 -27.55 -4.80
N GLY B 282 7.90 -27.26 -3.90
CA GLY B 282 8.07 -27.48 -2.46
C GLY B 282 7.23 -28.62 -1.91
N LYS B 283 7.44 -28.94 -0.64
CA LYS B 283 6.94 -30.16 0.03
C LYS B 283 5.61 -29.89 0.75
N GLY B 284 5.50 -28.76 1.45
CA GLY B 284 4.33 -28.48 2.29
C GLY B 284 4.38 -27.09 2.90
N LEU B 285 3.23 -26.65 3.40
CA LEU B 285 3.02 -25.32 3.99
C LEU B 285 2.48 -25.46 5.41
N PHE B 286 2.88 -24.53 6.26
CA PHE B 286 2.19 -24.21 7.53
C PHE B 286 1.53 -22.85 7.35
N MET B 287 0.21 -22.82 7.30
CA MET B 287 -0.52 -21.55 7.06
C MET B 287 -1.02 -21.03 8.40
N HIS B 288 -0.47 -19.90 8.85
CA HIS B 288 -0.87 -19.19 10.08
C HIS B 288 -1.92 -18.15 9.70
N VAL B 289 -3.19 -18.42 9.97
CA VAL B 289 -4.26 -17.41 9.73
C VAL B 289 -4.21 -16.42 10.90
N SER B 290 -4.16 -15.14 10.57
CA SER B 290 -3.91 -14.01 11.49
C SER B 290 -4.46 -12.78 10.77
N ARG B 291 -5.06 -11.85 11.49
CA ARG B 291 -5.63 -10.63 10.85
C ARG B 291 -4.70 -9.47 11.15
N PRO B 292 -3.98 -8.93 10.14
CA PRO B 292 -3.28 -7.66 10.29
C PRO B 292 -4.24 -6.50 10.08
N VAL B 293 -4.22 -5.52 10.98
CA VAL B 293 -4.93 -4.22 10.77
C VAL B 293 -3.87 -3.13 10.66
N ARG B 294 -3.34 -3.00 9.43
CA ARG B 294 -2.42 -1.93 8.96
C ARG B 294 -0.98 -2.17 9.43
N TRP B 295 -0.77 -3.16 10.30
CA TRP B 295 0.57 -3.70 10.65
C TRP B 295 0.38 -5.14 11.13
N ASP B 296 1.46 -5.80 11.54
CA ASP B 296 1.38 -7.19 12.08
C ASP B 296 0.76 -7.15 13.48
N SER B 297 -0.54 -6.86 13.57
CA SER B 297 -1.26 -6.48 14.82
C SER B 297 -1.80 -7.73 15.52
N ASP B 298 -1.85 -8.87 14.83
CA ASP B 298 -2.23 -10.19 15.41
C ASP B 298 -3.66 -10.11 15.95
N HIS B 299 -4.56 -9.46 15.21
CA HIS B 299 -6.01 -9.41 15.54
C HIS B 299 -6.60 -10.82 15.36
N VAL B 300 -7.68 -11.09 16.10
CA VAL B 300 -8.45 -12.36 15.95
C VAL B 300 -8.89 -12.49 14.49
N VAL B 301 -8.72 -13.69 13.94
CA VAL B 301 -9.16 -14.04 12.57
C VAL B 301 -10.68 -13.87 12.48
N ILE B 302 -11.14 -13.17 11.44
CA ILE B 302 -12.58 -12.97 11.14
C ILE B 302 -12.82 -13.35 9.69
N MET B 303 -14.08 -13.56 9.32
CA MET B 303 -14.45 -13.85 7.91
C MET B 303 -14.34 -12.56 7.09
N ASP B 304 -13.18 -12.38 6.44
CA ASP B 304 -12.88 -11.21 5.59
C ASP B 304 -12.29 -11.71 4.27
N ASP B 305 -11.97 -10.79 3.36
CA ASP B 305 -11.50 -11.14 2.00
C ASP B 305 -10.28 -12.05 2.14
N ALA B 306 -9.35 -11.72 3.04
CA ALA B 306 -8.09 -12.48 3.18
C ALA B 306 -8.43 -13.91 3.58
N LEU B 307 -9.27 -14.10 4.59
CA LEU B 307 -9.58 -15.48 5.06
C LEU B 307 -10.33 -16.23 3.95
N ILE B 308 -11.27 -15.57 3.29
CA ILE B 308 -12.10 -16.19 2.23
C ILE B 308 -11.16 -16.64 1.11
N ARG B 309 -10.21 -15.79 0.72
CA ARG B 309 -9.28 -16.10 -0.40
C ARG B 309 -8.33 -17.22 0.01
N ILE B 310 -7.75 -17.15 1.22
CA ILE B 310 -6.86 -18.22 1.74
C ILE B 310 -7.60 -19.56 1.65
N THR B 311 -8.77 -19.65 2.26
CA THR B 311 -9.52 -20.92 2.40
C THR B 311 -9.96 -21.43 1.02
N ARG B 312 -10.50 -20.57 0.15
CA ARG B 312 -11.04 -21.05 -1.14
C ARG B 312 -9.87 -21.43 -2.06
N SER B 313 -8.70 -20.78 -1.95
CA SER B 313 -7.52 -21.11 -2.77
C SER B 313 -6.99 -22.50 -2.36
N LEU B 314 -7.01 -22.83 -1.07
CA LEU B 314 -6.60 -24.18 -0.59
C LEU B 314 -7.62 -25.23 -1.06
N VAL B 315 -8.91 -24.93 -0.98
CA VAL B 315 -9.98 -25.91 -1.33
C VAL B 315 -10.02 -26.11 -2.85
N ARG B 316 -10.05 -25.03 -3.62
CA ARG B 316 -10.27 -25.12 -5.08
C ARG B 316 -9.10 -25.87 -5.74
N ASP B 317 -7.87 -25.67 -5.25
CA ASP B 317 -6.66 -26.23 -5.90
C ASP B 317 -6.20 -27.50 -5.17
N GLY B 318 -6.96 -27.96 -4.19
CA GLY B 318 -6.75 -29.29 -3.56
C GLY B 318 -5.46 -29.36 -2.77
N TYR B 319 -5.13 -28.29 -2.02
CA TYR B 319 -3.85 -28.19 -1.27
C TYR B 319 -4.02 -28.49 0.23
N LEU B 320 -5.23 -28.80 0.73
CA LEU B 320 -5.41 -28.94 2.20
C LEU B 320 -4.52 -30.04 2.75
N ASP B 321 -4.37 -31.16 2.03
CA ASP B 321 -3.63 -32.36 2.49
C ASP B 321 -2.12 -32.07 2.57
N ARG B 322 -1.65 -30.95 2.01
CA ARG B 322 -0.21 -30.55 2.07
C ARG B 322 -0.07 -29.22 2.82
N THR B 323 -1.16 -28.73 3.41
CA THR B 323 -1.19 -27.42 4.12
C THR B 323 -1.74 -27.62 5.54
N HIS B 324 -0.89 -27.46 6.55
CA HIS B 324 -1.29 -27.41 7.98
C HIS B 324 -1.82 -26.01 8.26
N ILE B 325 -3.04 -25.90 8.78
CA ILE B 325 -3.63 -24.57 9.09
C ILE B 325 -3.49 -24.36 10.60
N GLY B 326 -2.79 -23.29 10.98
CA GLY B 326 -2.63 -22.89 12.38
C GLY B 326 -3.25 -21.52 12.59
N LEU B 327 -3.74 -21.27 13.80
CA LEU B 327 -4.18 -19.91 14.20
C LEU B 327 -2.97 -19.18 14.78
N ASP B 328 -2.86 -17.88 14.51
CA ASP B 328 -1.84 -17.04 15.18
C ASP B 328 -2.45 -15.66 15.35
N PHE B 329 -2.79 -15.34 16.58
CA PHE B 329 -3.28 -14.00 16.98
C PHE B 329 -3.14 -13.89 18.49
N PHE B 330 -3.25 -12.67 18.98
CA PHE B 330 -3.10 -12.34 20.41
C PHE B 330 -3.94 -11.10 20.68
N ASP B 331 -5.13 -11.28 21.23
CA ASP B 331 -6.02 -10.16 21.63
C ASP B 331 -6.43 -10.38 23.09
N ALA B 332 -5.92 -9.55 23.99
CA ALA B 332 -6.16 -9.63 25.46
C ALA B 332 -7.23 -8.61 25.87
N THR B 333 -7.82 -7.89 24.91
CA THR B 333 -8.87 -6.87 25.20
C THR B 333 -10.24 -7.55 25.33
N ILE B 334 -10.33 -8.83 24.95
CA ILE B 334 -11.61 -9.59 24.96
C ILE B 334 -11.41 -10.91 25.71
N ASN B 335 -12.50 -11.60 26.00
CA ASN B 335 -12.43 -12.95 26.60
C ASN B 335 -11.48 -13.80 25.75
N ARG B 336 -10.39 -14.28 26.34
CA ARG B 336 -9.29 -14.93 25.59
C ARG B 336 -9.76 -16.27 25.04
N VAL B 337 -10.66 -16.97 25.75
CA VAL B 337 -11.27 -18.24 25.27
C VAL B 337 -12.18 -17.95 24.06
N ALA B 338 -13.00 -16.91 24.13
CA ALA B 338 -13.89 -16.49 23.02
C ALA B 338 -13.03 -16.18 21.78
N ALA B 339 -11.88 -15.54 21.96
CA ALA B 339 -10.95 -15.19 20.86
C ALA B 339 -10.67 -16.45 20.02
N TRP B 340 -10.24 -17.53 20.66
CA TRP B 340 -9.96 -18.81 19.97
C TRP B 340 -11.18 -19.25 19.15
N VAL B 341 -12.36 -19.23 19.76
CA VAL B 341 -13.59 -19.78 19.12
C VAL B 341 -13.98 -18.88 17.94
N VAL B 342 -13.90 -17.56 18.08
CA VAL B 342 -14.23 -16.65 16.94
C VAL B 342 -13.33 -17.03 15.77
N GLY B 343 -12.03 -17.13 16.02
CA GLY B 343 -11.01 -17.33 14.98
C GLY B 343 -11.18 -18.68 14.31
N ALA B 344 -11.37 -19.73 15.11
CA ALA B 344 -11.53 -21.12 14.61
C ALA B 344 -12.81 -21.22 13.78
N ARG B 345 -13.94 -20.73 14.31
CA ARG B 345 -15.25 -20.79 13.59
C ARG B 345 -15.18 -19.97 12.29
N ALA B 346 -14.56 -18.80 12.30
CA ALA B 346 -14.39 -17.98 11.08
C ALA B 346 -13.66 -18.82 10.01
N THR B 347 -12.59 -19.51 10.40
CA THR B 347 -11.77 -20.30 9.46
C THR B 347 -12.61 -21.47 8.93
N GLN B 348 -13.34 -22.16 9.80
CA GLN B 348 -14.13 -23.34 9.41
C GLN B 348 -15.26 -22.95 8.44
N LYS B 349 -16.01 -21.89 8.73
CA LYS B 349 -17.18 -21.51 7.90
C LYS B 349 -16.66 -21.03 6.54
N SER B 350 -15.46 -20.46 6.51
CA SER B 350 -14.82 -19.97 5.27
C SER B 350 -14.38 -21.15 4.40
N LEU B 351 -13.70 -22.14 5.00
CA LEU B 351 -13.41 -23.42 4.33
C LEU B 351 -14.73 -24.04 3.80
N LEU B 352 -15.74 -24.12 4.64
CA LEU B 352 -17.01 -24.78 4.26
C LEU B 352 -17.65 -24.05 3.07
N GLN B 353 -17.70 -22.72 3.09
CA GLN B 353 -18.31 -21.97 1.97
C GLN B 353 -17.56 -22.33 0.68
N ALA B 354 -16.24 -22.42 0.73
CA ALA B 354 -15.41 -22.76 -0.44
C ALA B 354 -15.73 -24.19 -0.90
N MET B 355 -15.98 -25.10 0.03
CA MET B 355 -16.31 -26.52 -0.27
C MET B 355 -17.71 -26.63 -0.87
N LEU B 356 -18.57 -25.62 -0.67
CA LEU B 356 -19.97 -25.62 -1.13
C LEU B 356 -20.10 -24.96 -2.52
N ALA B 357 -19.05 -24.96 -3.32
CA ALA B 357 -19.11 -24.43 -4.70
C ALA B 357 -19.06 -25.61 -5.68
N PRO B 358 -19.69 -25.48 -6.86
CA PRO B 358 -19.55 -26.49 -7.91
C PRO B 358 -18.19 -26.31 -8.61
N ILE B 359 -17.12 -26.69 -7.91
CA ILE B 359 -15.74 -26.30 -8.30
C ILE B 359 -15.39 -26.92 -9.65
N ASP B 360 -15.75 -28.20 -9.88
CA ASP B 360 -15.40 -28.89 -11.15
C ASP B 360 -16.06 -28.16 -12.32
N GLN B 361 -17.32 -27.75 -12.19
CA GLN B 361 -18.06 -27.07 -13.29
C GLN B 361 -17.49 -25.65 -13.46
N LEU B 362 -17.24 -24.95 -12.36
CA LEU B 362 -16.65 -23.58 -12.42
C LEU B 362 -15.29 -23.64 -13.12
N LYS B 363 -14.49 -24.67 -12.85
CA LYS B 363 -13.16 -24.86 -13.50
C LYS B 363 -13.37 -25.04 -15.01
N LYS B 364 -14.36 -25.82 -15.44
CA LYS B 364 -14.61 -26.06 -16.89
C LYS B 364 -15.04 -24.73 -17.55
N ASP B 365 -15.93 -23.98 -16.90
CA ASP B 365 -16.45 -22.69 -17.43
C ASP B 365 -15.24 -21.77 -17.64
N GLU B 366 -14.34 -21.73 -16.67
CA GLU B 366 -13.14 -20.87 -16.69
C GLU B 366 -12.18 -21.32 -17.80
N LEU B 367 -12.02 -22.62 -17.99
CA LEU B 367 -11.15 -23.16 -19.07
C LEU B 367 -11.73 -22.73 -20.42
N ASN B 368 -13.06 -22.57 -20.50
CA ASN B 368 -13.76 -22.15 -21.73
C ASN B 368 -13.83 -20.62 -21.81
N ALA B 369 -13.17 -19.91 -20.89
CA ALA B 369 -13.07 -18.42 -20.84
C ALA B 369 -14.48 -17.82 -20.68
N ASP B 370 -15.40 -18.57 -20.06
CA ASP B 370 -16.76 -18.06 -19.76
C ASP B 370 -16.68 -17.25 -18.46
N PHE B 371 -16.12 -16.04 -18.52
CA PHE B 371 -15.87 -15.18 -17.34
C PHE B 371 -17.18 -14.59 -16.84
N THR B 372 -18.20 -14.48 -17.70
CA THR B 372 -19.56 -14.01 -17.32
C THR B 372 -20.16 -15.00 -16.30
N THR B 373 -20.21 -16.27 -16.65
CA THR B 373 -20.79 -17.33 -15.78
C THR B 373 -19.99 -17.38 -14.47
N ARG B 374 -18.65 -17.33 -14.56
CA ARG B 374 -17.82 -17.39 -13.34
C ARG B 374 -18.19 -16.23 -12.40
N LEU B 375 -18.29 -15.01 -12.92
CA LEU B 375 -18.58 -13.84 -12.07
C LEU B 375 -19.97 -14.01 -11.45
N ILE B 376 -20.98 -14.31 -12.26
CA ILE B 376 -22.38 -14.41 -11.76
C ILE B 376 -22.44 -15.46 -10.64
N GLU B 377 -21.91 -16.67 -10.89
CA GLU B 377 -22.07 -17.80 -9.94
C GLU B 377 -21.28 -17.53 -8.65
N THR B 378 -20.02 -17.07 -8.73
CA THR B 378 -19.19 -16.82 -7.51
C THR B 378 -19.89 -15.77 -6.64
N GLU B 379 -20.52 -14.77 -7.26
CA GLU B 379 -21.24 -13.72 -6.50
C GLU B 379 -22.53 -14.31 -5.91
N GLU B 380 -23.28 -15.12 -6.66
CA GLU B 380 -24.53 -15.72 -6.13
C GLU B 380 -24.20 -16.63 -4.95
N LEU B 381 -23.09 -17.37 -5.01
CA LEU B 381 -22.74 -18.38 -3.97
C LEU B 381 -22.49 -17.66 -2.64
N LYS B 382 -22.12 -16.38 -2.67
CA LYS B 382 -21.82 -15.62 -1.43
C LYS B 382 -23.09 -15.44 -0.60
N SER B 383 -24.28 -15.55 -1.19
CA SER B 383 -25.58 -15.45 -0.49
C SER B 383 -26.39 -16.76 -0.63
N PHE B 384 -25.76 -17.85 -1.06
CA PHE B 384 -26.37 -19.20 -0.91
C PHE B 384 -26.43 -19.49 0.59
N PRO B 385 -27.23 -20.49 1.02
CA PRO B 385 -27.40 -20.77 2.44
C PRO B 385 -26.26 -21.59 3.07
N PHE B 386 -25.03 -21.05 2.98
CA PHE B 386 -23.83 -21.72 3.53
C PHE B 386 -23.96 -21.79 5.06
N GLY B 387 -24.63 -20.79 5.66
CA GLY B 387 -24.83 -20.72 7.11
C GLY B 387 -25.64 -21.90 7.63
N ALA B 388 -26.59 -22.40 6.83
CA ALA B 388 -27.45 -23.55 7.19
C ALA B 388 -26.60 -24.82 7.25
N VAL B 389 -25.62 -24.94 6.36
CA VAL B 389 -24.70 -26.11 6.36
C VAL B 389 -23.75 -25.97 7.56
N TRP B 390 -23.28 -24.75 7.83
CA TRP B 390 -22.38 -24.48 8.98
C TRP B 390 -23.09 -24.81 10.29
N ASP B 391 -24.34 -24.35 10.46
CA ASP B 391 -25.14 -24.61 11.68
C ASP B 391 -25.31 -26.14 11.85
N LYS B 392 -25.63 -26.85 10.78
CA LYS B 392 -25.83 -28.31 10.82
C LYS B 392 -24.51 -28.96 11.28
N PHE B 393 -23.37 -28.50 10.76
CA PHE B 393 -22.04 -29.02 11.13
C PHE B 393 -21.81 -28.80 12.64
N CYS B 394 -22.11 -27.62 13.15
CA CYS B 394 -21.95 -27.27 14.58
C CYS B 394 -22.80 -28.24 15.41
N GLN B 395 -24.07 -28.37 15.04
CA GLN B 395 -25.04 -29.20 15.78
C GLN B 395 -24.63 -30.68 15.72
N ASP B 396 -24.27 -31.17 14.53
CA ASP B 396 -23.84 -32.58 14.32
C ASP B 396 -22.66 -32.90 15.24
N HIS B 397 -21.83 -31.90 15.56
CA HIS B 397 -20.57 -32.11 16.32
C HIS B 397 -20.72 -31.62 17.75
N ASN B 398 -21.97 -31.44 18.20
CA ASN B 398 -22.27 -31.19 19.64
C ASN B 398 -21.62 -29.88 20.09
N THR B 399 -21.81 -28.81 19.30
CA THR B 399 -21.40 -27.42 19.65
C THR B 399 -22.59 -26.50 19.42
N PRO B 400 -22.66 -25.38 20.16
CA PRO B 400 -23.79 -24.46 20.06
C PRO B 400 -23.85 -23.75 18.69
N VAL B 401 -25.07 -23.40 18.29
CA VAL B 401 -25.38 -22.75 16.99
C VAL B 401 -25.46 -21.23 17.18
N GLY B 402 -24.83 -20.48 16.27
CA GLY B 402 -24.98 -19.02 16.18
C GLY B 402 -24.55 -18.33 17.46
N PHE B 403 -25.36 -17.39 17.97
CA PHE B 403 -25.07 -16.60 19.20
C PHE B 403 -24.98 -17.52 20.43
N ASP B 404 -25.50 -18.74 20.36
CA ASP B 404 -25.76 -19.59 21.56
C ASP B 404 -24.46 -19.86 22.33
N TRP B 405 -23.29 -19.95 21.68
CA TRP B 405 -22.06 -20.31 22.43
C TRP B 405 -21.62 -19.15 23.34
N MET B 406 -22.19 -17.95 23.19
CA MET B 406 -21.96 -16.86 24.17
C MET B 406 -22.47 -17.27 25.56
N ASN B 407 -23.50 -18.11 25.65
CA ASN B 407 -24.01 -18.59 26.96
C ASN B 407 -22.89 -19.36 27.65
N ASN B 408 -22.19 -20.20 26.89
CA ASN B 408 -21.11 -21.08 27.38
C ASN B 408 -19.98 -20.19 27.92
N ILE B 409 -19.63 -19.15 27.17
CA ILE B 409 -18.56 -18.19 27.57
C ILE B 409 -18.99 -17.50 28.88
N HIS B 410 -20.22 -16.99 28.94
CA HIS B 410 -20.75 -16.30 30.14
C HIS B 410 -20.69 -17.24 31.36
N GLN B 411 -21.06 -18.51 31.19
CA GLN B 411 -21.03 -19.52 32.28
C GLN B 411 -19.56 -19.76 32.67
N TYR B 412 -18.65 -19.85 31.70
CA TYR B 412 -17.22 -20.13 31.95
C TYR B 412 -16.61 -18.93 32.67
N GLU B 413 -17.02 -17.71 32.31
CA GLU B 413 -16.61 -16.47 33.01
C GLU B 413 -17.04 -16.55 34.48
N LYS B 414 -18.32 -16.87 34.71
CA LYS B 414 -18.92 -16.92 36.06
C LYS B 414 -18.20 -18.00 36.89
N ASP B 415 -18.04 -19.20 36.35
CA ASP B 415 -17.62 -20.39 37.14
C ASP B 415 -16.10 -20.48 37.27
N VAL B 416 -15.34 -19.88 36.33
CA VAL B 416 -13.87 -20.10 36.23
C VAL B 416 -13.11 -18.78 36.11
N GLN B 417 -13.25 -18.07 34.99
CA GLN B 417 -12.35 -16.97 34.61
C GLN B 417 -12.43 -15.85 35.65
N PHE B 418 -13.63 -15.43 36.03
CA PHE B 418 -13.84 -14.23 36.88
C PHE B 418 -13.46 -14.53 38.34
N LYS B 419 -13.35 -15.80 38.70
CA LYS B 419 -12.98 -16.23 40.08
C LYS B 419 -11.46 -16.19 40.27
N ARG B 420 -10.67 -16.13 39.20
CA ARG B 420 -9.18 -16.13 39.24
C ARG B 420 -8.66 -14.85 39.90
N MET C 1 39.20 16.96 10.31
CA MET C 1 38.45 18.22 10.53
C MET C 1 38.44 19.03 9.23
N VAL C 2 37.27 19.45 8.75
CA VAL C 2 37.15 20.24 7.50
C VAL C 2 37.82 21.60 7.73
N LYS C 3 38.44 22.19 6.69
CA LYS C 3 39.16 23.48 6.76
C LYS C 3 38.23 24.61 6.31
N PRO C 4 37.98 25.65 7.16
CA PRO C 4 37.05 26.74 6.85
C PRO C 4 37.33 27.39 5.49
N GLU C 5 38.62 27.59 5.16
CA GLU C 5 39.01 28.28 3.90
C GLU C 5 38.58 27.41 2.72
N GLU C 6 38.55 26.08 2.90
CA GLU C 6 38.19 25.12 1.82
C GLU C 6 36.67 25.07 1.65
N VAL C 7 35.93 25.19 2.75
CA VAL C 7 34.44 25.33 2.67
C VAL C 7 34.13 26.62 1.89
N ASP C 8 34.80 27.71 2.23
CA ASP C 8 34.59 29.04 1.59
C ASP C 8 34.88 28.94 0.09
N LYS C 9 35.95 28.24 -0.27
CA LYS C 9 36.41 28.08 -1.68
C LYS C 9 35.37 27.25 -2.46
N ALA C 10 34.90 26.13 -1.89
CA ALA C 10 33.94 25.21 -2.54
C ALA C 10 32.59 25.93 -2.70
N TYR C 11 32.26 26.80 -1.74
CA TYR C 11 31.05 27.66 -1.82
C TYR C 11 31.15 28.62 -3.01
N GLU C 12 32.28 29.29 -3.19
CA GLU C 12 32.46 30.25 -4.31
C GLU C 12 32.22 29.53 -5.65
N VAL C 13 32.70 28.29 -5.80
CA VAL C 13 32.55 27.49 -7.06
C VAL C 13 31.06 27.14 -7.24
N ALA C 14 30.40 26.68 -6.17
CA ALA C 14 28.97 26.30 -6.20
C ALA C 14 28.13 27.54 -6.54
N LYS C 15 28.49 28.67 -5.94
CA LYS C 15 27.80 29.97 -6.17
C LYS C 15 27.79 30.25 -7.68
N GLN C 16 28.93 30.04 -8.35
CA GLN C 16 29.07 30.28 -9.81
C GLN C 16 28.25 29.23 -10.58
N ARG C 17 28.32 27.94 -10.20
CA ARG C 17 27.55 26.88 -10.92
C ARG C 17 26.08 27.27 -10.89
N TYR C 18 25.58 27.69 -9.72
CA TYR C 18 24.15 28.04 -9.50
C TYR C 18 23.82 29.36 -10.21
N ALA C 19 24.70 30.36 -10.14
CA ALA C 19 24.47 31.67 -10.81
C ALA C 19 24.26 31.43 -12.30
N GLU C 20 24.98 30.47 -12.88
CA GLU C 20 24.94 30.19 -14.35
C GLU C 20 23.57 29.64 -14.74
N ILE C 21 22.77 29.14 -13.80
CA ILE C 21 21.38 28.67 -14.10
C ILE C 21 20.36 29.59 -13.42
N GLY C 22 20.78 30.79 -13.01
CA GLY C 22 19.86 31.83 -12.51
C GLY C 22 19.46 31.62 -11.07
N VAL C 23 20.30 30.95 -10.28
CA VAL C 23 20.05 30.70 -8.84
C VAL C 23 21.07 31.48 -8.00
N ASP C 24 20.57 32.23 -7.03
CA ASP C 24 21.37 33.06 -6.09
C ASP C 24 21.55 32.30 -4.76
N THR C 25 22.74 31.71 -4.55
CA THR C 25 23.06 30.88 -3.36
C THR C 25 23.03 31.73 -2.08
N ASP C 26 23.47 32.99 -2.13
CA ASP C 26 23.47 33.86 -0.91
C ASP C 26 22.01 34.08 -0.47
N ALA C 27 21.10 34.33 -1.41
CA ALA C 27 19.66 34.57 -1.15
C ALA C 27 19.01 33.27 -0.67
N ALA C 28 19.42 32.11 -1.19
CA ALA C 28 18.89 30.79 -0.76
C ALA C 28 19.21 30.58 0.73
N MET C 29 20.43 30.93 1.13
CA MET C 29 20.89 30.74 2.53
C MET C 29 20.12 31.70 3.44
N LYS C 30 19.81 32.91 2.96
CA LYS C 30 19.02 33.91 3.73
C LYS C 30 17.60 33.38 3.94
N GLU C 31 17.01 32.75 2.91
CA GLU C 31 15.67 32.12 2.98
C GLU C 31 15.67 31.01 4.03
N LEU C 32 16.71 30.15 4.06
CA LEU C 32 16.78 29.02 5.01
C LEU C 32 16.80 29.55 6.46
N GLU C 33 17.45 30.70 6.68
CA GLU C 33 17.60 31.32 8.03
C GLU C 33 16.22 31.59 8.63
N LYS C 34 15.22 31.85 7.78
CA LYS C 34 13.86 32.31 8.20
C LYS C 34 12.97 31.10 8.51
N VAL C 35 13.50 29.87 8.47
CA VAL C 35 12.69 28.65 8.73
C VAL C 35 13.13 28.01 10.03
N PRO C 36 12.48 28.37 11.15
CA PRO C 36 12.73 27.70 12.43
C PRO C 36 12.07 26.31 12.49
N LEU C 37 12.81 25.32 12.96
CA LEU C 37 12.28 23.96 13.22
C LEU C 37 11.93 23.86 14.70
N SER C 38 10.74 23.34 15.02
CA SER C 38 10.29 23.16 16.41
C SER C 38 10.76 21.78 16.90
N VAL C 39 11.85 21.79 17.67
CA VAL C 39 12.55 20.57 18.18
C VAL C 39 11.78 20.03 19.39
N HIS C 40 11.33 18.78 19.32
CA HIS C 40 10.45 18.16 20.34
C HIS C 40 11.27 17.71 21.55
N CYS C 41 10.87 18.12 22.74
CA CYS C 41 11.66 17.92 23.98
C CYS C 41 11.66 16.42 24.33
N TRP C 42 10.65 15.65 23.90
CA TRP C 42 10.38 14.30 24.46
C TRP C 42 11.34 13.25 23.90
N GLN C 43 12.08 13.53 22.84
CA GLN C 43 13.13 12.62 22.31
C GLN C 43 14.26 12.48 23.35
N GLY C 44 14.44 13.48 24.23
CA GLY C 44 15.57 13.53 25.19
C GLY C 44 15.39 12.58 26.39
N ASP C 45 14.15 12.23 26.73
CA ASP C 45 13.86 11.44 27.97
C ASP C 45 12.77 10.40 27.71
N ASP C 46 12.68 9.91 26.46
CA ASP C 46 11.75 8.82 26.08
C ASP C 46 10.34 9.15 26.58
N ILE C 47 9.94 10.42 26.48
CA ILE C 47 8.54 10.88 26.75
C ILE C 47 8.15 10.59 28.20
N HIS C 48 9.12 10.50 29.12
CA HIS C 48 8.86 10.27 30.57
C HIS C 48 8.24 11.53 31.20
N GLY C 49 8.74 12.71 30.83
CA GLY C 49 8.35 13.97 31.47
C GLY C 49 8.72 13.96 32.95
N PHE C 50 8.15 14.87 33.73
CA PHE C 50 8.51 15.11 35.16
C PHE C 50 7.27 15.06 36.07
N LEU C 51 6.08 15.01 35.50
CA LEU C 51 4.81 15.14 36.27
C LEU C 51 4.55 13.84 37.05
N PHE C 52 4.70 12.68 36.39
CA PHE C 52 4.38 11.34 36.96
C PHE C 52 5.62 10.45 36.82
N PRO C 53 6.58 10.56 37.76
CA PRO C 53 7.79 9.74 37.71
C PRO C 53 7.54 8.25 37.46
N GLY C 65 19.58 -2.16 27.11
CA GLY C 65 18.69 -2.41 25.97
C GLY C 65 18.58 -1.19 25.06
N ASN C 66 18.61 0.01 25.66
CA ASN C 66 18.51 1.33 24.99
C ASN C 66 19.82 2.11 25.18
N TYR C 67 19.99 3.20 24.44
CA TYR C 67 21.28 3.94 24.42
C TYR C 67 21.50 4.59 25.78
N PRO C 68 22.75 4.63 26.27
CA PRO C 68 23.06 5.28 27.54
C PRO C 68 22.74 6.78 27.55
N GLY C 69 22.61 7.34 28.76
CA GLY C 69 22.67 8.80 29.00
C GLY C 69 21.32 9.51 28.88
N ILE C 70 20.21 8.79 29.04
CA ILE C 70 18.85 9.42 28.98
C ILE C 70 18.80 10.58 29.98
N ALA C 71 18.13 11.68 29.63
CA ALA C 71 17.86 12.80 30.57
C ALA C 71 16.82 12.32 31.60
N ARG C 72 17.01 12.69 32.87
CA ARG C 72 16.12 12.24 33.97
C ARG C 72 15.62 13.45 34.78
N THR C 73 16.09 14.66 34.47
CA THR C 73 15.75 15.89 35.23
C THR C 73 15.57 17.05 34.25
N PRO C 74 14.86 18.12 34.63
CA PRO C 74 14.74 19.30 33.78
C PRO C 74 16.11 19.82 33.32
N ASP C 75 17.07 19.96 34.25
CA ASP C 75 18.42 20.51 33.98
C ASP C 75 19.12 19.63 32.92
N GLU C 76 19.01 18.31 33.06
CA GLU C 76 19.63 17.34 32.12
C GLU C 76 19.01 17.51 30.73
N LEU C 77 17.68 17.57 30.64
CA LEU C 77 16.96 17.66 29.34
C LEU C 77 17.27 19.02 28.71
N ALA C 78 17.23 20.09 29.53
CA ALA C 78 17.54 21.45 29.08
C ALA C 78 18.95 21.47 28.48
N GLY C 79 19.90 20.83 29.17
CA GLY C 79 21.30 20.72 28.73
C GLY C 79 21.43 19.95 27.42
N ASP C 80 20.71 18.84 27.30
CA ASP C 80 20.72 18.00 26.08
C ASP C 80 20.18 18.80 24.88
N MET C 81 19.07 19.54 25.06
CA MET C 81 18.49 20.36 23.97
C MET C 81 19.47 21.49 23.60
N HIS C 82 20.10 22.15 24.59
CA HIS C 82 21.14 23.17 24.34
C HIS C 82 22.23 22.57 23.44
N GLU C 83 22.70 21.37 23.77
CA GLU C 83 23.78 20.69 23.00
C GLU C 83 23.30 20.45 21.57
N ALA C 84 22.09 19.90 21.38
CA ALA C 84 21.54 19.64 20.02
C ALA C 84 21.48 20.95 19.23
N LEU C 85 20.88 21.99 19.81
CA LEU C 85 20.67 23.28 19.10
C LEU C 85 22.03 23.88 18.71
N SER C 86 23.08 23.66 19.51
CA SER C 86 24.45 24.20 19.27
C SER C 86 25.05 23.55 18.01
N LEU C 87 24.49 22.41 17.57
CA LEU C 87 24.98 21.64 16.41
C LEU C 87 24.01 21.78 15.24
N ILE C 88 22.94 22.56 15.41
CA ILE C 88 21.94 22.84 14.35
C ILE C 88 22.05 24.32 13.98
N PRO C 89 22.45 24.65 12.73
CA PRO C 89 22.73 26.03 12.36
C PRO C 89 21.43 26.86 12.30
N GLY C 90 21.50 28.11 12.75
CA GLY C 90 20.37 29.04 12.71
C GLY C 90 19.60 29.07 14.02
N LYS C 91 18.43 29.70 13.98
CA LYS C 91 17.57 29.97 15.15
C LYS C 91 16.31 29.09 15.06
N HIS C 92 16.01 28.34 16.12
CA HIS C 92 14.91 27.33 16.08
C HIS C 92 13.99 27.51 17.29
N ARG C 93 13.16 26.51 17.54
CA ARG C 93 12.09 26.54 18.57
C ARG C 93 12.11 25.19 19.27
N VAL C 94 11.43 25.09 20.42
CA VAL C 94 11.31 23.79 21.15
C VAL C 94 9.83 23.55 21.42
N GLN C 95 9.36 22.31 21.20
CA GLN C 95 8.00 21.89 21.61
C GLN C 95 8.06 21.26 23.00
N LEU C 96 7.18 21.72 23.90
CA LEU C 96 6.97 21.07 25.22
C LEU C 96 5.74 20.15 25.16
N HIS C 97 5.70 19.15 26.04
CA HIS C 97 4.46 18.42 26.42
C HIS C 97 4.05 18.87 27.83
N ALA C 98 2.76 18.82 28.14
CA ALA C 98 2.20 19.24 29.45
C ALA C 98 2.92 18.49 30.58
N ILE C 99 3.30 17.23 30.37
CA ILE C 99 3.95 16.42 31.44
C ILE C 99 5.38 16.92 31.72
N TYR C 100 5.89 17.92 30.99
CA TYR C 100 7.23 18.51 31.24
C TYR C 100 7.13 19.71 32.18
N ALA C 101 5.96 19.89 32.82
CA ALA C 101 5.76 20.85 33.93
C ALA C 101 6.90 20.69 34.95
N VAL C 102 7.43 21.80 35.47
CA VAL C 102 8.50 21.81 36.50
C VAL C 102 7.95 22.52 37.75
N THR C 103 7.59 21.75 38.77
CA THR C 103 6.95 22.27 40.01
C THR C 103 7.11 21.23 41.12
N ASP C 104 7.24 21.68 42.37
CA ASP C 104 7.30 20.77 43.55
C ASP C 104 5.89 20.61 44.12
N LYS C 105 4.89 21.28 43.52
CA LYS C 105 3.47 21.14 43.92
C LYS C 105 2.91 19.84 43.35
N LYS C 106 2.01 19.19 44.09
CA LYS C 106 1.27 18.00 43.62
C LYS C 106 0.31 18.45 42.52
N ARG C 107 0.52 17.96 41.30
CA ARG C 107 -0.26 18.36 40.11
C ARG C 107 -0.83 17.11 39.45
N ASP C 108 -2.00 17.24 38.82
CA ASP C 108 -2.52 16.27 37.83
C ASP C 108 -2.75 17.07 36.56
N LEU C 109 -3.13 16.42 35.46
CA LEU C 109 -3.24 17.11 34.15
C LEU C 109 -4.35 18.16 34.20
N ASP C 110 -5.34 18.03 35.09
CA ASP C 110 -6.50 18.96 35.19
C ASP C 110 -6.26 20.03 36.27
N THR C 111 -5.06 20.12 36.84
CA THR C 111 -4.72 21.15 37.87
C THR C 111 -3.39 21.84 37.56
N LEU C 112 -2.81 21.60 36.37
CA LEU C 112 -1.58 22.33 35.95
C LEU C 112 -1.89 23.83 35.92
N GLU C 113 -0.89 24.66 36.22
CA GLU C 113 -1.00 26.14 36.18
C GLU C 113 0.10 26.67 35.28
N PRO C 114 -0.15 27.80 34.59
CA PRO C 114 0.83 28.37 33.67
C PRO C 114 2.24 28.50 34.28
N GLU C 115 2.33 28.93 35.55
CA GLU C 115 3.61 29.18 36.26
C GLU C 115 4.44 27.90 36.36
N ASP C 116 3.79 26.73 36.22
CA ASP C 116 4.48 25.41 36.24
C ASP C 116 5.44 25.32 35.05
N PHE C 117 5.42 26.28 34.13
CA PHE C 117 6.26 26.28 32.91
C PHE C 117 7.24 27.47 32.92
N ASP C 118 7.35 28.16 34.05
CA ASP C 118 8.28 29.31 34.23
C ASP C 118 9.70 28.81 33.93
N TYR C 119 10.03 27.59 34.37
CA TYR C 119 11.36 26.97 34.15
C TYR C 119 11.69 26.99 32.66
N TRP C 120 10.74 26.62 31.80
CA TRP C 120 10.95 26.48 30.33
C TRP C 120 10.92 27.86 29.67
N ILE C 121 10.05 28.76 30.13
CA ILE C 121 10.06 30.19 29.68
C ILE C 121 11.46 30.77 29.94
N ASP C 122 11.97 30.60 31.15
CA ASP C 122 13.29 31.17 31.57
C ASP C 122 14.38 30.55 30.71
N TRP C 123 14.32 29.23 30.49
CA TRP C 123 15.31 28.50 29.66
C TRP C 123 15.23 29.00 28.21
N ALA C 124 14.03 29.18 27.66
CA ALA C 124 13.81 29.59 26.25
C ALA C 124 14.38 30.99 26.04
N LYS C 125 14.19 31.88 27.02
CA LYS C 125 14.71 33.26 26.97
C LYS C 125 16.24 33.23 26.88
N GLN C 126 16.87 32.48 27.78
CA GLN C 126 18.35 32.33 27.87
C GLN C 126 18.87 31.70 26.58
N GLU C 127 18.17 30.70 26.05
CA GLU C 127 18.58 29.92 24.85
C GLU C 127 18.32 30.76 23.59
N GLY C 128 17.34 31.67 23.64
CA GLY C 128 16.96 32.52 22.50
C GLY C 128 16.07 31.79 21.51
N VAL C 129 15.13 30.98 21.99
CA VAL C 129 14.21 30.19 21.12
C VAL C 129 12.77 30.45 21.56
N GLY C 130 11.82 30.27 20.64
CA GLY C 130 10.37 30.26 20.93
C GLY C 130 9.94 28.89 21.37
N LEU C 131 8.75 28.79 21.95
CA LEU C 131 8.20 27.50 22.48
C LEU C 131 6.85 27.22 21.82
N ASP C 132 6.66 25.97 21.40
CA ASP C 132 5.33 25.42 21.01
C ASP C 132 4.91 24.44 22.10
N PHE C 133 3.66 24.02 22.11
CA PHE C 133 3.09 23.26 23.24
C PHE C 133 2.25 22.10 22.73
N ASN C 134 2.17 21.05 23.54
CA ASN C 134 1.31 19.87 23.30
C ASN C 134 0.60 19.49 24.61
N GLY C 135 -0.73 19.48 24.60
CA GLY C 135 -1.51 18.84 25.68
C GLY C 135 -1.14 17.37 25.72
N THR C 136 -1.16 16.77 26.90
CA THR C 136 -0.79 15.33 27.07
C THR C 136 -2.06 14.52 27.31
N PHE C 137 -2.55 13.83 26.29
CA PHE C 137 -3.84 13.09 26.32
C PHE C 137 -3.56 11.57 26.30
N PHE C 138 -2.51 11.11 26.98
CA PHE C 138 -2.10 9.68 26.97
C PHE C 138 -1.34 9.35 28.24
N SER C 139 -1.14 8.04 28.48
CA SER C 139 -0.34 7.48 29.60
C SER C 139 -0.87 8.04 30.94
N HIS C 140 -2.12 7.75 31.24
CA HIS C 140 -2.86 8.30 32.40
C HIS C 140 -4.03 7.36 32.70
N PRO C 141 -4.36 7.13 33.98
CA PRO C 141 -5.46 6.25 34.34
C PRO C 141 -6.81 6.74 33.80
N MET C 142 -6.93 8.03 33.47
CA MET C 142 -8.20 8.62 32.96
C MET C 142 -8.33 8.37 31.46
N VAL C 143 -7.36 7.70 30.83
CA VAL C 143 -7.55 7.22 29.43
C VAL C 143 -8.37 5.94 29.54
N LYS C 144 -9.64 6.00 29.18
CA LYS C 144 -10.59 4.87 29.37
C LYS C 144 -10.85 4.21 28.02
N ASP C 145 -10.45 2.95 27.87
CA ASP C 145 -10.64 2.19 26.60
C ASP C 145 -10.11 3.07 25.45
N ASN C 146 -8.95 3.67 25.65
CA ASN C 146 -8.19 4.39 24.60
C ASN C 146 -8.91 5.70 24.22
N MET C 147 -9.82 6.20 25.04
CA MET C 147 -10.55 7.45 24.73
C MET C 147 -10.41 8.47 25.86
N THR C 148 -10.51 9.76 25.51
CA THR C 148 -10.20 10.89 26.41
C THR C 148 -11.29 11.93 26.21
N VAL C 149 -11.03 12.93 25.37
CA VAL C 149 -11.96 14.07 25.09
C VAL C 149 -13.29 13.53 24.54
N SER C 150 -13.27 12.46 23.74
CA SER C 150 -14.47 11.94 23.04
C SER C 150 -14.97 10.61 23.65
N SER C 151 -14.51 10.26 24.86
CA SER C 151 -15.04 9.11 25.63
C SER C 151 -16.56 9.21 25.76
N PRO C 152 -17.29 8.08 25.72
CA PRO C 152 -18.71 8.06 26.04
C PRO C 152 -18.99 8.35 27.52
N ASP C 153 -17.95 8.30 28.37
CA ASP C 153 -18.07 8.53 29.83
C ASP C 153 -17.93 10.03 30.13
N PRO C 154 -18.99 10.70 30.62
CA PRO C 154 -18.94 12.16 30.82
C PRO C 154 -17.86 12.61 31.81
N LYS C 155 -17.57 11.81 32.85
CA LYS C 155 -16.51 12.12 33.84
C LYS C 155 -15.15 12.15 33.13
N VAL C 156 -14.93 11.20 32.22
CA VAL C 156 -13.65 11.10 31.47
C VAL C 156 -13.54 12.31 30.53
N ARG C 157 -14.60 12.57 29.77
CA ARG C 157 -14.70 13.73 28.85
C ARG C 157 -14.36 15.00 29.64
N ASP C 158 -15.04 15.23 30.77
CA ASP C 158 -14.91 16.51 31.52
C ASP C 158 -13.47 16.69 32.03
N PHE C 159 -12.83 15.61 32.48
CA PHE C 159 -11.42 15.64 32.95
C PHE C 159 -10.53 16.16 31.82
N TRP C 160 -10.65 15.58 30.63
CA TRP C 160 -9.77 15.88 29.47
C TRP C 160 -10.12 17.25 28.88
N ILE C 161 -11.37 17.66 28.97
CA ILE C 161 -11.78 19.04 28.55
C ILE C 161 -11.09 20.03 29.49
N ARG C 162 -11.04 19.77 30.80
CA ARG C 162 -10.31 20.66 31.75
C ARG C 162 -8.84 20.74 31.30
N HIS C 163 -8.21 19.60 30.96
CA HIS C 163 -6.80 19.61 30.52
C HIS C 163 -6.66 20.43 29.24
N GLY C 164 -7.58 20.25 28.31
CA GLY C 164 -7.55 20.98 27.02
C GLY C 164 -7.61 22.48 27.24
N LYS C 165 -8.51 22.92 28.12
CA LYS C 165 -8.64 24.36 28.41
C LYS C 165 -7.34 24.85 29.05
N ILE C 166 -6.80 24.07 29.98
CA ILE C 166 -5.55 24.42 30.72
C ILE C 166 -4.41 24.52 29.70
N SER C 167 -4.37 23.65 28.69
CA SER C 167 -3.28 23.67 27.67
C SER C 167 -3.31 25.03 26.99
N ARG C 168 -4.49 25.60 26.78
CA ARG C 168 -4.66 26.91 26.09
C ARG C 168 -4.18 28.04 27.02
N GLU C 169 -4.53 27.94 28.30
CA GLU C 169 -4.15 28.94 29.34
C GLU C 169 -2.62 28.96 29.48
N ILE C 170 -1.99 27.78 29.59
CA ILE C 170 -0.51 27.65 29.64
C ILE C 170 0.07 28.30 28.37
N SER C 171 -0.44 27.95 27.20
CA SER C 171 0.10 28.37 25.89
C SER C 171 0.01 29.89 25.77
N ASN C 172 -1.12 30.48 26.16
CA ASN C 172 -1.33 31.94 26.13
C ASN C 172 -0.26 32.62 26.99
N TYR C 173 -0.05 32.12 28.22
CA TYR C 173 0.92 32.65 29.20
C TYR C 173 2.34 32.58 28.62
N ILE C 174 2.73 31.42 28.08
CA ILE C 174 4.09 31.26 27.48
C ILE C 174 4.24 32.28 26.35
N GLY C 175 3.22 32.43 25.50
CA GLY C 175 3.22 33.35 24.35
C GLY C 175 3.35 34.80 24.79
N GLU C 176 2.63 35.17 25.86
CA GLU C 176 2.70 36.52 26.46
C GLU C 176 4.14 36.77 26.93
N LYS C 177 4.74 35.81 27.63
CA LYS C 177 6.05 35.98 28.30
C LYS C 177 7.18 36.00 27.27
N LEU C 178 7.06 35.23 26.17
CA LEU C 178 8.16 35.11 25.16
C LEU C 178 7.96 36.11 24.01
N GLY C 179 6.77 36.69 23.85
CA GLY C 179 6.47 37.59 22.72
C GLY C 179 6.54 36.84 21.40
N SER C 180 6.23 35.55 21.42
CA SER C 180 6.18 34.67 20.23
C SER C 180 4.99 33.72 20.35
N GLN C 181 4.13 33.67 19.33
CA GLN C 181 2.90 32.83 19.33
C GLN C 181 3.29 31.38 19.63
N VAL C 182 2.59 30.77 20.59
CA VAL C 182 2.71 29.31 20.91
C VAL C 182 1.67 28.56 20.07
N VAL C 183 2.14 27.66 19.20
CA VAL C 183 1.25 26.69 18.52
C VAL C 183 0.96 25.59 19.54
N ASN C 184 -0.32 25.47 19.91
CA ASN C 184 -0.78 24.49 20.92
C ASN C 184 -1.39 23.31 20.16
N ASN C 185 -0.63 22.23 20.02
CA ASN C 185 -0.99 21.06 19.18
C ASN C 185 -1.76 20.04 20.02
N PHE C 186 -2.95 19.66 19.55
CA PHE C 186 -3.84 18.64 20.15
C PHE C 186 -3.71 17.32 19.38
N TRP C 187 -3.22 16.28 20.05
CA TRP C 187 -3.26 14.88 19.57
C TRP C 187 -3.98 14.01 20.61
N LEU C 188 -5.02 13.30 20.16
CA LEU C 188 -5.86 12.40 20.98
C LEU C 188 -5.69 10.98 20.46
N PRO C 189 -5.51 9.98 21.36
CA PRO C 189 -5.40 8.59 20.95
C PRO C 189 -6.75 7.98 20.55
N ASP C 190 -7.83 8.69 20.84
CA ASP C 190 -9.24 8.19 20.87
C ASP C 190 -9.52 7.32 19.64
N GLY C 191 -9.98 6.09 19.87
CA GLY C 191 -10.40 5.19 18.78
C GLY C 191 -10.70 3.79 19.28
N PHE C 192 -10.74 2.83 18.37
CA PHE C 192 -11.04 1.41 18.68
C PHE C 192 -9.95 0.51 18.12
N LYS C 193 -9.58 -0.50 18.88
CA LYS C 193 -8.71 -1.60 18.42
C LYS C 193 -9.39 -2.36 17.28
N ASP C 194 -10.69 -2.68 17.42
CA ASP C 194 -11.40 -3.56 16.46
C ASP C 194 -12.54 -2.76 15.81
N ASN C 195 -13.26 -3.39 14.87
CA ASN C 195 -14.20 -2.69 13.96
C ASN C 195 -15.38 -2.12 14.76
N PRO C 196 -15.61 -0.80 14.68
CA PRO C 196 -16.74 -0.19 15.38
C PRO C 196 -18.08 -0.34 14.67
N ILE C 197 -19.16 -0.32 15.46
CA ILE C 197 -20.56 -0.26 14.96
C ILE C 197 -20.90 1.20 14.65
N ASP C 198 -20.54 2.11 15.56
CA ASP C 198 -20.94 3.54 15.46
C ASP C 198 -19.69 4.40 15.23
N LYS C 199 -19.54 4.91 14.01
CA LYS C 199 -18.43 5.83 13.63
C LYS C 199 -18.87 7.28 13.78
N LYS C 200 -20.17 7.54 13.73
CA LYS C 200 -20.75 8.92 13.74
C LYS C 200 -20.62 9.54 15.14
N THR C 201 -21.14 8.86 16.15
CA THR C 201 -21.32 9.44 17.52
C THR C 201 -19.97 9.83 18.13
N PRO C 202 -18.89 8.99 18.07
CA PRO C 202 -17.61 9.39 18.64
C PRO C 202 -17.13 10.74 18.05
N ARG C 203 -17.36 10.94 16.76
CA ARG C 203 -16.87 12.16 16.05
C ARG C 203 -17.75 13.36 16.45
N LEU C 204 -19.04 13.14 16.69
CA LEU C 204 -19.95 14.21 17.22
C LEU C 204 -19.55 14.56 18.66
N ARG C 205 -19.18 13.58 19.49
CA ARG C 205 -18.70 13.84 20.87
C ARG C 205 -17.38 14.64 20.76
N LEU C 206 -16.50 14.28 19.83
CA LEU C 206 -15.20 14.99 19.66
C LEU C 206 -15.46 16.45 19.26
N LEU C 207 -16.34 16.67 18.27
CA LEU C 207 -16.69 18.01 17.77
C LEU C 207 -17.18 18.88 18.94
N LYS C 208 -18.09 18.34 19.76
CA LYS C 208 -18.71 19.12 20.86
C LYS C 208 -17.66 19.46 21.92
N ALA C 209 -16.79 18.50 22.25
CA ALA C 209 -15.74 18.64 23.29
C ALA C 209 -14.65 19.62 22.83
N LEU C 210 -14.20 19.55 21.58
CA LEU C 210 -13.19 20.51 21.05
C LEU C 210 -13.77 21.93 21.08
N ASP C 211 -15.02 22.10 20.66
CA ASP C 211 -15.69 23.42 20.65
C ASP C 211 -15.69 23.99 22.09
N GLU C 212 -15.89 23.15 23.11
CA GLU C 212 -15.86 23.61 24.52
C GLU C 212 -14.45 24.03 24.90
N ILE C 213 -13.45 23.27 24.44
CA ILE C 213 -12.03 23.54 24.80
C ILE C 213 -11.63 24.92 24.28
N ILE C 214 -12.04 25.28 23.07
CA ILE C 214 -11.56 26.51 22.38
C ILE C 214 -12.55 27.67 22.62
N LYS C 215 -13.59 27.46 23.42
CA LYS C 215 -14.66 28.48 23.59
C LYS C 215 -14.09 29.79 24.15
N ASP C 216 -13.34 29.74 25.25
CA ASP C 216 -12.89 30.98 25.96
C ASP C 216 -11.93 31.73 25.04
N PRO C 217 -12.18 33.03 24.74
CA PRO C 217 -11.35 33.77 23.78
C PRO C 217 -9.94 34.05 24.32
N LEU C 218 -8.94 33.78 23.49
CA LEU C 218 -7.53 34.12 23.77
C LEU C 218 -6.93 34.74 22.50
N PRO C 219 -5.98 35.68 22.65
CA PRO C 219 -5.40 36.35 21.49
C PRO C 219 -4.47 35.44 20.67
N GLU C 220 -4.72 35.40 19.37
CA GLU C 220 -3.93 34.67 18.35
C GLU C 220 -2.46 35.07 18.50
N LYS C 221 -2.19 36.33 18.86
CA LYS C 221 -0.81 36.86 19.06
C LYS C 221 -0.05 35.92 20.01
N ASN C 222 -0.70 35.40 21.05
CA ASN C 222 -0.04 34.60 22.11
C ASN C 222 -0.12 33.10 21.76
N THR C 223 -1.24 32.64 21.20
CA THR C 223 -1.45 31.20 20.95
C THR C 223 -2.55 30.96 19.90
N ILE C 224 -2.38 29.89 19.13
CA ILE C 224 -3.42 29.32 18.24
C ILE C 224 -3.32 27.80 18.38
N GLU C 225 -4.45 27.11 18.27
CA GLU C 225 -4.49 25.64 18.42
C GLU C 225 -4.29 25.00 17.04
N SER C 226 -3.64 23.85 17.02
CA SER C 226 -3.52 22.97 15.84
C SER C 226 -4.06 21.57 16.22
N PHE C 227 -4.59 20.85 15.25
CA PHE C 227 -5.32 19.58 15.45
C PHE C 227 -4.64 18.51 14.60
N GLU C 228 -4.14 17.47 15.28
CA GLU C 228 -3.33 16.39 14.68
C GLU C 228 -4.14 15.10 14.59
N GLY C 229 -4.41 14.66 13.38
CA GLY C 229 -5.09 13.39 13.09
C GLY C 229 -4.10 12.25 12.93
N LYS C 230 -4.63 11.04 12.87
CA LYS C 230 -3.84 9.80 12.75
C LYS C 230 -4.71 8.79 12.02
N LEU C 231 -4.10 7.90 11.25
CA LEU C 231 -4.84 6.81 10.58
C LEU C 231 -5.05 5.67 11.58
N PHE C 232 -4.00 5.26 12.27
CA PHE C 232 -4.03 4.11 13.20
C PHE C 232 -2.83 4.18 14.14
N GLY C 233 -3.00 3.56 15.31
CA GLY C 233 -1.95 3.41 16.32
C GLY C 233 -1.96 2.00 16.89
N THR C 234 -0.87 1.61 17.52
CA THR C 234 -0.73 0.31 18.21
C THR C 234 -1.85 0.15 19.24
N GLY C 235 -2.60 -0.96 19.18
CA GLY C 235 -3.72 -1.24 20.11
C GLY C 235 -4.98 -0.44 19.79
N ILE C 236 -4.93 0.42 18.76
CA ILE C 236 -6.08 1.28 18.33
C ILE C 236 -6.12 1.27 16.80
N GLU C 237 -6.02 0.09 16.19
CA GLU C 237 -5.70 -0.04 14.75
C GLU C 237 -6.91 0.24 13.84
N SER C 238 -8.14 -0.06 14.28
CA SER C 238 -9.31 -0.20 13.37
C SER C 238 -10.03 1.11 13.13
N TYR C 239 -9.98 2.05 14.06
CA TYR C 239 -10.73 3.32 13.97
C TYR C 239 -10.05 4.37 14.83
N THR C 240 -9.86 5.55 14.24
CA THR C 240 -9.35 6.76 14.93
C THR C 240 -10.46 7.80 14.91
N THR C 241 -10.93 8.23 16.08
CA THR C 241 -12.00 9.24 16.16
C THR C 241 -11.56 10.49 15.40
N GLY C 242 -10.40 11.04 15.77
CA GLY C 242 -9.80 12.23 15.15
C GLY C 242 -9.09 11.87 13.85
N SER C 243 -9.85 11.73 12.75
CA SER C 243 -9.30 11.37 11.43
C SER C 243 -8.71 12.62 10.78
N HIS C 244 -7.87 12.43 9.76
CA HIS C 244 -7.30 13.55 8.96
C HIS C 244 -8.44 14.40 8.37
N GLU C 245 -9.48 13.77 7.83
CA GLU C 245 -10.63 14.47 7.22
C GLU C 245 -11.33 15.28 8.33
N PHE C 246 -11.57 14.65 9.48
CA PHE C 246 -12.28 15.32 10.60
C PHE C 246 -11.53 16.62 10.93
N TYR C 247 -10.20 16.55 11.09
CA TYR C 247 -9.41 17.69 11.61
C TYR C 247 -9.20 18.74 10.53
N GLN C 248 -9.03 18.37 9.26
CA GLN C 248 -8.92 19.38 8.18
C GLN C 248 -10.24 20.17 8.14
N ASN C 249 -11.37 19.45 8.22
CA ASN C 249 -12.72 20.07 8.23
C ASN C 249 -12.83 20.96 9.47
N TYR C 250 -12.38 20.46 10.62
CA TYR C 250 -12.49 21.19 11.91
C TYR C 250 -11.64 22.45 11.85
N ALA C 251 -10.37 22.33 11.47
CA ALA C 251 -9.44 23.48 11.35
C ALA C 251 -10.04 24.55 10.43
N ILE C 252 -10.52 24.17 9.24
CA ILE C 252 -11.06 25.18 8.28
C ILE C 252 -12.31 25.84 8.89
N SER C 253 -13.20 25.03 9.47
CA SER C 253 -14.51 25.48 10.05
C SER C 253 -14.30 26.44 11.23
N ARG C 254 -13.37 26.13 12.13
CA ARG C 254 -13.15 26.85 13.41
C ARG C 254 -11.97 27.83 13.30
N ASN C 255 -11.40 28.00 12.10
CA ASN C 255 -10.29 28.94 11.84
C ASN C 255 -9.09 28.63 12.75
N LYS C 256 -8.69 27.36 12.79
CA LYS C 256 -7.50 26.91 13.54
C LYS C 256 -6.51 26.27 12.57
N LEU C 257 -5.37 25.83 13.09
CA LEU C 257 -4.31 25.19 12.29
C LEU C 257 -4.60 23.70 12.19
N TRP C 258 -4.12 23.10 11.11
CA TRP C 258 -4.21 21.64 10.88
C TRP C 258 -2.79 21.05 10.99
N THR C 259 -2.63 19.98 11.78
CA THR C 259 -1.32 19.30 11.94
C THR C 259 -1.26 18.11 11.01
N ILE C 260 -0.25 18.12 10.13
CA ILE C 260 0.08 17.01 9.21
C ILE C 260 1.35 16.36 9.76
N ASP C 261 1.23 15.15 10.29
CA ASP C 261 2.38 14.33 10.72
C ASP C 261 2.68 13.33 9.61
N ALA C 262 3.89 13.41 9.05
CA ALA C 262 4.32 12.65 7.85
C ALA C 262 4.24 11.15 8.12
N GLY C 263 4.14 10.72 9.38
CA GLY C 263 4.15 9.30 9.74
C GLY C 263 2.76 8.70 9.84
N HIS C 264 1.72 9.50 9.67
CA HIS C 264 0.35 9.13 10.14
C HIS C 264 -0.63 8.85 8.99
N PHE C 265 -0.13 8.60 7.77
CA PHE C 265 -0.98 8.45 6.56
C PHE C 265 -0.89 7.00 6.03
N HIS C 266 -1.57 6.75 4.92
CA HIS C 266 -1.70 5.43 4.27
C HIS C 266 -0.36 5.06 3.65
N PRO C 267 -0.13 3.75 3.41
CA PRO C 267 0.99 3.35 2.58
C PRO C 267 0.92 4.09 1.23
N THR C 268 2.06 4.64 0.78
CA THR C 268 2.29 5.38 -0.49
C THR C 268 1.70 6.80 -0.43
N GLU C 269 1.06 7.19 0.65
CA GLU C 269 0.40 8.52 0.72
C GLU C 269 1.51 9.59 0.79
N ASP C 270 1.39 10.61 -0.07
CA ASP C 270 2.34 11.76 -0.18
C ASP C 270 1.72 12.98 0.51
N VAL C 271 2.11 13.27 1.74
CA VAL C 271 1.47 14.36 2.54
C VAL C 271 1.79 15.70 1.90
N SER C 272 2.82 15.78 1.03
CA SER C 272 3.17 17.06 0.35
C SER C 272 2.07 17.45 -0.65
N ASP C 273 1.20 16.50 -1.01
CA ASP C 273 0.03 16.73 -1.90
C ASP C 273 -1.01 17.61 -1.19
N LYS C 274 -1.06 17.59 0.15
CA LYS C 274 -2.21 18.15 0.92
C LYS C 274 -2.13 19.69 0.96
N PHE C 275 -0.93 20.27 0.96
CA PHE C 275 -0.75 21.71 1.28
C PHE C 275 -1.60 22.57 0.35
N SER C 276 -1.48 22.34 -0.96
CA SER C 276 -2.11 23.13 -2.05
C SER C 276 -3.61 22.84 -2.13
N ALA C 277 -4.12 21.81 -1.45
CA ALA C 277 -5.56 21.49 -1.38
C ALA C 277 -6.16 22.12 -0.13
N PHE C 278 -5.32 22.50 0.83
CA PHE C 278 -5.71 23.13 2.12
C PHE C 278 -5.76 24.65 1.98
N PHE C 279 -4.69 25.24 1.42
CA PHE C 279 -4.44 26.70 1.52
C PHE C 279 -5.42 27.53 0.68
N PRO C 280 -6.20 26.99 -0.27
CA PRO C 280 -7.30 27.79 -0.84
C PRO C 280 -8.44 28.06 0.16
N PHE C 281 -8.44 27.37 1.30
CA PHE C 281 -9.58 27.34 2.26
C PHE C 281 -9.13 27.71 3.67
N GLY C 282 -7.98 27.22 4.10
CA GLY C 282 -7.57 27.17 5.52
C GLY C 282 -6.57 28.25 5.90
N LYS C 283 -6.20 28.27 7.18
CA LYS C 283 -5.43 29.37 7.81
C LYS C 283 -3.93 29.03 7.83
N GLY C 284 -3.55 27.87 8.38
CA GLY C 284 -2.13 27.53 8.55
C GLY C 284 -1.95 26.06 8.85
N LEU C 285 -0.72 25.57 8.72
CA LEU C 285 -0.37 24.16 9.00
C LEU C 285 0.69 24.07 10.10
N PHE C 286 0.67 22.96 10.85
CA PHE C 286 1.80 22.50 11.68
C PHE C 286 2.29 21.21 11.00
N MET C 287 3.45 21.26 10.36
CA MET C 287 4.02 20.11 9.61
C MET C 287 4.99 19.40 10.54
N HIS C 288 4.59 18.22 11.05
CA HIS C 288 5.39 17.31 11.89
C HIS C 288 6.16 16.35 10.99
N VAL C 289 7.44 16.63 10.74
CA VAL C 289 8.28 15.72 9.93
C VAL C 289 8.68 14.54 10.83
N SER C 290 8.49 13.35 10.29
CA SER C 290 8.61 12.07 11.01
C SER C 290 8.79 11.00 9.95
N ARG C 291 9.62 9.98 10.19
CA ARG C 291 9.82 8.89 9.21
C ARG C 291 9.05 7.66 9.67
N PRO C 292 7.98 7.27 8.94
CA PRO C 292 7.34 5.98 9.17
C PRO C 292 8.10 4.89 8.40
N VAL C 293 8.42 3.80 9.06
CA VAL C 293 8.94 2.60 8.34
C VAL C 293 7.86 1.53 8.48
N ARG C 294 6.94 1.52 7.51
CA ARG C 294 5.86 0.50 7.29
C ARG C 294 4.73 0.68 8.30
N TRP C 295 4.89 1.56 9.29
CA TRP C 295 3.82 1.97 10.24
C TRP C 295 4.26 3.27 10.91
N ASP C 296 3.47 3.79 11.86
CA ASP C 296 3.80 5.03 12.59
C ASP C 296 4.91 4.74 13.60
N SER C 297 6.14 4.51 13.12
CA SER C 297 7.29 3.97 13.89
C SER C 297 8.11 5.10 14.50
N ASP C 298 7.90 6.33 14.04
CA ASP C 298 8.53 7.53 14.65
C ASP C 298 10.06 7.42 14.53
N HIS C 299 10.55 6.97 13.39
CA HIS C 299 11.99 6.96 13.08
C HIS C 299 12.49 8.39 12.91
N VAL C 300 13.79 8.59 13.17
CA VAL C 300 14.48 9.89 12.93
C VAL C 300 14.32 10.26 11.46
N VAL C 301 14.01 11.53 11.21
CA VAL C 301 13.85 12.11 9.87
C VAL C 301 15.20 12.03 9.16
N ILE C 302 15.18 11.50 7.93
CA ILE C 302 16.36 11.43 7.04
C ILE C 302 16.00 12.06 5.69
N MET C 303 17.03 12.36 4.89
CA MET C 303 16.82 12.90 3.54
C MET C 303 16.35 11.78 2.63
N ASP C 304 15.03 11.66 2.47
CA ASP C 304 14.37 10.63 1.63
C ASP C 304 13.30 11.32 0.78
N ASP C 305 12.62 10.56 -0.08
CA ASP C 305 11.62 11.09 -1.03
C ASP C 305 10.59 11.92 -0.25
N ALA C 306 10.11 11.42 0.89
CA ALA C 306 9.03 12.08 1.66
C ALA C 306 9.51 13.46 2.08
N LEU C 307 10.69 13.53 2.70
CA LEU C 307 11.20 14.82 3.24
C LEU C 307 11.50 15.76 2.07
N ILE C 308 12.08 15.25 1.00
CA ILE C 308 12.41 16.07 -0.20
C ILE C 308 11.12 16.66 -0.78
N ARG C 309 10.04 15.88 -0.80
CA ARG C 309 8.75 16.31 -1.39
C ARG C 309 8.05 17.30 -0.46
N ILE C 310 8.07 17.03 0.84
CA ILE C 310 7.49 17.96 1.85
C ILE C 310 8.17 19.32 1.70
N THR C 311 9.49 19.34 1.75
CA THR C 311 10.27 20.60 1.81
C THR C 311 10.13 21.33 0.47
N ARG C 312 10.25 20.65 -0.67
CA ARG C 312 10.20 21.35 -1.99
C ARG C 312 8.76 21.84 -2.26
N SER C 313 7.73 21.11 -1.81
CA SER C 313 6.32 21.52 -2.00
C SER C 313 6.04 22.80 -1.21
N LEU C 314 6.63 22.95 -0.01
CA LEU C 314 6.48 24.18 0.81
C LEU C 314 7.22 25.34 0.15
N VAL C 315 8.47 25.16 -0.30
CA VAL C 315 9.22 26.33 -0.82
C VAL C 315 8.76 26.67 -2.25
N ARG C 316 8.46 25.69 -3.10
CA ARG C 316 8.06 25.99 -4.50
C ARG C 316 6.76 26.80 -4.51
N ASP C 317 5.82 26.51 -3.62
CA ASP C 317 4.45 27.12 -3.66
C ASP C 317 4.33 28.24 -2.61
N GLY C 318 5.44 28.59 -1.95
CA GLY C 318 5.55 29.75 -1.04
C GLY C 318 4.70 29.62 0.21
N TYR C 319 4.63 28.44 0.83
CA TYR C 319 3.75 28.18 1.98
C TYR C 319 4.50 28.30 3.32
N LEU C 320 5.81 28.60 3.31
CA LEU C 320 6.61 28.54 4.57
C LEU C 320 6.08 29.57 5.58
N ASP C 321 5.59 30.72 5.11
CA ASP C 321 5.13 31.81 6.03
C ASP C 321 3.84 31.40 6.74
N ARG C 322 3.18 30.31 6.32
CA ARG C 322 1.89 29.86 6.94
C ARG C 322 2.06 28.41 7.44
N THR C 323 3.28 27.88 7.37
CA THR C 323 3.56 26.48 7.76
C THR C 323 4.63 26.48 8.86
N HIS C 324 4.26 26.02 10.06
CA HIS C 324 5.20 25.76 11.17
C HIS C 324 5.77 24.36 10.97
N ILE C 325 7.09 24.23 10.94
CA ILE C 325 7.73 22.90 10.79
C ILE C 325 8.20 22.43 12.17
N GLY C 326 7.66 21.30 12.62
CA GLY C 326 8.11 20.63 13.86
C GLY C 326 8.70 19.27 13.55
N LEU C 327 9.63 18.82 14.41
CA LEU C 327 10.14 17.43 14.41
C LEU C 327 9.25 16.59 15.32
N ASP C 328 8.97 15.36 14.91
CA ASP C 328 8.29 14.37 15.80
C ASP C 328 8.85 12.99 15.46
N PHE C 329 9.70 12.49 16.35
CA PHE C 329 10.25 11.13 16.24
C PHE C 329 10.71 10.73 17.63
N PHE C 330 10.91 9.44 17.82
CA PHE C 330 11.38 8.88 19.10
C PHE C 330 12.23 7.67 18.78
N ASP C 331 13.55 7.82 18.89
CA ASP C 331 14.51 6.70 18.69
C ASP C 331 15.47 6.70 19.87
N ALA C 332 15.35 5.71 20.76
CA ALA C 332 16.16 5.58 21.98
C ALA C 332 17.29 4.56 21.75
N THR C 333 17.46 4.05 20.52
CA THR C 333 18.47 3.00 20.17
C THR C 333 19.79 3.67 19.83
N ILE C 334 19.78 4.99 19.66
CA ILE C 334 20.97 5.78 19.24
C ILE C 334 21.14 6.93 20.24
N ASN C 335 22.27 7.64 20.17
CA ASN C 335 22.49 8.85 21.00
C ASN C 335 21.30 9.79 20.76
N ARG C 336 20.56 10.11 21.82
CA ARG C 336 19.25 10.81 21.69
C ARG C 336 19.50 12.24 21.20
N VAL C 337 20.63 12.83 21.58
CA VAL C 337 20.99 14.22 21.17
C VAL C 337 21.36 14.20 19.69
N ALA C 338 22.11 13.18 19.26
CA ALA C 338 22.46 12.95 17.84
C ALA C 338 21.17 12.85 17.03
N ALA C 339 20.15 12.15 17.54
CA ALA C 339 18.87 11.95 16.82
C ALA C 339 18.30 13.30 16.38
N TRP C 340 18.26 14.29 17.29
CA TRP C 340 17.72 15.64 17.00
C TRP C 340 18.50 16.26 15.83
N VAL C 341 19.83 16.20 15.89
CA VAL C 341 20.71 16.92 14.94
C VAL C 341 20.57 16.26 13.56
N VAL C 342 20.55 14.92 13.51
CA VAL C 342 20.36 14.20 12.21
C VAL C 342 19.06 14.70 11.58
N GLY C 343 17.96 14.68 12.32
CA GLY C 343 16.64 15.05 11.78
C GLY C 343 16.59 16.50 11.35
N ALA C 344 17.09 17.40 12.19
CA ALA C 344 17.08 18.87 11.94
C ALA C 344 17.89 19.15 10.68
N ARG C 345 19.11 18.61 10.59
CA ARG C 345 20.02 18.86 9.44
C ARG C 345 19.41 18.27 8.16
N ALA C 346 18.81 17.08 8.22
CA ALA C 346 18.15 16.46 7.05
C ALA C 346 17.08 17.41 6.53
N THR C 347 16.26 17.95 7.44
CA THR C 347 15.16 18.89 7.08
C THR C 347 15.74 20.16 6.46
N GLN C 348 16.78 20.76 7.07
CA GLN C 348 17.38 22.03 6.58
C GLN C 348 18.02 21.82 5.19
N LYS C 349 18.85 20.80 5.00
CA LYS C 349 19.52 20.60 3.69
C LYS C 349 18.46 20.33 2.61
N SER C 350 17.35 19.68 2.97
CA SER C 350 16.25 19.38 2.02
C SER C 350 15.52 20.68 1.63
N LEU C 351 15.21 21.53 2.60
CA LEU C 351 14.67 22.90 2.34
C LEU C 351 15.66 23.64 1.44
N LEU C 352 16.95 23.64 1.80
CA LEU C 352 17.98 24.41 1.07
C LEU C 352 18.08 23.89 -0.36
N GLN C 353 18.08 22.57 -0.58
CA GLN C 353 18.14 22.03 -1.96
C GLN C 353 16.96 22.58 -2.76
N ALA C 354 15.75 22.60 -2.20
CA ALA C 354 14.54 23.09 -2.90
C ALA C 354 14.70 24.59 -3.21
N MET C 355 15.34 25.32 -2.32
CA MET C 355 15.55 26.79 -2.46
C MET C 355 16.63 27.08 -3.51
N LEU C 356 17.43 26.07 -3.90
CA LEU C 356 18.55 26.23 -4.86
C LEU C 356 18.12 25.81 -6.26
N ALA C 357 16.82 25.86 -6.58
CA ALA C 357 16.29 25.56 -7.92
C ALA C 357 15.88 26.86 -8.60
N PRO C 358 15.97 26.94 -9.94
CA PRO C 358 15.45 28.08 -10.69
C PRO C 358 13.92 27.98 -10.78
N ILE C 359 13.25 28.21 -9.65
CA ILE C 359 11.81 27.86 -9.49
C ILE C 359 10.97 28.68 -10.47
N ASP C 360 11.25 29.97 -10.62
CA ASP C 360 10.46 30.85 -11.53
C ASP C 360 10.54 30.31 -12.96
N GLN C 361 11.74 29.97 -13.44
CA GLN C 361 11.90 29.48 -14.84
C GLN C 361 11.25 28.10 -14.96
N LEU C 362 11.43 27.22 -13.98
CA LEU C 362 10.82 25.87 -14.01
C LEU C 362 9.29 25.99 -14.05
N LYS C 363 8.72 26.92 -13.30
CA LYS C 363 7.24 27.12 -13.30
C LYS C 363 6.81 27.55 -14.70
N LYS C 364 7.60 28.42 -15.35
CA LYS C 364 7.32 28.90 -16.73
C LYS C 364 7.37 27.73 -17.70
N ASP C 365 8.46 26.96 -17.68
CA ASP C 365 8.64 25.77 -18.56
C ASP C 365 7.41 24.87 -18.39
N GLU C 366 6.98 24.66 -17.16
CA GLU C 366 5.85 23.73 -16.85
C GLU C 366 4.54 24.30 -17.39
N LEU C 367 4.28 25.58 -17.20
CA LEU C 367 3.07 26.28 -17.71
C LEU C 367 3.03 26.14 -19.24
N ASN C 368 4.20 26.11 -19.87
CA ASN C 368 4.37 25.99 -21.34
C ASN C 368 4.39 24.53 -21.78
N ALA C 369 4.23 23.59 -20.85
CA ALA C 369 4.13 22.12 -21.09
C ALA C 369 5.45 21.58 -21.62
N ASP C 370 6.56 22.23 -21.27
CA ASP C 370 7.91 21.72 -21.59
C ASP C 370 8.31 20.71 -20.51
N PHE C 371 7.66 19.54 -20.52
CA PHE C 371 7.85 18.50 -19.48
C PHE C 371 9.21 17.83 -19.65
N THR C 372 9.75 17.80 -20.87
CA THR C 372 11.13 17.29 -21.14
C THR C 372 12.12 18.12 -20.31
N THR C 373 12.13 19.44 -20.50
CA THR C 373 13.03 20.35 -19.74
C THR C 373 12.84 20.13 -18.24
N ARG C 374 11.60 20.00 -17.76
CA ARG C 374 11.33 19.91 -16.30
C ARG C 374 12.01 18.65 -15.76
N LEU C 375 11.83 17.51 -16.44
CA LEU C 375 12.42 16.21 -16.00
C LEU C 375 13.95 16.32 -16.01
N ILE C 376 14.53 16.82 -17.10
CA ILE C 376 16.01 16.88 -17.23
C ILE C 376 16.56 17.74 -16.09
N GLU C 377 16.03 18.96 -15.92
CA GLU C 377 16.59 19.95 -14.97
C GLU C 377 16.40 19.48 -13.53
N THR C 378 15.20 19.01 -13.15
CA THR C 378 14.96 18.57 -11.75
C THR C 378 15.93 17.42 -11.41
N GLU C 379 16.23 16.56 -12.39
CA GLU C 379 17.13 15.40 -12.15
C GLU C 379 18.58 15.91 -12.04
N GLU C 380 18.99 16.84 -12.92
CA GLU C 380 20.37 17.38 -12.88
C GLU C 380 20.59 18.08 -11.52
N LEU C 381 19.56 18.76 -11.00
CA LEU C 381 19.71 19.59 -9.78
C LEU C 381 20.05 18.70 -8.59
N LYS C 382 19.65 17.43 -8.63
CA LYS C 382 19.88 16.47 -7.51
C LYS C 382 21.38 16.20 -7.36
N SER C 383 22.19 16.50 -8.38
CA SER C 383 23.66 16.26 -8.33
C SER C 383 24.43 17.58 -8.55
N PHE C 384 23.74 18.72 -8.51
CA PHE C 384 24.41 20.05 -8.39
C PHE C 384 25.06 20.12 -7.01
N PRO C 385 25.98 21.08 -6.78
CA PRO C 385 26.71 21.15 -5.51
C PRO C 385 25.94 21.79 -4.35
N PHE C 386 24.78 21.22 -3.98
CA PHE C 386 23.94 21.77 -2.89
C PHE C 386 24.70 21.59 -1.58
N GLY C 387 25.52 20.55 -1.50
CA GLY C 387 26.36 20.23 -0.34
C GLY C 387 27.27 21.38 0.03
N ALA C 388 27.88 22.04 -0.96
CA ALA C 388 28.83 23.15 -0.75
C ALA C 388 28.09 24.34 -0.13
N VAL C 389 26.83 24.53 -0.50
CA VAL C 389 25.99 25.64 0.03
C VAL C 389 25.58 25.28 1.46
N TRP C 390 25.20 24.02 1.70
CA TRP C 390 24.83 23.53 3.05
C TRP C 390 26.04 23.66 3.99
N ASP C 391 27.23 23.24 3.56
CA ASP C 391 28.47 23.34 4.38
C ASP C 391 28.73 24.81 4.74
N LYS C 392 28.57 25.71 3.76
CA LYS C 392 28.77 27.17 3.97
C LYS C 392 27.76 27.65 5.01
N PHE C 393 26.51 27.20 4.93
CA PHE C 393 25.44 27.58 5.88
C PHE C 393 25.82 27.11 7.29
N CYS C 394 26.29 25.87 7.43
CA CYS C 394 26.72 25.30 8.73
C CYS C 394 27.84 26.16 9.31
N GLN C 395 28.87 26.41 8.51
CA GLN C 395 30.08 27.14 8.97
C GLN C 395 29.72 28.59 9.35
N ASP C 396 28.94 29.28 8.50
CA ASP C 396 28.55 30.70 8.72
C ASP C 396 27.79 30.84 10.05
N HIS C 397 27.11 29.78 10.47
CA HIS C 397 26.26 29.78 11.69
C HIS C 397 26.96 29.04 12.82
N ASN C 398 28.29 28.88 12.73
CA ASN C 398 29.14 28.39 13.85
C ASN C 398 28.70 26.99 14.28
N THR C 399 28.46 26.11 13.31
CA THR C 399 28.23 24.66 13.55
C THR C 399 29.23 23.87 12.73
N PRO C 400 29.57 22.65 13.19
CA PRO C 400 30.52 21.81 12.47
C PRO C 400 30.00 21.34 11.10
N VAL C 401 30.93 21.10 10.18
CA VAL C 401 30.64 20.71 8.77
C VAL C 401 30.76 19.19 8.61
N GLY C 402 29.79 18.58 7.92
CA GLY C 402 29.79 17.15 7.57
C GLY C 402 29.96 16.26 8.79
N PHE C 403 30.92 15.33 8.71
CA PHE C 403 31.18 14.29 9.75
C PHE C 403 31.62 14.96 11.06
N ASP C 404 32.07 16.21 11.00
CA ASP C 404 32.83 16.85 12.12
C ASP C 404 31.99 16.89 13.40
N TRP C 405 30.67 17.01 13.32
CA TRP C 405 29.84 17.16 14.56
C TRP C 405 29.80 15.85 15.36
N MET C 406 30.23 14.73 14.77
CA MET C 406 30.43 13.46 15.52
C MET C 406 31.46 13.68 16.64
N ASN C 407 32.48 14.51 16.43
CA ASN C 407 33.47 14.84 17.50
C ASN C 407 32.72 15.45 18.68
N ASN C 408 31.81 16.40 18.41
CA ASN C 408 31.01 17.09 19.47
C ASN C 408 30.18 16.07 20.24
N ILE C 409 29.50 15.16 19.53
CA ILE C 409 28.67 14.08 20.15
C ILE C 409 29.58 13.19 21.01
N HIS C 410 30.73 12.75 20.51
CA HIS C 410 31.66 11.88 21.26
C HIS C 410 32.10 12.61 22.54
N GLN C 411 32.38 13.91 22.44
CA GLN C 411 32.86 14.71 23.60
C GLN C 411 31.73 14.85 24.62
N TYR C 412 30.49 15.00 24.16
CA TYR C 412 29.30 15.18 25.05
C TYR C 412 29.00 13.86 25.75
N GLU C 413 29.20 12.75 25.04
CA GLU C 413 29.09 11.37 25.60
C GLU C 413 30.08 11.23 26.75
N LYS C 414 31.37 11.50 26.51
CA LYS C 414 32.45 11.35 27.52
C LYS C 414 32.14 12.22 28.74
N ASP C 415 31.78 13.49 28.52
CA ASP C 415 31.78 14.55 29.57
C ASP C 415 30.45 14.53 30.33
N VAL C 416 29.35 14.18 29.66
CA VAL C 416 27.98 14.34 30.21
C VAL C 416 27.22 13.02 30.19
N GLN C 417 26.92 12.47 29.01
CA GLN C 417 25.88 11.40 28.86
C GLN C 417 26.34 10.11 29.54
N PHE C 418 27.60 9.70 29.33
CA PHE C 418 28.12 8.40 29.81
C PHE C 418 28.40 8.46 31.32
N LYS C 419 28.42 9.66 31.90
CA LYS C 419 28.65 9.86 33.35
C LYS C 419 27.33 9.81 34.12
N ARG C 420 26.19 9.88 33.42
CA ARG C 420 24.86 9.78 34.05
C ARG C 420 24.64 8.34 34.51
N MET D 1 27.66 27.07 -20.79
CA MET D 1 28.34 25.75 -20.78
C MET D 1 29.29 25.70 -19.58
N VAL D 2 29.37 24.57 -18.88
CA VAL D 2 30.35 24.41 -17.76
C VAL D 2 31.74 24.41 -18.40
N LYS D 3 32.75 24.92 -17.70
CA LYS D 3 34.15 24.93 -18.23
C LYS D 3 34.87 23.69 -17.72
N PRO D 4 35.56 22.93 -18.60
CA PRO D 4 36.34 21.75 -18.16
C PRO D 4 37.30 22.00 -16.99
N GLU D 5 38.00 23.13 -16.93
CA GLU D 5 38.98 23.37 -15.84
C GLU D 5 38.23 23.51 -14.51
N GLU D 6 37.01 24.08 -14.53
CA GLU D 6 36.14 24.20 -13.33
C GLU D 6 35.73 22.81 -12.84
N VAL D 7 35.33 21.93 -13.76
CA VAL D 7 34.97 20.53 -13.44
C VAL D 7 36.19 19.87 -12.79
N ASP D 8 37.38 20.09 -13.37
CA ASP D 8 38.65 19.49 -12.90
C ASP D 8 38.96 19.96 -11.48
N LYS D 9 38.74 21.25 -11.20
CA LYS D 9 39.06 21.90 -9.90
C LYS D 9 38.13 21.38 -8.80
N ALA D 10 36.82 21.33 -9.08
CA ALA D 10 35.78 20.86 -8.14
C ALA D 10 36.04 19.38 -7.86
N TYR D 11 36.54 18.65 -8.86
CA TYR D 11 36.87 17.21 -8.70
C TYR D 11 38.04 17.04 -7.71
N GLU D 12 39.07 17.86 -7.84
CA GLU D 12 40.25 17.79 -6.93
C GLU D 12 39.78 18.02 -5.49
N VAL D 13 38.90 19.00 -5.27
CA VAL D 13 38.39 19.34 -3.91
C VAL D 13 37.55 18.15 -3.39
N ALA D 14 36.69 17.58 -4.23
CA ALA D 14 35.82 16.44 -3.88
C ALA D 14 36.69 15.23 -3.52
N LYS D 15 37.72 14.98 -4.33
CA LYS D 15 38.67 13.87 -4.11
C LYS D 15 39.26 13.98 -2.69
N GLN D 16 39.64 15.18 -2.28
CA GLN D 16 40.25 15.42 -0.95
C GLN D 16 39.20 15.20 0.15
N ARG D 17 37.99 15.75 0.01
CA ARG D 17 36.90 15.56 1.01
C ARG D 17 36.68 14.07 1.23
N TYR D 18 36.62 13.29 0.16
CA TYR D 18 36.33 11.83 0.24
C TYR D 18 37.56 11.09 0.79
N ALA D 19 38.77 11.47 0.35
CA ALA D 19 40.02 10.86 0.85
C ALA D 19 40.07 10.97 2.38
N GLU D 20 39.61 12.10 2.95
CA GLU D 20 39.65 12.36 4.41
C GLU D 20 38.74 11.39 5.17
N ILE D 21 37.77 10.76 4.51
CA ILE D 21 36.88 9.74 5.16
C ILE D 21 37.19 8.34 4.61
N GLY D 22 38.32 8.17 3.91
CA GLY D 22 38.82 6.85 3.49
C GLY D 22 38.18 6.35 2.20
N VAL D 23 37.66 7.27 1.38
CA VAL D 23 37.02 6.95 0.08
C VAL D 23 37.92 7.46 -1.05
N ASP D 24 38.19 6.59 -2.03
CA ASP D 24 39.06 6.86 -3.19
C ASP D 24 38.18 7.16 -4.40
N THR D 25 38.08 8.42 -4.82
CA THR D 25 37.16 8.87 -5.90
C THR D 25 37.64 8.30 -7.25
N ASP D 26 38.96 8.19 -7.46
CA ASP D 26 39.51 7.66 -8.73
C ASP D 26 39.03 6.22 -8.88
N ALA D 27 39.12 5.43 -7.80
CA ALA D 27 38.75 4.00 -7.78
C ALA D 27 37.23 3.88 -7.95
N ALA D 28 36.43 4.79 -7.39
CA ALA D 28 34.96 4.75 -7.49
C ALA D 28 34.56 4.92 -8.97
N MET D 29 35.23 5.83 -9.69
CA MET D 29 34.94 6.10 -11.11
C MET D 29 35.34 4.89 -11.96
N LYS D 30 36.46 4.23 -11.64
CA LYS D 30 36.87 2.97 -12.33
C LYS D 30 35.82 1.88 -12.11
N GLU D 31 35.25 1.79 -10.90
CA GLU D 31 34.18 0.81 -10.56
C GLU D 31 32.93 1.09 -11.41
N LEU D 32 32.54 2.34 -11.56
CA LEU D 32 31.31 2.70 -12.31
C LEU D 32 31.51 2.34 -13.80
N GLU D 33 32.73 2.49 -14.32
CA GLU D 33 33.06 2.17 -15.74
C GLU D 33 32.67 0.72 -16.07
N LYS D 34 32.75 -0.16 -15.08
CA LYS D 34 32.60 -1.62 -15.25
C LYS D 34 31.11 -2.02 -15.15
N VAL D 35 30.19 -1.07 -15.01
CA VAL D 35 28.74 -1.41 -14.92
C VAL D 35 28.02 -0.94 -16.19
N PRO D 36 27.85 -1.82 -17.19
CA PRO D 36 27.10 -1.46 -18.39
C PRO D 36 25.59 -1.50 -18.10
N LEU D 37 24.83 -0.50 -18.56
CA LEU D 37 23.36 -0.52 -18.52
C LEU D 37 22.83 -1.05 -19.86
N SER D 38 21.85 -1.96 -19.84
CA SER D 38 21.21 -2.48 -21.07
C SER D 38 20.04 -1.57 -21.42
N VAL D 39 20.26 -0.67 -22.37
CA VAL D 39 19.29 0.36 -22.82
C VAL D 39 18.28 -0.31 -23.73
N HIS D 40 16.99 -0.22 -23.38
CA HIS D 40 15.89 -0.92 -24.07
C HIS D 40 15.55 -0.19 -25.36
N CYS D 41 15.53 -0.88 -26.50
CA CYS D 41 15.30 -0.28 -27.83
C CYS D 41 13.88 0.28 -27.94
N TRP D 42 12.89 -0.31 -27.25
CA TRP D 42 11.45 -0.07 -27.55
C TRP D 42 10.98 1.32 -27.09
N GLN D 43 11.71 2.02 -26.21
CA GLN D 43 11.39 3.41 -25.82
C GLN D 43 11.47 4.33 -27.06
N GLY D 44 12.24 3.94 -28.08
CA GLY D 44 12.50 4.79 -29.25
C GLY D 44 11.35 4.84 -30.24
N ASP D 45 10.48 3.82 -30.24
CA ASP D 45 9.41 3.68 -31.26
C ASP D 45 8.12 3.18 -30.62
N ASP D 46 7.94 3.44 -29.32
CA ASP D 46 6.68 3.13 -28.59
C ASP D 46 6.34 1.64 -28.78
N ILE D 47 7.38 0.79 -28.77
CA ILE D 47 7.27 -0.70 -28.77
C ILE D 47 6.56 -1.16 -30.05
N HIS D 48 6.66 -0.43 -31.16
CA HIS D 48 5.99 -0.83 -32.43
C HIS D 48 6.75 -1.98 -33.08
N GLY D 49 8.08 -1.93 -33.04
CA GLY D 49 8.93 -2.88 -33.79
C GLY D 49 8.72 -2.74 -35.28
N PHE D 50 9.13 -3.74 -36.07
CA PHE D 50 9.16 -3.67 -37.55
C PHE D 50 8.41 -4.84 -38.18
N LEU D 51 7.98 -5.81 -37.37
CA LEU D 51 7.44 -7.09 -37.89
C LEU D 51 5.99 -6.89 -38.33
N PHE D 52 5.19 -6.18 -37.53
CA PHE D 52 3.73 -6.00 -37.75
C PHE D 52 3.37 -4.51 -37.68
N PRO D 53 2.88 -3.95 -38.80
CA PRO D 53 2.22 -2.64 -38.76
C PRO D 53 1.32 -2.45 -37.53
N ASN D 66 3.07 10.68 -27.95
CA ASN D 66 2.53 12.00 -28.38
C ASN D 66 3.68 12.93 -28.83
N TYR D 67 4.84 12.90 -28.16
CA TYR D 67 5.96 13.83 -28.47
C TYR D 67 6.41 13.57 -29.91
N PRO D 68 6.85 14.61 -30.63
CA PRO D 68 7.30 14.43 -32.01
C PRO D 68 8.58 13.60 -32.13
N GLY D 69 8.77 12.98 -33.29
CA GLY D 69 10.06 12.41 -33.70
C GLY D 69 10.17 10.92 -33.42
N ILE D 70 9.06 10.22 -33.25
CA ILE D 70 9.09 8.75 -33.04
C ILE D 70 9.89 8.09 -34.18
N ALA D 71 10.71 7.10 -33.84
CA ALA D 71 11.45 6.28 -34.84
C ALA D 71 10.46 5.34 -35.54
N ARG D 72 10.62 5.16 -36.85
CA ARG D 72 9.66 4.39 -37.69
C ARG D 72 10.38 3.28 -38.47
N THR D 73 11.71 3.28 -38.49
CA THR D 73 12.55 2.36 -39.28
C THR D 73 13.74 1.92 -38.45
N PRO D 74 14.41 0.81 -38.82
CA PRO D 74 15.64 0.41 -38.15
C PRO D 74 16.67 1.55 -38.10
N ASP D 75 16.93 2.23 -39.23
CA ASP D 75 17.98 3.28 -39.33
C ASP D 75 17.63 4.43 -38.38
N GLU D 76 16.36 4.81 -38.30
CA GLU D 76 15.90 5.90 -37.39
C GLU D 76 16.11 5.48 -35.93
N LEU D 77 15.68 4.27 -35.55
CA LEU D 77 15.84 3.79 -34.16
C LEU D 77 17.34 3.66 -33.82
N ALA D 78 18.14 3.13 -34.74
CA ALA D 78 19.61 2.97 -34.56
C ALA D 78 20.24 4.35 -34.34
N GLY D 79 19.86 5.33 -35.15
CA GLY D 79 20.34 6.72 -35.01
C GLY D 79 19.98 7.30 -33.65
N ASP D 80 18.73 7.11 -33.22
CA ASP D 80 18.23 7.65 -31.93
C ASP D 80 18.99 7.01 -30.77
N MET D 81 19.23 5.69 -30.81
CA MET D 81 20.00 5.00 -29.75
C MET D 81 21.45 5.51 -29.75
N HIS D 82 22.06 5.69 -30.93
CA HIS D 82 23.42 6.26 -31.04
C HIS D 82 23.45 7.62 -30.35
N GLU D 83 22.46 8.48 -30.62
CA GLU D 83 22.38 9.85 -30.04
C GLU D 83 22.32 9.74 -28.51
N ALA D 84 21.43 8.90 -27.98
CA ALA D 84 21.26 8.70 -26.52
C ALA D 84 22.58 8.19 -25.93
N LEU D 85 23.18 7.16 -26.54
CA LEU D 85 24.42 6.54 -25.98
C LEU D 85 25.55 7.58 -26.01
N SER D 86 25.51 8.54 -26.93
CA SER D 86 26.55 9.59 -27.09
C SER D 86 26.50 10.56 -25.90
N LEU D 87 25.39 10.57 -25.16
CA LEU D 87 25.17 11.48 -24.01
C LEU D 87 25.22 10.70 -22.69
N ILE D 88 25.41 9.38 -22.77
CA ILE D 88 25.54 8.51 -21.57
C ILE D 88 26.99 8.07 -21.47
N PRO D 89 27.71 8.50 -20.40
CA PRO D 89 29.14 8.22 -20.29
C PRO D 89 29.42 6.72 -20.08
N GLY D 90 30.45 6.23 -20.76
CA GLY D 90 30.97 4.87 -20.54
C GLY D 90 30.50 3.91 -21.62
N LYS D 91 30.61 2.62 -21.35
CA LYS D 91 30.31 1.54 -22.31
C LYS D 91 29.08 0.76 -21.83
N HIS D 92 28.10 0.57 -22.71
CA HIS D 92 26.78 0.03 -22.32
C HIS D 92 26.35 -1.09 -23.28
N ARG D 93 25.11 -1.53 -23.12
CA ARG D 93 24.50 -2.60 -23.94
C ARG D 93 23.14 -2.10 -24.43
N VAL D 94 22.54 -2.84 -25.36
CA VAL D 94 21.17 -2.57 -25.86
C VAL D 94 20.36 -3.87 -25.74
N GLN D 95 19.12 -3.75 -25.29
CA GLN D 95 18.11 -4.84 -25.29
C GLN D 95 17.27 -4.74 -26.56
N LEU D 96 17.17 -5.83 -27.29
CA LEU D 96 16.24 -5.94 -28.45
C LEU D 96 14.99 -6.69 -28.01
N HIS D 97 13.90 -6.46 -28.72
CA HIS D 97 12.67 -7.31 -28.70
C HIS D 97 12.62 -8.07 -30.02
N ALA D 98 12.04 -9.27 -30.04
CA ALA D 98 12.00 -10.13 -31.24
C ALA D 98 11.33 -9.35 -32.39
N ILE D 99 10.37 -8.48 -32.08
CA ILE D 99 9.60 -7.74 -33.13
C ILE D 99 10.51 -6.71 -33.81
N TYR D 100 11.75 -6.54 -33.36
CA TYR D 100 12.72 -5.57 -33.96
C TYR D 100 13.59 -6.29 -35.01
N ALA D 101 13.16 -7.49 -35.42
CA ALA D 101 13.76 -8.22 -36.56
C ALA D 101 13.83 -7.28 -37.77
N VAL D 102 14.89 -7.39 -38.54
CA VAL D 102 15.10 -6.56 -39.77
C VAL D 102 15.26 -7.51 -40.95
N THR D 103 14.22 -7.66 -41.76
CA THR D 103 14.21 -8.57 -42.93
C THR D 103 13.10 -8.09 -43.88
N ASP D 104 13.26 -8.32 -45.19
CA ASP D 104 12.17 -8.10 -46.19
C ASP D 104 11.36 -9.38 -46.35
N LYS D 105 11.84 -10.52 -45.83
CA LYS D 105 11.08 -11.80 -45.84
C LYS D 105 9.89 -11.65 -44.89
N LYS D 106 8.72 -12.17 -45.28
CA LYS D 106 7.51 -12.13 -44.42
C LYS D 106 7.73 -13.11 -43.26
N ARG D 107 7.66 -12.61 -42.04
CA ARG D 107 7.97 -13.40 -40.82
C ARG D 107 6.78 -13.32 -39.86
N ASP D 108 6.57 -14.39 -39.11
CA ASP D 108 5.77 -14.38 -37.87
C ASP D 108 6.72 -14.72 -36.72
N LEU D 109 6.25 -14.60 -35.49
CA LEU D 109 7.06 -14.84 -34.28
C LEU D 109 7.57 -16.28 -34.27
N ASP D 110 6.86 -17.20 -34.95
CA ASP D 110 7.23 -18.64 -34.96
C ASP D 110 8.07 -18.99 -36.20
N THR D 111 8.50 -18.01 -37.01
CA THR D 111 9.30 -18.28 -38.23
C THR D 111 10.49 -17.30 -38.33
N LEU D 112 10.73 -16.48 -37.31
CA LEU D 112 11.94 -15.63 -37.22
C LEU D 112 13.18 -16.51 -37.33
N GLU D 113 14.22 -16.03 -38.01
CA GLU D 113 15.53 -16.73 -38.11
C GLU D 113 16.62 -15.85 -37.50
N PRO D 114 17.69 -16.44 -36.92
CA PRO D 114 18.76 -15.65 -36.33
C PRO D 114 19.29 -14.55 -37.26
N GLU D 115 19.41 -14.84 -38.56
CA GLU D 115 20.00 -13.89 -39.56
C GLU D 115 19.16 -12.61 -39.62
N ASP D 116 17.89 -12.67 -39.19
CA ASP D 116 16.96 -11.51 -39.18
C ASP D 116 17.48 -10.45 -38.21
N PHE D 117 18.50 -10.76 -37.42
CA PHE D 117 19.12 -9.83 -36.44
C PHE D 117 20.55 -9.46 -36.85
N ASP D 118 20.99 -9.86 -38.05
CA ASP D 118 22.33 -9.45 -38.58
C ASP D 118 22.42 -7.93 -38.56
N TYR D 119 21.33 -7.22 -38.85
CA TYR D 119 21.32 -5.74 -38.90
C TYR D 119 21.80 -5.19 -37.55
N TRP D 120 21.28 -5.76 -36.46
CA TRP D 120 21.55 -5.26 -35.08
C TRP D 120 22.92 -5.73 -34.62
N ILE D 121 23.33 -6.93 -35.01
CA ILE D 121 24.69 -7.45 -34.72
C ILE D 121 25.70 -6.46 -35.32
N ASP D 122 25.53 -6.12 -36.59
CA ASP D 122 26.44 -5.21 -37.33
C ASP D 122 26.44 -3.83 -36.65
N TRP D 123 25.27 -3.34 -36.25
CA TRP D 123 25.14 -2.02 -35.58
C TRP D 123 25.85 -2.05 -34.22
N ALA D 124 25.64 -3.09 -33.42
CA ALA D 124 26.22 -3.22 -32.07
C ALA D 124 27.75 -3.27 -32.17
N LYS D 125 28.26 -3.99 -33.17
CA LYS D 125 29.72 -4.14 -33.39
C LYS D 125 30.34 -2.76 -33.63
N GLN D 126 29.72 -1.96 -34.48
CA GLN D 126 30.31 -0.64 -34.85
C GLN D 126 30.01 0.38 -33.74
N GLU D 127 28.94 0.22 -32.99
CA GLU D 127 28.60 1.13 -31.85
C GLU D 127 29.46 0.77 -30.63
N GLY D 128 29.94 -0.47 -30.53
CA GLY D 128 30.71 -0.96 -29.37
C GLY D 128 29.80 -1.30 -28.19
N VAL D 129 28.67 -1.95 -28.44
CA VAL D 129 27.75 -2.37 -27.35
C VAL D 129 27.46 -3.87 -27.46
N GLY D 130 27.24 -4.52 -26.33
CA GLY D 130 26.68 -5.88 -26.28
C GLY D 130 25.18 -5.84 -26.47
N LEU D 131 24.55 -6.97 -26.75
CA LEU D 131 23.08 -7.08 -26.97
C LEU D 131 22.48 -8.07 -25.98
N ASP D 132 21.34 -7.68 -25.40
CA ASP D 132 20.45 -8.58 -24.65
C ASP D 132 19.18 -8.72 -25.49
N PHE D 133 18.36 -9.72 -25.18
CA PHE D 133 17.21 -10.09 -26.03
C PHE D 133 15.95 -10.29 -25.17
N ASN D 134 14.79 -10.04 -25.80
CA ASN D 134 13.45 -10.30 -25.22
C ASN D 134 12.58 -10.93 -26.31
N GLY D 135 12.04 -12.13 -26.04
CA GLY D 135 10.96 -12.70 -26.86
C GLY D 135 9.74 -11.81 -26.74
N THR D 136 8.92 -11.73 -27.80
CA THR D 136 7.72 -10.87 -27.84
C THR D 136 6.49 -11.75 -27.67
N PHE D 137 5.85 -11.71 -26.50
CA PHE D 137 4.72 -12.59 -26.13
C PHE D 137 3.46 -11.74 -25.93
N PHE D 138 3.29 -10.70 -26.74
CA PHE D 138 2.16 -9.74 -26.63
C PHE D 138 1.88 -9.08 -27.98
N SER D 139 0.75 -8.38 -28.06
CA SER D 139 0.30 -7.64 -29.28
C SER D 139 0.36 -8.57 -30.49
N HIS D 140 -0.43 -9.63 -30.46
CA HIS D 140 -0.48 -10.67 -31.51
C HIS D 140 -1.81 -11.40 -31.43
N PRO D 141 -2.40 -11.78 -32.58
CA PRO D 141 -3.68 -12.49 -32.61
C PRO D 141 -3.66 -13.81 -31.82
N MET D 142 -2.46 -14.39 -31.61
CA MET D 142 -2.31 -15.70 -30.91
C MET D 142 -2.24 -15.50 -29.40
N VAL D 143 -2.27 -14.25 -28.91
CA VAL D 143 -2.58 -13.99 -27.47
C VAL D 143 -4.07 -14.25 -27.28
N LYS D 144 -4.42 -15.36 -26.65
CA LYS D 144 -5.83 -15.78 -26.48
C LYS D 144 -6.25 -15.57 -25.03
N ASP D 145 -7.20 -14.68 -24.80
CA ASP D 145 -7.70 -14.35 -23.43
C ASP D 145 -6.49 -14.06 -22.54
N ASN D 146 -5.56 -13.23 -23.04
CA ASN D 146 -4.38 -12.72 -22.28
C ASN D 146 -3.39 -13.84 -21.99
N MET D 147 -3.46 -14.98 -22.66
CA MET D 147 -2.53 -16.11 -22.37
C MET D 147 -1.80 -16.56 -23.63
N THR D 148 -0.60 -17.11 -23.44
CA THR D 148 0.36 -17.43 -24.53
C THR D 148 0.94 -18.82 -24.23
N VAL D 149 2.15 -18.87 -23.67
CA VAL D 149 2.87 -20.13 -23.33
C VAL D 149 1.98 -21.00 -22.44
N SER D 150 1.18 -20.40 -21.55
CA SER D 150 0.43 -21.18 -20.53
C SER D 150 -1.08 -21.19 -20.81
N SER D 151 -1.48 -20.86 -22.04
CA SER D 151 -2.89 -20.97 -22.50
C SER D 151 -3.39 -22.40 -22.32
N PRO D 152 -4.67 -22.60 -21.92
CA PRO D 152 -5.27 -23.94 -21.92
C PRO D 152 -5.46 -24.51 -23.33
N ASP D 153 -5.33 -23.67 -24.36
CA ASP D 153 -5.47 -24.07 -25.79
C ASP D 153 -4.11 -24.57 -26.28
N PRO D 154 -3.98 -25.88 -26.60
CA PRO D 154 -2.67 -26.45 -26.97
C PRO D 154 -2.07 -25.86 -28.26
N LYS D 155 -2.92 -25.39 -29.18
CA LYS D 155 -2.47 -24.76 -30.46
C LYS D 155 -1.78 -23.43 -30.13
N VAL D 156 -2.34 -22.69 -29.17
CA VAL D 156 -1.78 -21.38 -28.72
C VAL D 156 -0.45 -21.66 -28.00
N ARG D 157 -0.44 -22.58 -27.04
CA ARG D 157 0.80 -22.98 -26.32
C ARG D 157 1.89 -23.35 -27.34
N ASP D 158 1.57 -24.20 -28.31
CA ASP D 158 2.57 -24.74 -29.27
C ASP D 158 3.21 -23.59 -30.06
N PHE D 159 2.40 -22.64 -30.53
CA PHE D 159 2.86 -21.45 -31.27
C PHE D 159 3.89 -20.69 -30.41
N TRP D 160 3.55 -20.41 -29.15
CA TRP D 160 4.39 -19.54 -28.27
C TRP D 160 5.63 -20.31 -27.82
N ILE D 161 5.51 -21.62 -27.64
CA ILE D 161 6.69 -22.49 -27.35
C ILE D 161 7.65 -22.40 -28.55
N ARG D 162 7.13 -22.39 -29.79
CA ARG D 162 7.96 -22.27 -31.01
C ARG D 162 8.70 -20.92 -30.94
N HIS D 163 8.00 -19.83 -30.60
CA HIS D 163 8.64 -18.51 -30.47
C HIS D 163 9.69 -18.55 -29.34
N GLY D 164 9.36 -19.17 -28.20
CA GLY D 164 10.30 -19.31 -27.08
C GLY D 164 11.60 -19.97 -27.51
N LYS D 165 11.51 -21.10 -28.20
CA LYS D 165 12.68 -21.86 -28.68
C LYS D 165 13.47 -20.97 -29.66
N ILE D 166 12.77 -20.27 -30.55
CA ILE D 166 13.41 -19.38 -31.56
C ILE D 166 14.14 -18.24 -30.83
N SER D 167 13.55 -17.66 -29.77
CA SER D 167 14.22 -16.56 -29.02
C SER D 167 15.60 -17.06 -28.55
N ARG D 168 15.70 -18.33 -28.14
CA ARG D 168 16.96 -18.90 -27.62
C ARG D 168 17.95 -19.08 -28.78
N GLU D 169 17.46 -19.54 -29.93
CA GLU D 169 18.32 -19.78 -31.12
C GLU D 169 18.89 -18.44 -31.59
N ILE D 170 18.06 -17.40 -31.66
CA ILE D 170 18.49 -16.02 -32.04
C ILE D 170 19.54 -15.54 -31.04
N SER D 171 19.26 -15.66 -29.74
CA SER D 171 20.13 -15.18 -28.64
C SER D 171 21.49 -15.87 -28.72
N ASN D 172 21.49 -17.20 -28.91
CA ASN D 172 22.72 -18.00 -29.06
C ASN D 172 23.57 -17.46 -30.22
N TYR D 173 22.94 -17.27 -31.38
CA TYR D 173 23.57 -16.74 -32.62
C TYR D 173 24.18 -15.35 -32.34
N ILE D 174 23.42 -14.44 -31.76
CA ILE D 174 23.90 -13.05 -31.47
C ILE D 174 25.12 -13.14 -30.54
N GLY D 175 25.03 -13.96 -29.49
CA GLY D 175 26.11 -14.13 -28.50
C GLY D 175 27.36 -14.65 -29.17
N GLU D 176 27.21 -15.64 -30.05
CA GLU D 176 28.32 -16.24 -30.85
C GLU D 176 29.00 -15.14 -31.66
N LYS D 177 28.20 -14.31 -32.33
CA LYS D 177 28.71 -13.28 -33.28
C LYS D 177 29.38 -12.14 -32.51
N LEU D 178 28.85 -11.74 -31.35
CA LEU D 178 29.38 -10.56 -30.59
C LEU D 178 30.48 -11.00 -29.63
N GLY D 179 30.52 -12.27 -29.25
CA GLY D 179 31.47 -12.78 -28.24
C GLY D 179 31.14 -12.23 -26.87
N SER D 180 29.87 -11.91 -26.65
CA SER D 180 29.31 -11.43 -25.37
C SER D 180 27.99 -12.19 -25.12
N GLN D 181 27.90 -12.83 -23.97
CA GLN D 181 26.69 -13.59 -23.57
C GLN D 181 25.46 -12.68 -23.72
N VAL D 182 24.45 -13.17 -24.42
CA VAL D 182 23.11 -12.51 -24.54
C VAL D 182 22.21 -13.00 -23.41
N VAL D 183 21.76 -12.11 -22.53
CA VAL D 183 20.68 -12.45 -21.56
C VAL D 183 19.36 -12.38 -22.32
N ASN D 184 18.66 -13.52 -22.39
CA ASN D 184 17.39 -13.67 -23.13
C ASN D 184 16.25 -13.64 -22.12
N ASN D 185 15.58 -12.50 -21.99
CA ASN D 185 14.57 -12.25 -20.93
C ASN D 185 13.18 -12.64 -21.43
N PHE D 186 12.49 -13.47 -20.63
CA PHE D 186 11.12 -13.97 -20.89
C PHE D 186 10.14 -13.20 -20.01
N TRP D 187 9.22 -12.48 -20.64
CA TRP D 187 8.06 -11.87 -19.96
C TRP D 187 6.79 -12.30 -20.69
N LEU D 188 5.84 -12.88 -19.95
CA LEU D 188 4.52 -13.33 -20.45
C LEU D 188 3.43 -12.51 -19.79
N PRO D 189 2.39 -12.08 -20.55
CA PRO D 189 1.26 -11.35 -19.95
C PRO D 189 0.30 -12.29 -19.19
N ASP D 190 0.44 -13.59 -19.40
CA ASP D 190 -0.53 -14.64 -18.99
C ASP D 190 -1.14 -14.33 -17.62
N GLY D 191 -2.47 -14.28 -17.55
CA GLY D 191 -3.21 -14.17 -16.29
C GLY D 191 -4.69 -13.95 -16.52
N PHE D 192 -5.39 -13.45 -15.50
CA PHE D 192 -6.84 -13.19 -15.54
C PHE D 192 -7.14 -11.75 -15.12
N LYS D 193 -8.12 -11.14 -15.78
CA LYS D 193 -8.66 -9.83 -15.37
C LYS D 193 -9.34 -9.93 -14.00
N ASP D 194 -10.19 -10.95 -13.83
CA ASP D 194 -11.00 -11.12 -12.59
C ASP D 194 -10.55 -12.39 -11.85
N ASN D 195 -11.15 -12.63 -10.69
CA ASN D 195 -10.70 -13.66 -9.72
C ASN D 195 -10.81 -15.05 -10.34
N PRO D 196 -9.70 -15.79 -10.38
CA PRO D 196 -9.71 -17.17 -10.89
C PRO D 196 -10.20 -18.24 -9.91
N ILE D 197 -10.73 -19.34 -10.45
CA ILE D 197 -11.11 -20.57 -9.70
C ILE D 197 -9.85 -21.42 -9.51
N ASP D 198 -9.10 -21.61 -10.59
CA ASP D 198 -7.95 -22.53 -10.61
C ASP D 198 -6.67 -21.71 -10.77
N LYS D 199 -5.90 -21.59 -9.70
CA LYS D 199 -4.58 -20.89 -9.70
C LYS D 199 -3.45 -21.90 -9.95
N LYS D 200 -3.69 -23.18 -9.69
CA LYS D 200 -2.65 -24.24 -9.75
C LYS D 200 -2.34 -24.60 -11.20
N THR D 201 -3.36 -24.91 -11.99
CA THR D 201 -3.20 -25.54 -13.33
C THR D 201 -2.49 -24.57 -14.28
N PRO D 202 -2.81 -23.26 -14.32
CA PRO D 202 -2.06 -22.35 -15.19
C PRO D 202 -0.55 -22.37 -14.92
N ARG D 203 -0.14 -22.44 -13.65
CA ARG D 203 1.29 -22.46 -13.25
C ARG D 203 1.91 -23.81 -13.59
N LEU D 204 1.15 -24.91 -13.55
CA LEU D 204 1.69 -26.21 -14.03
C LEU D 204 1.84 -26.18 -15.56
N ARG D 205 0.92 -25.54 -16.29
CA ARG D 205 1.03 -25.43 -17.76
C ARG D 205 2.26 -24.57 -18.07
N LEU D 206 2.45 -23.50 -17.29
CA LEU D 206 3.60 -22.58 -17.50
C LEU D 206 4.90 -23.38 -17.28
N LEU D 207 5.00 -24.11 -16.16
CA LEU D 207 6.21 -24.89 -15.80
C LEU D 207 6.56 -25.83 -16.97
N LYS D 208 5.58 -26.60 -17.45
CA LYS D 208 5.81 -27.63 -18.51
C LYS D 208 6.27 -26.94 -19.80
N ALA D 209 5.65 -25.82 -20.16
CA ALA D 209 5.96 -25.07 -21.40
C ALA D 209 7.38 -24.49 -21.31
N LEU D 210 7.75 -23.88 -20.17
CA LEU D 210 9.11 -23.29 -20.02
C LEU D 210 10.17 -24.41 -20.12
N ASP D 211 9.92 -25.57 -19.51
CA ASP D 211 10.89 -26.69 -19.55
C ASP D 211 11.08 -27.13 -21.00
N GLU D 212 10.02 -27.13 -21.79
CA GLU D 212 10.07 -27.51 -23.24
C GLU D 212 10.92 -26.46 -23.98
N ILE D 213 10.69 -25.17 -23.70
CA ILE D 213 11.42 -24.04 -24.36
C ILE D 213 12.94 -24.17 -24.12
N ILE D 214 13.36 -24.47 -22.90
CA ILE D 214 14.80 -24.47 -22.51
C ILE D 214 15.43 -25.87 -22.71
N LYS D 215 14.68 -26.85 -23.22
CA LYS D 215 15.12 -28.27 -23.31
C LYS D 215 16.44 -28.40 -24.10
N ASP D 216 16.47 -27.87 -25.33
CA ASP D 216 17.63 -28.04 -26.25
C ASP D 216 18.81 -27.25 -25.68
N PRO D 217 19.95 -27.92 -25.36
CA PRO D 217 21.09 -27.22 -24.78
C PRO D 217 21.76 -26.25 -25.78
N LEU D 218 22.06 -25.04 -25.31
CA LEU D 218 22.87 -24.04 -26.04
C LEU D 218 23.98 -23.55 -25.13
N PRO D 219 25.16 -23.23 -25.68
CA PRO D 219 26.31 -22.84 -24.87
C PRO D 219 26.05 -21.60 -24.00
N GLU D 220 26.34 -21.73 -22.71
CA GLU D 220 26.18 -20.64 -21.73
C GLU D 220 27.02 -19.43 -22.12
N LYS D 221 28.18 -19.64 -22.76
CA LYS D 221 29.07 -18.51 -23.17
C LYS D 221 28.30 -17.59 -24.13
N ASN D 222 27.32 -18.12 -24.85
CA ASN D 222 26.59 -17.40 -25.93
C ASN D 222 25.30 -16.80 -25.37
N THR D 223 24.58 -17.52 -24.50
CA THR D 223 23.28 -17.02 -24.00
C THR D 223 22.86 -17.72 -22.72
N ILE D 224 22.07 -17.03 -21.91
CA ILE D 224 21.34 -17.67 -20.79
C ILE D 224 19.98 -16.98 -20.68
N GLU D 225 18.97 -17.70 -20.19
CA GLU D 225 17.59 -17.15 -20.09
C GLU D 225 17.39 -16.51 -18.72
N SER D 226 16.59 -15.46 -18.68
CA SER D 226 16.07 -14.83 -17.43
C SER D 226 14.54 -14.83 -17.50
N PHE D 227 13.89 -14.89 -16.34
CA PHE D 227 12.42 -15.01 -16.21
C PHE D 227 11.90 -13.85 -15.38
N GLU D 228 10.99 -13.09 -15.97
CA GLU D 228 10.45 -11.82 -15.42
C GLU D 228 8.99 -12.00 -14.99
N GLY D 229 8.76 -11.89 -13.68
CA GLY D 229 7.42 -11.94 -13.10
C GLY D 229 6.79 -10.56 -13.03
N LYS D 230 5.51 -10.52 -12.68
CA LYS D 230 4.72 -9.28 -12.57
C LYS D 230 3.64 -9.53 -11.52
N LEU D 231 3.27 -8.51 -10.75
CA LEU D 231 2.13 -8.62 -9.79
C LEU D 231 0.81 -8.50 -10.56
N PHE D 232 0.67 -7.46 -11.37
CA PHE D 232 -0.59 -7.19 -12.11
C PHE D 232 -0.29 -6.26 -13.29
N GLY D 233 -1.13 -6.33 -14.32
CA GLY D 233 -1.11 -5.41 -15.47
C GLY D 233 -2.51 -4.98 -15.87
N THR D 234 -2.60 -3.93 -16.68
CA THR D 234 -3.88 -3.39 -17.19
C THR D 234 -4.64 -4.48 -17.92
N GLY D 235 -5.90 -4.70 -17.54
CA GLY D 235 -6.77 -5.70 -18.18
C GLY D 235 -6.46 -7.11 -17.71
N ILE D 236 -5.47 -7.27 -16.82
CA ILE D 236 -5.05 -8.60 -16.25
C ILE D 236 -4.74 -8.38 -14.78
N GLU D 237 -5.64 -7.71 -14.05
CA GLU D 237 -5.33 -7.18 -12.70
C GLU D 237 -5.33 -8.26 -11.60
N SER D 238 -6.15 -9.32 -11.72
CA SER D 238 -6.51 -10.18 -10.55
C SER D 238 -5.54 -11.36 -10.36
N TYR D 239 -4.88 -11.83 -11.41
CA TYR D 239 -3.99 -13.03 -11.34
C TYR D 239 -2.97 -12.94 -12.46
N THR D 240 -1.71 -13.11 -12.09
CA THR D 240 -0.57 -13.26 -13.02
C THR D 240 -0.03 -14.68 -12.91
N THR D 241 -0.08 -15.44 -14.00
CA THR D 241 0.38 -16.85 -14.00
C THR D 241 1.84 -16.89 -13.55
N GLY D 242 2.70 -16.13 -14.23
CA GLY D 242 4.13 -16.03 -13.90
C GLY D 242 4.36 -15.04 -12.77
N SER D 243 4.20 -15.47 -11.52
CA SER D 243 4.42 -14.61 -10.34
C SER D 243 5.92 -14.52 -10.02
N HIS D 244 6.29 -13.57 -9.16
CA HIS D 244 7.67 -13.39 -8.68
C HIS D 244 8.12 -14.68 -7.98
N GLU D 245 7.26 -15.26 -7.16
CA GLU D 245 7.57 -16.52 -6.43
C GLU D 245 7.81 -17.65 -7.44
N PHE D 246 6.93 -17.77 -8.41
CA PHE D 246 7.01 -18.84 -9.42
C PHE D 246 8.38 -18.76 -10.10
N TYR D 247 8.75 -17.57 -10.55
CA TYR D 247 9.97 -17.40 -11.39
C TYR D 247 11.23 -17.43 -10.52
N GLN D 248 11.20 -16.93 -9.28
CA GLN D 248 12.39 -17.09 -8.40
C GLN D 248 12.63 -18.60 -8.19
N ASN D 249 11.56 -19.33 -7.89
CA ASN D 249 11.63 -20.81 -7.71
C ASN D 249 12.13 -21.44 -9.02
N TYR D 250 11.61 -20.99 -10.15
CA TYR D 250 11.91 -21.62 -11.46
C TYR D 250 13.39 -21.37 -11.79
N ALA D 251 13.85 -20.13 -11.64
CA ALA D 251 15.25 -19.73 -11.92
C ALA D 251 16.19 -20.59 -11.07
N ILE D 252 15.93 -20.71 -9.77
CA ILE D 252 16.83 -21.46 -8.86
C ILE D 252 16.80 -22.95 -9.27
N SER D 253 15.63 -23.53 -9.52
CA SER D 253 15.54 -25.01 -9.77
C SER D 253 16.13 -25.34 -11.15
N ARG D 254 15.97 -24.49 -12.16
CA ARG D 254 16.42 -24.78 -13.55
C ARG D 254 17.78 -24.12 -13.83
N ASN D 255 18.35 -23.44 -12.84
CA ASN D 255 19.70 -22.80 -12.90
C ASN D 255 19.70 -21.77 -14.03
N LYS D 256 18.72 -20.87 -14.00
CA LYS D 256 18.59 -19.73 -14.93
C LYS D 256 18.60 -18.44 -14.12
N LEU D 257 18.49 -17.29 -14.81
CA LEU D 257 18.51 -15.98 -14.14
C LEU D 257 17.07 -15.61 -13.76
N TRP D 258 16.95 -14.77 -12.74
CA TRP D 258 15.66 -14.19 -12.31
C TRP D 258 15.66 -12.70 -12.63
N THR D 259 14.58 -12.21 -13.27
CA THR D 259 14.43 -10.79 -13.63
C THR D 259 13.57 -10.08 -12.59
N ILE D 260 14.13 -9.03 -11.98
CA ILE D 260 13.42 -8.16 -11.01
C ILE D 260 13.18 -6.83 -11.71
N ASP D 261 11.92 -6.54 -12.04
CA ASP D 261 11.51 -5.23 -12.59
C ASP D 261 10.97 -4.38 -11.44
N ALA D 262 11.59 -3.23 -11.19
CA ALA D 262 11.34 -2.39 -9.98
C ALA D 262 9.91 -1.84 -9.98
N GLY D 263 9.17 -1.95 -11.08
CA GLY D 263 7.81 -1.42 -11.20
C GLY D 263 6.74 -2.47 -10.98
N HIS D 264 7.12 -3.72 -10.69
CA HIS D 264 6.18 -4.87 -10.83
C HIS D 264 5.80 -5.46 -9.47
N PHE D 265 6.00 -4.73 -8.38
CA PHE D 265 5.83 -5.31 -7.02
C PHE D 265 4.71 -4.58 -6.28
N HIS D 266 4.50 -4.95 -5.01
CA HIS D 266 3.41 -4.37 -4.18
C HIS D 266 3.70 -2.92 -3.84
N PRO D 267 2.67 -2.15 -3.46
CA PRO D 267 2.90 -0.84 -2.85
C PRO D 267 3.84 -0.99 -1.64
N THR D 268 4.86 -0.12 -1.57
CA THR D 268 5.86 -0.01 -0.47
C THR D 268 6.91 -1.12 -0.56
N GLU D 269 6.80 -2.04 -1.52
CA GLU D 269 7.74 -3.19 -1.60
C GLU D 269 9.10 -2.67 -2.10
N ASP D 270 10.17 -3.05 -1.40
CA ASP D 270 11.57 -2.64 -1.67
C ASP D 270 12.28 -3.79 -2.39
N VAL D 271 12.44 -3.71 -3.71
CA VAL D 271 13.01 -4.84 -4.51
C VAL D 271 14.48 -5.03 -4.12
N SER D 272 15.13 -4.03 -3.49
CA SER D 272 16.55 -4.13 -3.08
C SER D 272 16.71 -5.13 -1.94
N ASP D 273 15.60 -5.51 -1.29
CA ASP D 273 15.57 -6.54 -0.23
C ASP D 273 15.81 -7.92 -0.82
N LYS D 274 15.50 -8.13 -2.11
CA LYS D 274 15.42 -9.50 -2.70
C LYS D 274 16.82 -10.06 -2.95
N PHE D 275 17.82 -9.23 -3.28
CA PHE D 275 19.11 -9.71 -3.83
C PHE D 275 19.74 -10.72 -2.85
N SER D 276 19.86 -10.33 -1.58
CA SER D 276 20.58 -11.08 -0.52
C SER D 276 19.78 -12.31 -0.07
N ALA D 277 18.51 -12.44 -0.45
CA ALA D 277 17.70 -13.65 -0.16
C ALA D 277 17.75 -14.60 -1.37
N PHE D 278 18.17 -14.09 -2.52
CA PHE D 278 18.30 -14.89 -3.77
C PHE D 278 19.70 -15.50 -3.88
N PHE D 279 20.75 -14.71 -3.65
CA PHE D 279 22.13 -15.11 -4.01
C PHE D 279 22.67 -16.24 -3.13
N PRO D 280 22.13 -16.59 -1.94
CA PRO D 280 22.55 -17.83 -1.27
C PRO D 280 22.12 -19.08 -2.03
N PHE D 281 21.23 -18.95 -3.00
CA PHE D 281 20.55 -20.10 -3.66
C PHE D 281 20.70 -20.08 -5.19
N GLY D 282 20.76 -18.89 -5.80
CA GLY D 282 20.59 -18.72 -7.25
C GLY D 282 21.85 -18.25 -7.96
N LYS D 283 21.78 -18.17 -9.29
CA LYS D 283 22.93 -17.99 -10.22
C LYS D 283 23.16 -16.50 -10.49
N GLY D 284 22.11 -15.78 -10.87
CA GLY D 284 22.26 -14.40 -11.35
C GLY D 284 20.93 -13.70 -11.52
N LEU D 285 21.00 -12.38 -11.64
CA LEU D 285 19.80 -11.50 -11.72
C LEU D 285 19.90 -10.64 -12.97
N PHE D 286 18.74 -10.33 -13.56
CA PHE D 286 18.56 -9.22 -14.50
C PHE D 286 17.71 -8.17 -13.77
N MET D 287 18.32 -7.05 -13.39
CA MET D 287 17.66 -5.99 -12.59
C MET D 287 17.15 -4.94 -13.59
N HIS D 288 15.83 -4.88 -13.81
CA HIS D 288 15.15 -3.94 -14.73
C HIS D 288 14.73 -2.69 -13.94
N VAL D 289 15.49 -1.60 -14.04
CA VAL D 289 15.13 -0.37 -13.27
C VAL D 289 14.03 0.33 -14.06
N SER D 290 12.97 0.68 -13.35
CA SER D 290 11.71 1.24 -13.89
C SER D 290 11.05 2.01 -12.75
N ARG D 291 10.38 3.12 -13.02
CA ARG D 291 9.69 3.89 -11.95
C ARG D 291 8.18 3.64 -12.04
N PRO D 292 7.60 2.94 -11.05
CA PRO D 292 6.14 2.84 -10.95
C PRO D 292 5.59 4.05 -10.20
N VAL D 293 4.59 4.71 -10.76
CA VAL D 293 3.85 5.79 -10.06
C VAL D 293 2.45 5.26 -9.79
N ARG D 294 2.32 4.56 -8.66
CA ARG D 294 1.06 4.03 -8.06
C ARG D 294 0.54 2.82 -8.83
N TRP D 295 1.13 2.50 -9.99
CA TRP D 295 0.91 1.24 -10.72
C TRP D 295 2.12 0.98 -11.60
N ASP D 296 2.08 -0.07 -12.42
CA ASP D 296 3.20 -0.40 -13.34
C ASP D 296 3.15 0.55 -14.52
N SER D 297 3.53 1.81 -14.29
CA SER D 297 3.30 2.96 -15.19
C SER D 297 4.49 3.16 -16.14
N ASP D 298 5.64 2.55 -15.83
CA ASP D 298 6.82 2.53 -16.71
C ASP D 298 7.32 3.97 -16.94
N HIS D 299 7.31 4.79 -15.89
CA HIS D 299 7.92 6.14 -15.91
C HIS D 299 9.44 6.01 -16.07
N VAL D 300 10.07 7.02 -16.66
CA VAL D 300 11.55 7.15 -16.74
C VAL D 300 12.12 7.08 -15.32
N VAL D 301 13.19 6.30 -15.18
CA VAL D 301 13.96 6.16 -13.91
C VAL D 301 14.54 7.53 -13.51
N ILE D 302 14.33 7.89 -12.25
CA ILE D 302 14.86 9.13 -11.62
C ILE D 302 15.61 8.74 -10.34
N MET D 303 16.42 9.65 -9.82
CA MET D 303 17.15 9.43 -8.55
C MET D 303 16.15 9.58 -7.41
N ASP D 304 15.58 8.45 -6.96
CA ASP D 304 14.58 8.40 -5.87
C ASP D 304 15.00 7.28 -4.90
N ASP D 305 14.27 7.12 -3.80
CA ASP D 305 14.57 6.14 -2.75
C ASP D 305 14.81 4.78 -3.40
N ALA D 306 13.94 4.38 -4.32
CA ALA D 306 13.96 3.01 -4.90
C ALA D 306 15.28 2.82 -5.66
N LEU D 307 15.63 3.77 -6.52
CA LEU D 307 16.87 3.65 -7.33
C LEU D 307 18.09 3.69 -6.41
N ILE D 308 18.09 4.59 -5.42
CA ILE D 308 19.22 4.72 -4.45
C ILE D 308 19.39 3.38 -3.72
N ARG D 309 18.30 2.74 -3.31
CA ARG D 309 18.37 1.48 -2.51
C ARG D 309 18.79 0.32 -3.41
N ILE D 310 18.27 0.25 -4.63
CA ILE D 310 18.63 -0.82 -5.61
C ILE D 310 20.15 -0.74 -5.84
N THR D 311 20.64 0.44 -6.19
CA THR D 311 22.06 0.64 -6.57
C THR D 311 22.96 0.41 -5.35
N ARG D 312 22.63 0.94 -4.17
CA ARG D 312 23.52 0.82 -3.01
C ARG D 312 23.49 -0.63 -2.49
N SER D 313 22.36 -1.34 -2.61
CA SER D 313 22.25 -2.75 -2.16
C SER D 313 23.13 -3.64 -3.06
N LEU D 314 23.20 -3.34 -4.36
CA LEU D 314 24.07 -4.09 -5.30
C LEU D 314 25.55 -3.80 -5.00
N VAL D 315 25.89 -2.53 -4.76
CA VAL D 315 27.29 -2.09 -4.53
C VAL D 315 27.80 -2.60 -3.18
N ARG D 316 27.04 -2.37 -2.11
CA ARG D 316 27.47 -2.65 -0.72
C ARG D 316 27.72 -4.15 -0.56
N ASP D 317 26.90 -4.99 -1.18
CA ASP D 317 26.95 -6.45 -0.93
C ASP D 317 27.67 -7.18 -2.08
N GLY D 318 28.25 -6.42 -3.02
CA GLY D 318 29.20 -6.97 -4.02
C GLY D 318 28.52 -7.83 -5.07
N TYR D 319 27.31 -7.49 -5.47
CA TYR D 319 26.48 -8.34 -6.37
C TYR D 319 26.57 -7.90 -7.84
N LEU D 320 27.35 -6.87 -8.19
CA LEU D 320 27.30 -6.31 -9.57
C LEU D 320 27.82 -7.35 -10.58
N ASP D 321 28.77 -8.20 -10.19
CA ASP D 321 29.37 -9.19 -11.12
C ASP D 321 28.35 -10.29 -11.44
N ARG D 322 27.23 -10.38 -10.71
CA ARG D 322 26.21 -11.43 -10.93
C ARG D 322 24.86 -10.79 -11.27
N THR D 323 24.83 -9.47 -11.41
CA THR D 323 23.60 -8.70 -11.68
C THR D 323 23.76 -7.88 -12.96
N HIS D 324 22.97 -8.20 -13.98
CA HIS D 324 22.84 -7.42 -15.22
C HIS D 324 21.82 -6.31 -14.98
N ILE D 325 22.21 -5.05 -15.20
CA ILE D 325 21.28 -3.91 -15.01
C ILE D 325 20.74 -3.48 -16.38
N GLY D 326 19.42 -3.58 -16.55
CA GLY D 326 18.71 -3.07 -17.73
C GLY D 326 17.78 -1.95 -17.36
N LEU D 327 17.48 -1.08 -18.32
CA LEU D 327 16.43 -0.05 -18.17
C LEU D 327 15.14 -0.65 -18.73
N ASP D 328 14.00 -0.33 -18.12
CA ASP D 328 12.69 -0.68 -18.73
C ASP D 328 11.71 0.41 -18.32
N PHE D 329 11.34 1.24 -19.28
CA PHE D 329 10.34 2.31 -19.12
C PHE D 329 9.85 2.70 -20.51
N PHE D 330 8.75 3.43 -20.55
CA PHE D 330 8.08 3.83 -21.80
C PHE D 330 7.36 5.14 -21.50
N ASP D 331 7.99 6.25 -21.85
CA ASP D 331 7.36 7.59 -21.75
C ASP D 331 7.46 8.27 -23.11
N ALA D 332 6.32 8.38 -23.81
CA ALA D 332 6.23 9.01 -25.14
C ALA D 332 5.72 10.45 -25.01
N THR D 333 5.56 10.97 -23.79
CA THR D 333 5.04 12.34 -23.57
C THR D 333 6.19 13.35 -23.62
N ILE D 334 7.44 12.88 -23.64
CA ILE D 334 8.65 13.74 -23.62
C ILE D 334 9.57 13.27 -24.73
N ASN D 335 10.65 14.00 -24.96
CA ASN D 335 11.65 13.63 -25.98
C ASN D 335 12.14 12.20 -25.66
N ARG D 336 11.91 11.25 -26.58
CA ARG D 336 12.15 9.81 -26.31
C ARG D 336 13.65 9.57 -26.09
N VAL D 337 14.50 10.33 -26.79
CA VAL D 337 15.98 10.19 -26.65
C VAL D 337 16.37 10.72 -25.27
N ALA D 338 15.84 11.89 -24.86
CA ALA D 338 16.10 12.47 -23.53
C ALA D 338 15.70 11.48 -22.44
N ALA D 339 14.58 10.76 -22.62
CA ALA D 339 14.07 9.76 -21.66
C ALA D 339 15.19 8.76 -21.32
N TRP D 340 15.83 8.17 -22.33
CA TRP D 340 16.94 7.20 -22.12
C TRP D 340 18.03 7.84 -21.28
N VAL D 341 18.44 9.05 -21.64
CA VAL D 341 19.62 9.71 -21.02
C VAL D 341 19.30 10.05 -19.56
N VAL D 342 18.09 10.54 -19.28
CA VAL D 342 17.71 10.86 -17.87
C VAL D 342 17.84 9.57 -17.05
N GLY D 343 17.25 8.47 -17.52
CA GLY D 343 17.17 7.21 -16.79
C GLY D 343 18.55 6.61 -16.59
N ALA D 344 19.36 6.60 -17.65
CA ALA D 344 20.74 6.07 -17.62
C ALA D 344 21.56 6.88 -16.64
N ARG D 345 21.55 8.22 -16.76
CA ARG D 345 22.37 9.09 -15.87
C ARG D 345 21.91 8.94 -14.42
N ALA D 346 20.60 8.84 -14.17
CA ALA D 346 20.06 8.69 -12.80
C ALA D 346 20.62 7.40 -12.19
N THR D 347 20.65 6.32 -12.97
CA THR D 347 21.14 5.01 -12.50
C THR D 347 22.65 5.09 -12.21
N GLN D 348 23.42 5.70 -13.12
CA GLN D 348 24.89 5.82 -12.96
C GLN D 348 25.23 6.67 -11.73
N LYS D 349 24.60 7.84 -11.55
CA LYS D 349 25.00 8.74 -10.43
C LYS D 349 24.61 8.06 -9.11
N SER D 350 23.57 7.22 -9.11
CA SER D 350 23.10 6.50 -7.91
C SER D 350 24.09 5.39 -7.57
N LEU D 351 24.51 4.62 -8.58
CA LEU D 351 25.62 3.64 -8.41
C LEU D 351 26.85 4.37 -7.86
N LEU D 352 27.23 5.49 -8.47
CA LEU D 352 28.46 6.22 -8.09
C LEU D 352 28.35 6.70 -6.64
N GLN D 353 27.21 7.25 -6.23
CA GLN D 353 27.04 7.71 -4.83
C GLN D 353 27.29 6.53 -3.88
N ALA D 354 26.75 5.35 -4.20
CA ALA D 354 26.89 4.14 -3.35
C ALA D 354 28.38 3.75 -3.28
N MET D 355 29.11 3.92 -4.38
CA MET D 355 30.55 3.54 -4.48
C MET D 355 31.41 4.54 -3.72
N LEU D 356 30.89 5.75 -3.45
CA LEU D 356 31.62 6.86 -2.78
C LEU D 356 31.39 6.83 -1.27
N ALA D 357 31.13 5.66 -0.67
CA ALA D 357 30.93 5.53 0.79
C ALA D 357 32.06 4.68 1.35
N PRO D 358 32.46 4.92 2.62
CA PRO D 358 33.45 4.10 3.29
C PRO D 358 32.79 2.78 3.73
N ILE D 359 32.49 1.93 2.75
CA ILE D 359 31.60 0.74 2.94
C ILE D 359 32.25 -0.22 3.94
N ASP D 360 33.55 -0.49 3.83
CA ASP D 360 34.23 -1.46 4.73
C ASP D 360 34.09 -0.97 6.18
N GLN D 361 34.33 0.32 6.43
CA GLN D 361 34.27 0.89 7.81
C GLN D 361 32.81 0.90 8.29
N LEU D 362 31.86 1.25 7.42
CA LEU D 362 30.43 1.30 7.80
C LEU D 362 30.00 -0.11 8.20
N LYS D 363 30.49 -1.13 7.48
CA LYS D 363 30.16 -2.55 7.80
C LYS D 363 30.69 -2.87 9.20
N LYS D 364 31.93 -2.50 9.51
CA LYS D 364 32.54 -2.77 10.84
C LYS D 364 31.71 -2.08 11.93
N ASP D 365 31.34 -0.81 11.73
CA ASP D 365 30.54 -0.03 12.72
C ASP D 365 29.21 -0.75 12.99
N GLU D 366 28.56 -1.22 11.93
CA GLU D 366 27.26 -1.94 12.00
C GLU D 366 27.43 -3.28 12.72
N LEU D 367 28.51 -4.02 12.46
CA LEU D 367 28.77 -5.31 13.15
C LEU D 367 28.97 -5.04 14.64
N ASN D 368 29.44 -3.85 15.00
CA ASN D 368 29.66 -3.43 16.41
C ASN D 368 28.39 -2.80 16.96
N ALA D 369 27.29 -2.80 16.19
CA ALA D 369 25.98 -2.23 16.57
C ALA D 369 26.12 -0.73 16.86
N ASP D 370 27.05 -0.02 16.20
CA ASP D 370 27.14 1.44 16.33
C ASP D 370 26.17 2.08 15.32
N PHE D 371 24.89 2.06 15.66
CA PHE D 371 23.78 2.52 14.79
C PHE D 371 23.77 4.06 14.77
N THR D 372 24.31 4.70 15.79
CA THR D 372 24.44 6.19 15.85
C THR D 372 25.37 6.63 14.73
N THR D 373 26.57 6.07 14.66
CA THR D 373 27.58 6.41 13.63
C THR D 373 27.00 6.10 12.25
N ARG D 374 26.39 4.93 12.07
CA ARG D 374 25.81 4.52 10.77
C ARG D 374 24.78 5.56 10.30
N LEU D 375 23.89 6.01 11.18
CA LEU D 375 22.82 6.98 10.81
C LEU D 375 23.48 8.31 10.45
N ILE D 376 24.37 8.82 11.31
CA ILE D 376 24.99 10.16 11.09
C ILE D 376 25.72 10.13 9.74
N GLU D 377 26.57 9.13 9.52
CA GLU D 377 27.48 9.10 8.34
C GLU D 377 26.68 8.91 7.06
N THR D 378 25.74 7.95 7.01
CA THR D 378 24.91 7.72 5.80
C THR D 378 24.17 9.02 5.45
N GLU D 379 23.73 9.78 6.44
CA GLU D 379 22.99 11.04 6.18
C GLU D 379 23.96 12.12 5.71
N GLU D 380 25.14 12.22 6.33
CA GLU D 380 26.15 13.23 5.91
C GLU D 380 26.55 12.96 4.45
N LEU D 381 26.65 11.69 4.05
CA LEU D 381 27.18 11.33 2.72
C LEU D 381 26.21 11.81 1.62
N LYS D 382 24.94 11.95 1.94
CA LYS D 382 23.91 12.37 0.95
C LYS D 382 24.17 13.81 0.48
N SER D 383 24.93 14.61 1.25
CA SER D 383 25.29 15.99 0.90
C SER D 383 26.82 16.16 0.77
N PHE D 384 27.57 15.07 0.68
CA PHE D 384 28.98 15.11 0.21
C PHE D 384 28.96 15.51 -1.26
N PRO D 385 30.10 15.97 -1.82
CA PRO D 385 30.13 16.42 -3.22
C PRO D 385 30.23 15.30 -4.26
N PHE D 386 29.27 14.38 -4.24
CA PHE D 386 29.20 13.24 -5.21
C PHE D 386 29.02 13.82 -6.63
N GLY D 387 28.34 14.96 -6.75
CA GLY D 387 28.08 15.63 -8.05
C GLY D 387 29.37 15.99 -8.76
N ALA D 388 30.39 16.38 -8.02
CA ALA D 388 31.71 16.76 -8.58
C ALA D 388 32.36 15.51 -9.18
N VAL D 389 32.16 14.35 -8.56
CA VAL D 389 32.75 13.09 -9.06
C VAL D 389 31.97 12.67 -10.31
N TRP D 390 30.63 12.78 -10.28
CA TRP D 390 29.76 12.45 -11.43
C TRP D 390 30.13 13.34 -12.62
N ASP D 391 30.27 14.65 -12.40
CA ASP D 391 30.64 15.63 -13.45
C ASP D 391 31.98 15.21 -14.09
N LYS D 392 32.95 14.82 -13.26
CA LYS D 392 34.28 14.40 -13.73
C LYS D 392 34.12 13.15 -14.60
N PHE D 393 33.28 12.20 -14.15
CA PHE D 393 33.01 10.95 -14.89
C PHE D 393 32.44 11.32 -16.28
N CYS D 394 31.46 12.24 -16.31
CA CYS D 394 30.80 12.66 -17.57
C CYS D 394 31.86 13.24 -18.52
N GLN D 395 32.67 14.17 -18.00
CA GLN D 395 33.67 14.92 -18.80
C GLN D 395 34.74 13.96 -19.33
N ASP D 396 35.27 13.08 -18.47
CA ASP D 396 36.32 12.08 -18.81
C ASP D 396 35.83 11.17 -19.95
N HIS D 397 34.52 10.94 -20.06
CA HIS D 397 33.93 10.02 -21.07
C HIS D 397 33.30 10.83 -22.21
N ASN D 398 33.70 12.09 -22.38
CA ASN D 398 33.30 12.94 -23.54
C ASN D 398 31.77 13.06 -23.61
N THR D 399 31.11 13.33 -22.48
CA THR D 399 29.65 13.62 -22.44
C THR D 399 29.45 14.96 -21.76
N PRO D 400 28.39 15.72 -22.11
CA PRO D 400 28.17 17.04 -21.50
C PRO D 400 27.85 16.94 -20.01
N VAL D 401 28.24 17.98 -19.27
CA VAL D 401 28.06 18.07 -17.79
C VAL D 401 26.75 18.82 -17.49
N GLY D 402 26.00 18.31 -16.51
CA GLY D 402 24.80 18.97 -15.96
C GLY D 402 23.77 19.31 -17.02
N PHE D 403 23.31 20.56 -17.05
CA PHE D 403 22.24 21.04 -17.96
C PHE D 403 22.70 20.97 -19.41
N ASP D 404 24.01 20.90 -19.66
CA ASP D 404 24.61 21.16 -21.00
C ASP D 404 24.06 20.20 -22.05
N TRP D 405 23.72 18.95 -21.68
CA TRP D 405 23.30 17.97 -22.71
C TRP D 405 21.91 18.33 -23.25
N MET D 406 21.21 19.29 -22.64
CA MET D 406 19.96 19.81 -23.22
C MET D 406 20.26 20.47 -24.57
N ASN D 407 21.43 21.10 -24.70
CA ASN D 407 21.88 21.69 -25.98
C ASN D 407 21.84 20.59 -27.05
N ASN D 408 22.38 19.43 -26.74
CA ASN D 408 22.48 18.31 -27.72
C ASN D 408 21.05 17.88 -28.09
N ILE D 409 20.15 17.77 -27.11
CA ILE D 409 18.75 17.34 -27.36
C ILE D 409 18.07 18.37 -28.27
N HIS D 410 18.26 19.66 -28.00
CA HIS D 410 17.62 20.77 -28.76
C HIS D 410 18.11 20.72 -30.22
N GLN D 411 19.41 20.46 -30.41
CA GLN D 411 20.03 20.32 -31.75
C GLN D 411 19.41 19.11 -32.47
N TYR D 412 19.25 17.97 -31.78
CA TYR D 412 18.69 16.73 -32.38
C TYR D 412 17.21 16.97 -32.75
N GLU D 413 16.51 17.78 -31.95
CA GLU D 413 15.09 18.14 -32.19
C GLU D 413 14.98 18.94 -33.49
N LYS D 414 15.80 19.98 -33.66
CA LYS D 414 15.78 20.84 -34.87
C LYS D 414 16.17 20.04 -36.10
N ASP D 415 17.23 19.22 -35.98
CA ASP D 415 17.91 18.56 -37.12
C ASP D 415 17.12 17.31 -37.53
N VAL D 416 16.47 16.65 -36.57
CA VAL D 416 15.92 15.27 -36.78
C VAL D 416 14.47 15.18 -36.32
N GLN D 417 14.21 15.26 -35.02
CA GLN D 417 12.92 14.80 -34.43
C GLN D 417 11.74 15.70 -34.88
N PHE D 418 11.93 17.01 -35.01
CA PHE D 418 10.84 17.96 -35.37
C PHE D 418 10.52 17.90 -36.86
N LYS D 419 11.36 17.25 -37.68
CA LYS D 419 11.20 17.15 -39.15
C LYS D 419 10.71 15.75 -39.53
N ARG D 420 10.98 14.77 -38.68
CA ARG D 420 10.98 13.34 -39.07
C ARG D 420 9.63 12.95 -39.68
N ASP D 421 8.51 13.42 -39.12
CA ASP D 421 7.19 12.92 -39.55
C ASP D 421 6.95 13.21 -41.03
N ALA D 422 7.54 14.28 -41.57
CA ALA D 422 7.37 14.73 -42.97
C ALA D 422 8.32 14.00 -43.91
N LYS D 423 9.35 13.35 -43.34
CA LYS D 423 10.38 12.58 -44.09
C LYS D 423 9.77 11.27 -44.56
N LEU D 424 9.98 10.91 -45.83
CA LEU D 424 9.53 9.63 -46.42
C LEU D 424 10.13 8.47 -45.61
N VAL D 425 9.33 7.45 -45.30
CA VAL D 425 9.82 6.20 -44.66
C VAL D 425 10.45 5.33 -45.75
N HIS D 426 11.53 4.61 -45.41
CA HIS D 426 12.16 3.57 -46.26
C HIS D 426 13.09 2.71 -45.40
MN MN E . -16.68 7.55 -10.47
MN MN F . -12.77 4.53 -11.37
C1 ALL G . -13.61 7.47 -15.15
C2 ALL G . -13.21 8.40 -14.00
C3 ALL G . -14.33 8.59 -12.97
C4 ALL G . -15.68 8.93 -13.66
C5 ALL G . -15.95 7.91 -14.80
C6 ALL G . -17.22 8.24 -15.58
O1 ALL G . -12.60 7.52 -16.19
O2 ALL G . -12.07 7.87 -13.34
O3 ALL G . -14.42 7.37 -12.21
O4 ALL G . -16.78 9.00 -12.72
O5 ALL G . -14.86 7.88 -15.72
O6 ALL G . -17.43 9.65 -15.62
C1 ALL H . -29.28 -23.06 -13.13
C2 ALL H . -30.05 -21.79 -13.48
C3 ALL H . -29.67 -21.28 -14.88
C4 ALL H . -28.16 -21.24 -15.12
C5 ALL H . -27.52 -22.55 -14.68
C6 ALL H . -26.00 -22.47 -14.83
O1 ALL H . -29.49 -23.43 -11.76
O2 ALL H . -31.48 -22.02 -13.40
O3 ALL H . -30.24 -22.14 -15.87
O4 ALL H . -27.85 -21.02 -16.53
O5 ALL H . -27.88 -22.85 -13.33
O6 ALL H . -25.41 -23.51 -14.07
MN MN I . 2.86 -16.63 12.92
MN MN J . 1.77 -11.74 13.34
C1 ALL K . 4.74 -13.30 16.82
C2 ALL K . 5.62 -13.43 15.57
C3 ALL K . 5.31 -14.68 14.73
C4 ALL K . 5.23 -15.93 15.63
C5 ALL K . 4.31 -15.66 16.83
C6 ALL K . 4.41 -16.82 17.80
O1 ALL K . 5.27 -12.31 17.71
O2 ALL K . 5.48 -12.27 14.75
O3 ALL K . 4.06 -14.48 14.03
O4 ALL K . 4.79 -17.11 14.92
O5 ALL K . 4.71 -14.51 17.56
O6 ALL K . 5.80 -17.14 17.95
MN MN L . 3.10 14.11 15.60
MN MN M . 4.08 9.25 14.70
C1 AFD N . 2.76 10.07 19.35
C2 AFD N . 1.48 10.36 18.57
C3 AFD N . 1.53 11.74 17.89
C4 AFD N . 1.91 12.83 18.89
C5 AFD N . 3.19 12.43 19.64
C6 AFD N . 3.53 13.38 20.77
O2 AFD N . 1.25 9.35 17.60
O3 AFD N . 2.43 11.73 16.79
O4 AFD N . 2.11 14.08 18.21
O5 AFD N . 3.01 11.14 20.28
O6 AFD N . 2.35 13.94 21.33
O1 AFD N . 3.85 9.94 18.47
MN MN O . 10.55 -5.24 -17.42
MN MN P . 6.66 -2.16 -16.06
C1 AFD Q . 6.04 -4.50 -20.42
C2 AFD Q . 5.97 -5.63 -19.39
C3 AFD Q . 7.37 -6.08 -18.92
C4 AFD Q . 8.32 -6.27 -20.11
C5 AFD Q . 8.29 -5.04 -21.01
C6 AFD Q . 9.13 -5.21 -22.25
O2 AFD Q . 5.18 -5.21 -18.29
O3 AFD Q . 7.92 -5.12 -18.02
O4 AFD Q . 9.65 -6.51 -19.65
O5 AFD Q . 6.94 -4.82 -21.48
O6 AFD Q . 8.79 -6.43 -22.89
O1 AFD Q . 6.48 -3.32 -19.79
C1 ALL R . 5.83 21.74 -26.15
C2 ALL R . 4.47 21.51 -26.82
C3 ALL R . 4.46 20.15 -27.52
C4 ALL R . 5.61 20.12 -28.52
C5 ALL R . 6.91 20.33 -27.74
C6 ALL R . 8.15 20.25 -28.62
O1 ALL R . 5.89 23.05 -25.57
O2 ALL R . 3.41 21.61 -25.88
O3 ALL R . 4.63 19.09 -26.54
O4 ALL R . 5.66 18.87 -29.23
O5 ALL R . 6.88 21.61 -27.10
O6 ALL R . 9.28 20.52 -27.80
C1 ALL S . 1.53 17.48 -27.42
C2 ALL S . 2.63 16.59 -28.00
C3 ALL S . 2.78 16.93 -29.48
C4 ALL S . 1.43 16.74 -30.18
C5 ALL S . 0.29 17.44 -29.46
C6 ALL S . -1.04 16.98 -30.06
O1 ALL S . 1.42 17.32 -26.01
O2 ALL S . 3.88 16.75 -27.30
O3 ALL S . 3.24 18.29 -29.61
O4 ALL S . 1.46 17.22 -31.54
O5 ALL S . 0.30 17.16 -28.05
O6 ALL S . -2.07 17.88 -29.69
C1 ALL T . 22.23 25.95 -19.67
C2 ALL T . 22.66 24.74 -20.53
C3 ALL T . 21.72 24.58 -21.74
C4 ALL T . 20.25 24.60 -21.28
C5 ALL T . 19.97 25.82 -20.38
C6 ALL T . 18.51 25.86 -19.90
O1 ALL T . 23.05 26.03 -18.50
O2 ALL T . 24.02 24.86 -20.99
O3 ALL T . 21.91 25.66 -22.68
O4 ALL T . 19.42 24.59 -22.47
O5 ALL T . 20.86 25.83 -19.25
O6 ALL T . 18.37 26.86 -18.89
#